data_5XV0
#
_entry.id   5XV0
#
_cell.length_a   117.098
_cell.length_b   117.098
_cell.length_c   380.382
_cell.angle_alpha   90.00
_cell.angle_beta   90.00
_cell.angle_gamma   120.00
#
_symmetry.space_group_name_H-M   'H 3'
#
loop_
_entity.id
_entity.type
_entity.pdbx_description
1 polymer 'Conserved protein'
2 non-polymer 'NADP NICOTINAMIDE-ADENINE-DINUCLEOTIDE PHOSPHATE'
3 water water
#
_entity_poly.entity_id   1
_entity_poly.type   'polypeptide(L)'
_entity_poly.pdbx_seq_one_letter_code
;MRGSHHHHHHGSMDRPFIFINSAMSADGKLSTKERKQVKISGKLNFERMDELRAHADAIMVGIGTVLADDPSLTVKSPER
KAARKAAGKSENPVRVVVDSSARTPLNADIFKKGEGLRIIAVSNSAPEEKIRMLEEKALVIKTGAFRVDLTELAAKLKEM
GINSLMVEGGATLNWGMLSAGLVDEVYTFVGNLIIGGKTAPTFTDGEGFTENELLGLELSSAEKIEDGILLKWKVKGKKN
;
_entity_poly.pdbx_strand_id   A,B,C,D,E,F
#
loop_
_chem_comp.id
_chem_comp.type
_chem_comp.name
_chem_comp.formula
NAP non-polymer 'NADP NICOTINAMIDE-ADENINE-DINUCLEOTIDE PHOSPHATE' 'C21 H28 N7 O17 P3'
#
# COMPACT_ATOMS: atom_id res chain seq x y z
N GLY A 3 46.14 -16.02 11.42
CA GLY A 3 46.76 -17.39 11.35
C GLY A 3 47.54 -17.80 12.58
N SER A 4 47.63 -19.11 12.79
CA SER A 4 48.34 -19.73 13.89
C SER A 4 49.75 -20.23 13.49
N HIS A 5 50.01 -20.36 12.19
CA HIS A 5 51.28 -20.95 11.70
C HIS A 5 52.45 -19.98 11.88
N HIS A 6 53.52 -20.50 12.46
CA HIS A 6 54.72 -19.74 12.74
C HIS A 6 55.66 -19.83 11.51
N HIS A 7 55.71 -18.72 10.76
CA HIS A 7 56.50 -18.59 9.52
C HIS A 7 58.01 -18.69 9.78
N HIS A 8 58.61 -19.78 9.31
CA HIS A 8 60.05 -19.97 9.42
C HIS A 8 60.79 -19.14 8.36
N HIS A 9 62.05 -18.86 8.65
CA HIS A 9 62.96 -18.14 7.75
C HIS A 9 64.30 -18.88 7.81
N HIS A 10 65.33 -18.36 7.14
CA HIS A 10 66.67 -19.02 7.10
C HIS A 10 67.41 -19.11 8.45
N GLY A 11 67.02 -18.27 9.42
CA GLY A 11 67.55 -18.30 10.79
C GLY A 11 66.73 -19.08 11.84
N SER A 12 65.61 -19.70 11.44
CA SER A 12 64.82 -20.55 12.38
C SER A 12 65.62 -21.82 12.72
N MET A 13 65.64 -22.21 14.00
CA MET A 13 66.56 -23.25 14.49
C MET A 13 66.06 -24.70 14.33
N ASP A 14 64.75 -24.91 14.21
CA ASP A 14 64.18 -26.27 14.18
C ASP A 14 64.29 -26.98 12.81
N ARG A 15 64.16 -26.21 11.74
CA ARG A 15 64.07 -26.76 10.39
C ARG A 15 64.36 -25.69 9.34
N PRO A 16 64.62 -26.10 8.09
CA PRO A 16 64.67 -25.14 6.98
C PRO A 16 63.36 -24.41 6.77
N PHE A 17 63.44 -23.26 6.11
CA PHE A 17 62.31 -22.70 5.41
C PHE A 17 61.94 -23.76 4.35
N ILE A 18 60.65 -24.07 4.24
CA ILE A 18 60.17 -25.14 3.36
C ILE A 18 59.08 -24.62 2.47
N PHE A 19 59.23 -24.84 1.18
CA PHE A 19 58.22 -24.45 0.23
C PHE A 19 57.96 -25.59 -0.76
N ILE A 20 56.70 -25.74 -1.16
CA ILE A 20 56.34 -26.65 -2.23
C ILE A 20 56.21 -25.86 -3.51
N ASN A 21 56.81 -26.37 -4.58
CA ASN A 21 56.64 -25.80 -5.92
C ASN A 21 56.22 -26.95 -6.85
N SER A 22 55.01 -26.84 -7.38
CA SER A 22 54.46 -27.82 -8.32
C SER A 22 53.75 -27.15 -9.47
N ALA A 23 53.50 -27.95 -10.49
CA ALA A 23 52.66 -27.59 -11.61
C ALA A 23 51.47 -28.58 -11.64
N MET A 24 50.25 -28.05 -11.69
CA MET A 24 49.06 -28.88 -11.76
C MET A 24 48.10 -28.42 -12.84
N SER A 25 47.22 -29.34 -13.23
CA SER A 25 46.18 -29.05 -14.19
C SER A 25 45.12 -28.15 -13.53
N ALA A 26 44.20 -27.62 -14.33
CA ALA A 26 43.09 -26.80 -13.81
C ALA A 26 42.19 -27.54 -12.83
N ASP A 27 42.18 -28.86 -12.95
CA ASP A 27 41.43 -29.74 -12.05
C ASP A 27 42.27 -30.36 -10.95
N GLY A 28 43.49 -29.86 -10.77
CA GLY A 28 44.32 -30.20 -9.60
C GLY A 28 45.19 -31.42 -9.73
N LYS A 29 45.41 -31.93 -10.95
CA LYS A 29 46.20 -33.15 -11.14
C LYS A 29 47.64 -32.87 -11.46
N LEU A 30 48.53 -33.73 -10.95
CA LEU A 30 49.97 -33.61 -11.23
C LEU A 30 50.42 -34.44 -12.43
N SER A 31 49.65 -35.47 -12.77
CA SER A 31 49.97 -36.39 -13.87
C SER A 31 48.69 -37.16 -14.20
N THR A 32 48.72 -38.02 -15.24
CA THR A 32 47.54 -38.83 -15.59
C THR A 32 47.25 -39.94 -14.58
N LYS A 33 46.07 -40.54 -14.73
CA LYS A 33 45.71 -41.78 -14.02
C LYS A 33 46.76 -42.87 -14.16
N GLU A 34 47.53 -42.84 -15.25
CA GLU A 34 48.60 -43.80 -15.49
C GLU A 34 49.94 -43.31 -14.89
N ARG A 35 49.90 -42.26 -14.06
CA ARG A 35 51.10 -41.59 -13.52
C ARG A 35 52.11 -41.20 -14.61
N LYS A 36 51.61 -40.78 -15.77
CA LYS A 36 52.46 -40.31 -16.86
C LYS A 36 52.59 -38.81 -16.73
N GLN A 37 53.83 -38.34 -16.84
CA GLN A 37 54.15 -36.92 -16.85
C GLN A 37 53.62 -36.31 -18.14
N VAL A 38 52.87 -35.22 -18.02
CA VAL A 38 52.41 -34.49 -19.19
C VAL A 38 52.83 -33.03 -19.13
N LYS A 39 52.68 -32.37 -20.27
CA LYS A 39 52.96 -30.92 -20.42
C LYS A 39 51.89 -30.09 -19.71
N ILE A 40 52.24 -29.58 -18.55
CA ILE A 40 51.38 -28.64 -17.83
C ILE A 40 51.84 -27.21 -18.11
N SER A 41 53.14 -26.97 -18.08
CA SER A 41 53.64 -25.60 -18.18
C SER A 41 54.61 -25.46 -19.34
N GLY A 42 54.98 -24.23 -19.62
CA GLY A 42 55.81 -23.93 -20.77
C GLY A 42 57.14 -23.39 -20.32
N LYS A 43 57.86 -22.84 -21.29
CA LYS A 43 59.25 -22.41 -21.11
C LYS A 43 59.41 -21.40 -19.99
N LEU A 44 58.46 -20.48 -19.84
CA LEU A 44 58.59 -19.39 -18.87
C LEU A 44 58.45 -19.91 -17.45
N ASN A 45 57.47 -20.77 -17.19
CA ASN A 45 57.41 -21.42 -15.88
C ASN A 45 58.63 -22.30 -15.63
N PHE A 46 59.11 -23.01 -16.65
CA PHE A 46 60.34 -23.77 -16.50
C PHE A 46 61.53 -22.87 -16.12
N GLU A 47 61.63 -21.70 -16.69
CA GLU A 47 62.72 -20.77 -16.28
C GLU A 47 62.58 -20.28 -14.83
N ARG A 48 61.38 -19.90 -14.40
CA ARG A 48 61.09 -19.54 -13.00
C ARG A 48 61.45 -20.70 -12.06
N MET A 49 60.98 -21.89 -12.42
CA MET A 49 61.30 -23.14 -11.72
C MET A 49 62.83 -23.35 -11.59
N ASP A 50 63.56 -23.10 -12.66
CA ASP A 50 65.01 -23.28 -12.67
C ASP A 50 65.74 -22.24 -11.79
N GLU A 51 65.26 -21.00 -11.80
CA GLU A 51 65.72 -19.93 -10.87
C GLU A 51 65.52 -20.29 -9.42
N LEU A 52 64.33 -20.78 -9.08
CA LEU A 52 64.05 -21.30 -7.71
C LEU A 52 64.96 -22.42 -7.25
N ARG A 53 65.07 -23.49 -8.03
CA ARG A 53 66.04 -24.55 -7.77
C ARG A 53 67.41 -23.96 -7.46
N ALA A 54 67.85 -22.96 -8.24
CA ALA A 54 69.19 -22.38 -8.09
C ALA A 54 69.39 -21.70 -6.74
N HIS A 55 68.32 -21.13 -6.19
CA HIS A 55 68.41 -20.46 -4.91
C HIS A 55 68.11 -21.32 -3.71
N ALA A 56 67.63 -22.55 -3.92
CA ALA A 56 67.42 -23.51 -2.82
C ALA A 56 68.71 -24.11 -2.33
N ASP A 57 68.77 -24.51 -1.06
CA ASP A 57 69.90 -25.28 -0.57
C ASP A 57 69.71 -26.77 -0.86
N ALA A 58 68.46 -27.20 -1.00
CA ALA A 58 68.16 -28.62 -1.21
C ALA A 58 66.80 -28.76 -1.89
N ILE A 59 66.69 -29.77 -2.74
CA ILE A 59 65.48 -30.12 -3.44
C ILE A 59 65.09 -31.52 -2.94
N MET A 60 63.82 -31.70 -2.55
CA MET A 60 63.30 -32.99 -2.05
C MET A 60 62.16 -33.52 -2.92
N VAL A 61 62.17 -34.81 -3.18
CA VAL A 61 61.14 -35.46 -3.97
C VAL A 61 60.83 -36.82 -3.36
N GLY A 62 59.64 -37.35 -3.60
CA GLY A 62 59.32 -38.70 -3.16
C GLY A 62 59.80 -39.79 -4.11
N ILE A 63 59.95 -40.99 -3.54
CA ILE A 63 60.31 -42.19 -4.29
C ILE A 63 59.37 -42.45 -5.48
N GLY A 64 58.08 -42.14 -5.32
CA GLY A 64 57.08 -42.27 -6.41
C GLY A 64 57.46 -41.47 -7.66
N THR A 65 57.96 -40.25 -7.45
CA THR A 65 58.45 -39.38 -8.55
C THR A 65 59.72 -39.95 -9.17
N VAL A 66 60.63 -40.46 -8.35
CA VAL A 66 61.85 -41.05 -8.88
C VAL A 66 61.49 -42.24 -9.76
N LEU A 67 60.58 -43.11 -9.30
CA LEU A 67 60.23 -44.30 -10.06
C LEU A 67 59.44 -43.96 -11.33
N ALA A 68 58.55 -42.99 -11.27
CA ALA A 68 57.74 -42.62 -12.44
C ALA A 68 58.55 -41.84 -13.49
N ASP A 69 59.33 -40.85 -13.02
CA ASP A 69 59.92 -39.82 -13.91
C ASP A 69 61.44 -39.85 -14.05
N ASP A 70 62.13 -40.54 -13.13
CA ASP A 70 63.58 -40.59 -13.06
C ASP A 70 64.27 -39.21 -13.28
N PRO A 71 63.81 -38.17 -12.57
CA PRO A 71 64.36 -36.82 -12.78
C PRO A 71 65.80 -36.71 -12.23
N SER A 72 66.59 -35.81 -12.83
CA SER A 72 67.93 -35.53 -12.29
C SER A 72 67.90 -34.52 -11.09
N LEU A 73 66.87 -33.68 -11.03
CA LEU A 73 66.72 -32.56 -10.08
C LEU A 73 67.91 -31.60 -10.09
N THR A 74 68.48 -31.41 -11.29
CA THR A 74 69.60 -30.49 -11.47
C THR A 74 69.10 -29.12 -11.91
N VAL A 75 69.89 -28.10 -11.61
CA VAL A 75 69.75 -26.80 -12.22
C VAL A 75 70.23 -26.96 -13.67
N LYS A 76 69.46 -26.43 -14.62
CA LYS A 76 69.81 -26.53 -16.06
C LYS A 76 70.64 -25.37 -16.62
N SER A 77 70.27 -24.12 -16.33
CA SER A 77 71.01 -22.94 -16.84
C SER A 77 72.50 -22.94 -16.47
N PRO A 78 73.41 -22.97 -17.46
CA PRO A 78 74.85 -22.87 -17.13
C PRO A 78 75.23 -21.61 -16.36
N GLU A 79 74.52 -20.52 -16.60
CA GLU A 79 74.73 -19.26 -15.89
C GLU A 79 74.36 -19.34 -14.41
N ARG A 80 73.26 -20.02 -14.10
CA ARG A 80 72.81 -20.20 -12.71
C ARG A 80 73.82 -21.07 -11.97
N LYS A 81 74.27 -22.13 -12.63
CA LYS A 81 75.21 -23.09 -12.04
C LYS A 81 76.59 -22.45 -11.76
N ALA A 82 77.04 -21.64 -12.71
CA ALA A 82 78.27 -20.83 -12.59
C ALA A 82 78.22 -19.85 -11.45
N ALA A 83 77.07 -19.19 -11.30
CA ALA A 83 76.90 -18.21 -10.24
C ALA A 83 76.91 -18.84 -8.83
N ARG A 84 76.20 -19.96 -8.67
CA ARG A 84 76.29 -20.80 -7.46
C ARG A 84 77.74 -21.18 -7.12
N LYS A 85 78.45 -21.76 -8.10
CA LYS A 85 79.88 -22.09 -7.95
C LYS A 85 80.72 -20.87 -7.58
N ALA A 86 80.54 -19.76 -8.29
CA ALA A 86 81.30 -18.52 -7.95
C ALA A 86 81.06 -18.04 -6.52
N ALA A 87 79.82 -18.23 -6.04
CA ALA A 87 79.48 -17.90 -4.67
C ALA A 87 79.93 -18.95 -3.65
N GLY A 88 80.65 -19.98 -4.07
CA GLY A 88 81.20 -20.98 -3.18
C GLY A 88 80.26 -22.12 -2.86
N LYS A 89 79.16 -22.25 -3.60
CA LYS A 89 78.17 -23.33 -3.36
C LYS A 89 78.44 -24.47 -4.33
N SER A 90 77.93 -25.65 -4.03
CA SER A 90 77.83 -26.70 -5.05
C SER A 90 77.03 -26.22 -6.24
N GLU A 91 77.39 -26.72 -7.43
CA GLU A 91 76.69 -26.42 -8.66
C GLU A 91 75.18 -26.68 -8.57
N ASN A 92 74.82 -27.77 -7.88
CA ASN A 92 73.43 -28.14 -7.65
C ASN A 92 73.09 -28.15 -6.18
N PRO A 93 71.86 -27.81 -5.83
CA PRO A 93 71.49 -27.99 -4.42
C PRO A 93 71.54 -29.47 -4.07
N VAL A 94 71.55 -29.74 -2.77
CA VAL A 94 71.48 -31.09 -2.25
C VAL A 94 70.18 -31.73 -2.81
N ARG A 95 70.28 -33.00 -3.15
CA ARG A 95 69.11 -33.76 -3.70
C ARG A 95 68.73 -34.83 -2.70
N VAL A 96 67.45 -34.81 -2.29
CA VAL A 96 66.92 -35.64 -1.22
C VAL A 96 65.72 -36.45 -1.73
N VAL A 97 65.74 -37.75 -1.51
CA VAL A 97 64.59 -38.61 -1.90
C VAL A 97 63.99 -39.20 -0.63
N VAL A 98 62.68 -39.06 -0.46
CA VAL A 98 61.94 -39.66 0.65
C VAL A 98 61.50 -41.04 0.16
N ASP A 99 62.09 -42.07 0.75
CA ASP A 99 62.06 -43.44 0.22
C ASP A 99 62.00 -44.48 1.34
N SER A 100 60.83 -44.66 1.94
CA SER A 100 60.69 -45.52 3.15
C SER A 100 61.33 -46.89 3.09
N SER A 101 61.18 -47.59 1.96
CA SER A 101 61.68 -48.98 1.83
C SER A 101 62.95 -49.12 0.98
N ALA A 102 63.70 -48.02 0.80
CA ALA A 102 64.95 -48.02 0.06
C ALA A 102 64.83 -48.59 -1.35
N ARG A 103 63.82 -48.14 -2.09
CA ARG A 103 63.60 -48.56 -3.45
C ARG A 103 64.24 -47.69 -4.54
N THR A 104 64.98 -46.64 -4.19
CA THR A 104 65.61 -45.76 -5.17
C THR A 104 66.53 -46.62 -6.04
N PRO A 105 66.33 -46.62 -7.35
CA PRO A 105 67.17 -47.41 -8.24
C PRO A 105 68.63 -47.01 -8.20
N LEU A 106 69.52 -48.00 -8.19
CA LEU A 106 70.97 -47.72 -8.13
C LEU A 106 71.51 -46.99 -9.36
N ASN A 107 70.80 -47.07 -10.48
CA ASN A 107 71.15 -46.33 -11.69
C ASN A 107 70.24 -45.15 -11.93
N ALA A 108 69.56 -44.66 -10.88
CA ALA A 108 68.69 -43.48 -11.02
C ALA A 108 69.49 -42.29 -11.52
N ASP A 109 68.81 -41.41 -12.23
CA ASP A 109 69.43 -40.23 -12.85
C ASP A 109 70.03 -39.24 -11.84
N ILE A 110 69.44 -39.15 -10.64
CA ILE A 110 70.05 -38.34 -9.57
C ILE A 110 71.48 -38.72 -9.23
N PHE A 111 71.86 -39.98 -9.48
CA PHE A 111 73.24 -40.44 -9.27
C PHE A 111 74.14 -40.24 -10.50
N LYS A 112 73.57 -40.27 -11.70
CA LYS A 112 74.36 -40.19 -12.93
C LYS A 112 74.76 -38.77 -13.30
N LYS A 113 73.94 -37.77 -12.96
CA LYS A 113 74.10 -36.40 -13.48
C LYS A 113 74.48 -35.35 -12.44
N GLY A 114 75.58 -34.64 -12.68
CA GLY A 114 75.97 -33.47 -11.87
C GLY A 114 76.64 -33.77 -10.53
N GLU A 115 77.24 -32.74 -9.95
CA GLU A 115 77.93 -32.86 -8.67
C GLU A 115 76.96 -32.63 -7.51
N GLY A 116 77.43 -32.95 -6.32
CA GLY A 116 76.73 -32.58 -5.10
C GLY A 116 76.40 -33.74 -4.18
N LEU A 117 75.76 -33.40 -3.08
CA LEU A 117 75.41 -34.40 -2.07
C LEU A 117 74.03 -34.98 -2.43
N ARG A 118 73.91 -36.30 -2.33
CA ARG A 118 72.62 -37.02 -2.48
C ARG A 118 72.26 -37.60 -1.14
N ILE A 119 71.01 -37.43 -0.71
CA ILE A 119 70.52 -38.06 0.51
C ILE A 119 69.29 -38.91 0.21
N ILE A 120 69.30 -40.15 0.69
CA ILE A 120 68.08 -40.99 0.67
C ILE A 120 67.60 -41.12 2.10
N ALA A 121 66.39 -40.63 2.39
CA ALA A 121 65.77 -40.74 3.72
C ALA A 121 64.92 -42.01 3.68
N VAL A 122 65.20 -42.96 4.58
CA VAL A 122 64.54 -44.29 4.60
C VAL A 122 63.97 -44.54 6.00
N SER A 123 62.98 -45.45 6.11
CA SER A 123 62.45 -45.84 7.42
C SER A 123 63.26 -47.02 7.96
N ASN A 124 63.10 -47.28 9.25
CA ASN A 124 63.74 -48.44 9.88
C ASN A 124 63.22 -49.82 9.45
N SER A 125 62.15 -49.87 8.66
CA SER A 125 61.71 -51.13 8.04
C SER A 125 62.36 -51.42 6.69
N ALA A 126 63.16 -50.49 6.15
CA ALA A 126 63.84 -50.75 4.86
C ALA A 126 64.80 -51.92 4.99
N PRO A 127 64.87 -52.80 3.95
CA PRO A 127 65.81 -53.91 3.96
C PRO A 127 67.26 -53.45 4.10
N GLU A 128 67.97 -54.11 5.00
CA GLU A 128 69.33 -53.77 5.36
C GLU A 128 70.25 -53.78 4.14
N GLU A 129 70.07 -54.77 3.26
CA GLU A 129 70.92 -54.93 2.08
C GLU A 129 70.70 -53.82 1.03
N LYS A 130 69.46 -53.36 0.92
CA LYS A 130 69.12 -52.26 0.01
C LYS A 130 69.71 -50.93 0.48
N ILE A 131 69.66 -50.72 1.79
CA ILE A 131 70.28 -49.55 2.44
C ILE A 131 71.79 -49.55 2.16
N ARG A 132 72.43 -50.69 2.33
CA ARG A 132 73.88 -50.81 2.17
C ARG A 132 74.33 -50.49 0.74
N MET A 133 73.56 -50.93 -0.25
CA MET A 133 73.86 -50.64 -1.64
C MET A 133 73.68 -49.15 -1.99
N LEU A 134 72.62 -48.53 -1.49
CA LEU A 134 72.44 -47.08 -1.64
C LEU A 134 73.50 -46.23 -0.92
N GLU A 135 74.00 -46.73 0.21
CA GLU A 135 75.11 -46.05 0.90
C GLU A 135 76.42 -45.97 0.13
N GLU A 136 76.58 -46.80 -0.91
CA GLU A 136 77.65 -46.61 -1.90
C GLU A 136 77.54 -45.31 -2.68
N LYS A 137 76.31 -44.81 -2.88
CA LYS A 137 76.06 -43.65 -3.76
C LYS A 137 75.55 -42.39 -3.06
N ALA A 138 75.22 -42.47 -1.76
CA ALA A 138 74.56 -41.38 -1.06
C ALA A 138 74.74 -41.46 0.43
N LEU A 139 74.50 -40.35 1.11
CA LEU A 139 74.19 -40.39 2.53
C LEU A 139 72.78 -40.99 2.71
N VAL A 140 72.66 -41.98 3.56
CA VAL A 140 71.34 -42.52 3.92
C VAL A 140 70.99 -42.16 5.37
N ILE A 141 69.86 -41.48 5.54
CA ILE A 141 69.33 -41.10 6.84
C ILE A 141 68.16 -42.05 7.12
N LYS A 142 68.26 -42.79 8.24
CA LYS A 142 67.22 -43.72 8.69
C LYS A 142 66.37 -43.02 9.72
N THR A 143 65.11 -42.73 9.41
CA THR A 143 64.23 -42.14 10.41
C THR A 143 62.78 -42.54 10.21
N GLY A 144 62.07 -42.82 11.30
CA GLY A 144 60.69 -43.37 11.28
C GLY A 144 60.67 -44.89 11.23
N ALA A 145 59.63 -45.51 11.80
CA ALA A 145 59.54 -46.99 11.91
C ALA A 145 59.20 -47.67 10.58
N PHE A 146 58.05 -47.32 10.02
CA PHE A 146 57.57 -47.90 8.74
C PHE A 146 57.29 -46.88 7.64
N ARG A 147 57.42 -45.61 7.98
CA ARG A 147 57.24 -44.46 7.10
C ARG A 147 58.36 -43.44 7.47
N VAL A 148 58.85 -42.63 6.53
CA VAL A 148 59.88 -41.63 6.92
C VAL A 148 59.29 -40.60 7.84
N ASP A 149 59.96 -40.32 8.96
CA ASP A 149 59.58 -39.21 9.82
C ASP A 149 60.09 -37.89 9.22
N LEU A 150 59.19 -37.13 8.62
CA LEU A 150 59.53 -35.92 7.89
C LEU A 150 59.96 -34.77 8.80
N THR A 151 59.45 -34.75 10.03
CA THR A 151 59.80 -33.71 11.01
C THR A 151 61.22 -33.85 11.46
N GLU A 152 61.59 -35.07 11.83
CA GLU A 152 62.96 -35.46 12.14
C GLU A 152 63.91 -35.30 10.97
N LEU A 153 63.44 -35.66 9.76
CA LEU A 153 64.29 -35.46 8.58
C LEU A 153 64.60 -33.99 8.38
N ALA A 154 63.61 -33.12 8.54
CA ALA A 154 63.79 -31.69 8.36
C ALA A 154 64.78 -31.12 9.38
N ALA A 155 64.70 -31.59 10.63
CA ALA A 155 65.66 -31.21 11.68
C ALA A 155 67.06 -31.60 11.28
N LYS A 156 67.20 -32.82 10.78
CA LYS A 156 68.52 -33.32 10.37
C LYS A 156 69.11 -32.49 9.22
N LEU A 157 68.24 -32.06 8.29
CA LEU A 157 68.65 -31.25 7.17
C LEU A 157 69.11 -29.87 7.65
N LYS A 158 68.31 -29.22 8.51
CA LYS A 158 68.72 -27.98 9.16
C LYS A 158 70.07 -28.09 9.84
N GLU A 159 70.27 -29.15 10.61
CA GLU A 159 71.48 -29.40 11.36
C GLU A 159 72.74 -29.51 10.47
N MET A 160 72.59 -30.12 9.29
CA MET A 160 73.63 -30.15 8.25
C MET A 160 73.92 -28.80 7.59
N GLY A 161 73.07 -27.82 7.84
CA GLY A 161 73.25 -26.50 7.30
C GLY A 161 72.31 -26.15 6.15
N ILE A 162 71.25 -26.93 5.92
CA ILE A 162 70.26 -26.61 4.88
C ILE A 162 69.26 -25.64 5.46
N ASN A 163 69.11 -24.46 4.86
CA ASN A 163 68.21 -23.42 5.35
C ASN A 163 67.02 -23.18 4.44
N SER A 164 67.06 -23.74 3.24
CA SER A 164 66.00 -23.56 2.27
C SER A 164 65.76 -24.91 1.60
N LEU A 165 64.51 -25.42 1.69
CA LEU A 165 64.18 -26.75 1.17
C LEU A 165 63.00 -26.65 0.20
N MET A 166 63.27 -27.00 -1.06
CA MET A 166 62.30 -26.95 -2.12
C MET A 166 61.68 -28.33 -2.27
N VAL A 167 60.40 -28.46 -2.01
CA VAL A 167 59.74 -29.75 -2.17
C VAL A 167 59.09 -29.73 -3.56
N GLU A 168 59.58 -30.55 -4.49
CA GLU A 168 59.04 -30.54 -5.88
C GLU A 168 57.79 -31.36 -5.86
N GLY A 169 57.84 -32.35 -4.99
CA GLY A 169 56.68 -32.88 -4.42
C GLY A 169 56.55 -34.30 -4.82
N GLY A 170 55.48 -34.52 -5.57
CA GLY A 170 54.78 -35.78 -5.59
C GLY A 170 53.57 -35.60 -4.70
N ALA A 171 52.44 -36.20 -5.10
CA ALA A 171 51.18 -36.09 -4.37
C ALA A 171 51.28 -36.54 -2.89
N THR A 172 51.96 -37.64 -2.64
CA THR A 172 51.98 -38.21 -1.31
C THR A 172 52.96 -37.45 -0.39
N LEU A 173 54.16 -37.16 -0.89
CA LEU A 173 55.06 -36.30 -0.14
C LEU A 173 54.44 -34.94 0.18
N ASN A 174 53.74 -34.31 -0.75
CA ASN A 174 53.08 -33.00 -0.45
C ASN A 174 52.16 -33.13 0.74
N TRP A 175 51.39 -34.22 0.77
CA TRP A 175 50.56 -34.52 1.93
C TRP A 175 51.39 -34.69 3.20
N GLY A 176 52.47 -35.48 3.13
CA GLY A 176 53.30 -35.73 4.34
C GLY A 176 53.80 -34.44 4.98
N MET A 177 54.25 -33.51 4.13
CA MET A 177 54.83 -32.25 4.58
C MET A 177 53.78 -31.30 5.11
N LEU A 178 52.68 -31.17 4.38
CA LEU A 178 51.59 -30.28 4.80
C LEU A 178 50.89 -30.78 6.08
N SER A 179 50.68 -32.08 6.20
CA SER A 179 49.94 -32.63 7.34
C SER A 179 50.82 -32.62 8.62
N ALA A 180 52.14 -32.60 8.47
CA ALA A 180 53.04 -32.41 9.61
C ALA A 180 53.23 -30.93 10.00
N GLY A 181 52.62 -30.01 9.26
CA GLY A 181 52.71 -28.58 9.52
C GLY A 181 54.10 -28.05 9.25
N LEU A 182 54.79 -28.62 8.27
CA LEU A 182 56.20 -28.28 7.99
C LEU A 182 56.39 -27.24 6.91
N VAL A 183 55.31 -26.83 6.23
CA VAL A 183 55.42 -26.04 5.02
C VAL A 183 55.06 -24.59 5.29
N ASP A 184 55.96 -23.69 4.88
CA ASP A 184 55.73 -22.26 5.00
C ASP A 184 54.92 -21.68 3.86
N GLU A 185 55.21 -22.09 2.64
CA GLU A 185 54.61 -21.51 1.44
C GLU A 185 54.36 -22.55 0.36
N VAL A 186 53.29 -22.34 -0.43
CA VAL A 186 52.84 -23.28 -1.47
C VAL A 186 52.73 -22.53 -2.76
N TYR A 187 53.47 -22.98 -3.77
CA TYR A 187 53.42 -22.35 -5.11
C TYR A 187 52.89 -23.36 -6.12
N THR A 188 51.75 -23.06 -6.75
CA THR A 188 51.15 -23.94 -7.77
C THR A 188 51.01 -23.20 -9.08
N PHE A 189 51.73 -23.64 -10.11
CA PHE A 189 51.45 -23.21 -11.45
C PHE A 189 50.25 -24.00 -11.96
N VAL A 190 49.16 -23.30 -12.29
CA VAL A 190 47.94 -23.92 -12.80
C VAL A 190 47.92 -23.83 -14.31
N GLY A 191 48.07 -24.99 -14.95
CA GLY A 191 48.11 -25.10 -16.41
C GLY A 191 46.77 -25.16 -17.08
N ASN A 192 46.77 -24.85 -18.38
CA ASN A 192 45.57 -24.74 -19.19
C ASN A 192 45.09 -26.06 -19.78
N LEU A 193 44.74 -27.00 -18.90
CA LEU A 193 44.24 -28.30 -19.29
C LEU A 193 43.42 -28.97 -18.18
N ILE A 194 42.58 -29.93 -18.59
CA ILE A 194 41.95 -30.90 -17.68
C ILE A 194 42.58 -32.28 -17.94
N ILE A 195 43.01 -32.92 -16.86
CA ILE A 195 43.58 -34.27 -16.90
C ILE A 195 42.50 -35.25 -16.49
N GLY A 196 41.82 -34.94 -15.37
CA GLY A 196 40.79 -35.81 -14.83
C GLY A 196 41.31 -37.10 -14.20
N GLY A 197 40.39 -37.80 -13.54
CA GLY A 197 40.63 -39.16 -13.09
C GLY A 197 40.62 -39.26 -11.59
N LYS A 198 39.78 -40.15 -11.09
CA LYS A 198 39.71 -40.40 -9.68
C LYS A 198 41.04 -40.94 -9.15
N THR A 199 41.79 -41.68 -9.96
CA THR A 199 43.08 -42.21 -9.55
C THR A 199 44.28 -41.36 -9.97
N ALA A 200 44.06 -40.22 -10.64
CA ALA A 200 45.19 -39.40 -11.09
C ALA A 200 45.77 -38.72 -9.85
N PRO A 201 47.11 -38.71 -9.72
CA PRO A 201 47.70 -38.02 -8.55
C PRO A 201 47.34 -36.53 -8.52
N THR A 202 46.95 -36.03 -7.36
CA THR A 202 46.58 -34.62 -7.23
C THR A 202 47.73 -33.89 -6.52
N PHE A 203 47.59 -32.58 -6.42
CA PHE A 203 48.56 -31.74 -5.71
C PHE A 203 48.75 -32.18 -4.25
N THR A 204 47.70 -32.69 -3.61
CA THR A 204 47.81 -33.25 -2.28
C THR A 204 46.93 -34.48 -2.13
N ASP A 205 47.56 -35.65 -2.09
CA ASP A 205 46.83 -36.93 -1.85
C ASP A 205 47.01 -37.37 -0.38
N GLY A 206 47.59 -38.53 -0.14
CA GLY A 206 47.66 -39.08 1.21
C GLY A 206 46.29 -39.35 1.81
N GLU A 207 46.24 -39.36 3.14
CA GLU A 207 45.01 -39.64 3.90
C GLU A 207 43.95 -38.57 3.67
N GLY A 208 44.35 -37.30 3.72
CA GLY A 208 43.44 -36.17 3.65
C GLY A 208 43.01 -35.68 5.01
N PHE A 209 42.67 -34.40 5.09
CA PHE A 209 42.21 -33.80 6.33
C PHE A 209 40.72 -34.06 6.53
N THR A 210 40.31 -34.22 7.79
CA THR A 210 38.88 -34.14 8.15
C THR A 210 38.52 -32.67 8.26
N GLU A 211 37.23 -32.38 8.39
CA GLU A 211 36.79 -31.00 8.64
C GLU A 211 37.54 -30.26 9.77
N ASN A 212 37.86 -30.95 10.86
CA ASN A 212 38.51 -30.31 11.99
C ASN A 212 40.04 -30.19 11.84
N GLU A 213 40.61 -30.69 10.74
CA GLU A 213 42.06 -30.66 10.51
C GLU A 213 42.44 -29.77 9.30
N LEU A 214 41.48 -29.07 8.70
CA LEU A 214 41.71 -28.33 7.45
C LEU A 214 42.83 -27.31 7.63
N LEU A 215 43.73 -27.24 6.66
CA LEU A 215 44.86 -26.33 6.70
C LEU A 215 44.54 -25.03 5.97
N GLY A 216 44.60 -23.92 6.70
CA GLY A 216 44.25 -22.64 6.16
C GLY A 216 45.41 -22.01 5.40
N LEU A 217 45.08 -21.23 4.39
CA LEU A 217 46.08 -20.54 3.57
C LEU A 217 45.73 -19.06 3.43
N GLU A 218 46.69 -18.30 2.94
CA GLU A 218 46.47 -16.91 2.53
C GLU A 218 47.05 -16.74 1.15
N LEU A 219 46.26 -16.22 0.22
CA LEU A 219 46.73 -16.00 -1.14
C LEU A 219 47.71 -14.81 -1.17
N SER A 220 48.99 -15.10 -1.42
CA SER A 220 50.00 -14.04 -1.53
C SER A 220 49.93 -13.33 -2.86
N SER A 221 49.88 -14.10 -3.96
CA SER A 221 49.84 -13.53 -5.31
C SER A 221 49.24 -14.49 -6.34
N ALA A 222 48.77 -13.90 -7.43
CA ALA A 222 48.39 -14.59 -8.65
C ALA A 222 49.06 -13.85 -9.81
N GLU A 223 49.73 -14.58 -10.70
CA GLU A 223 50.43 -14.02 -11.84
C GLU A 223 50.21 -14.90 -13.06
N LYS A 224 49.60 -14.35 -14.09
CA LYS A 224 49.50 -15.07 -15.35
C LYS A 224 50.89 -15.22 -15.96
N ILE A 225 51.21 -16.43 -16.41
CA ILE A 225 52.49 -16.74 -17.07
C ILE A 225 52.15 -17.64 -18.25
N GLU A 226 52.59 -17.26 -19.45
CA GLU A 226 52.20 -17.91 -20.72
C GLU A 226 50.73 -18.30 -20.73
N ASP A 227 50.42 -19.59 -20.70
CA ASP A 227 49.05 -20.05 -20.90
C ASP A 227 48.32 -20.36 -19.59
N GLY A 228 49.02 -20.21 -18.47
CA GLY A 228 48.47 -20.54 -17.16
C GLY A 228 48.64 -19.46 -16.14
N ILE A 229 48.57 -19.84 -14.87
CA ILE A 229 48.57 -18.87 -13.79
C ILE A 229 49.28 -19.46 -12.58
N LEU A 230 50.24 -18.72 -12.05
CA LEU A 230 50.94 -19.08 -10.83
C LEU A 230 50.22 -18.53 -9.63
N LEU A 231 49.81 -19.41 -8.71
CA LEU A 231 49.24 -18.99 -7.43
C LEU A 231 50.22 -19.29 -6.35
N LYS A 232 50.44 -18.32 -5.46
CA LYS A 232 51.33 -18.51 -4.34
C LYS A 232 50.53 -18.30 -3.08
N TRP A 233 50.66 -19.25 -2.16
CA TRP A 233 49.91 -19.25 -0.94
C TRP A 233 50.87 -19.29 0.22
N LYS A 234 50.60 -18.47 1.21
CA LYS A 234 51.22 -18.54 2.52
C LYS A 234 50.40 -19.52 3.36
N VAL A 235 51.04 -20.47 4.03
CA VAL A 235 50.35 -21.38 4.93
C VAL A 235 50.03 -20.62 6.22
N LYS A 236 48.76 -20.63 6.63
CA LYS A 236 48.28 -19.91 7.82
C LYS A 236 48.02 -20.79 9.03
N GLY A 237 48.02 -22.12 8.85
CA GLY A 237 47.80 -23.05 9.96
C GLY A 237 46.36 -23.54 10.05
N LYS A 238 46.11 -24.42 11.02
CA LYS A 238 44.79 -25.04 11.22
C LYS A 238 43.69 -24.00 11.37
N LYS A 239 42.60 -24.23 10.66
CA LYS A 239 41.43 -23.33 10.66
C LYS A 239 40.60 -23.35 11.97
N ASN A 240 40.82 -24.32 12.85
CA ASN A 240 40.08 -24.41 14.13
C ASN A 240 40.35 -23.26 15.12
N MET B 13 20.87 -33.11 -31.96
CA MET B 13 22.28 -32.70 -32.28
C MET B 13 22.73 -31.51 -31.44
N ASP B 14 21.89 -30.49 -31.32
CA ASP B 14 22.27 -29.25 -30.62
C ASP B 14 22.19 -29.38 -29.08
N ARG B 15 22.61 -28.35 -28.38
CA ARG B 15 22.60 -28.39 -26.93
C ARG B 15 22.59 -26.98 -26.36
N PRO B 16 22.36 -26.83 -25.05
CA PRO B 16 22.48 -25.51 -24.42
C PRO B 16 23.92 -25.01 -24.43
N PHE B 17 24.16 -23.74 -24.15
CA PHE B 17 25.46 -23.31 -23.66
C PHE B 17 25.66 -24.01 -22.30
N ILE B 18 26.81 -24.66 -22.11
CA ILE B 18 27.06 -25.44 -20.88
C ILE B 18 28.31 -24.94 -20.16
N PHE B 19 28.14 -24.58 -18.89
CA PHE B 19 29.26 -24.18 -18.05
C PHE B 19 29.28 -24.94 -16.73
N ILE B 20 30.48 -25.22 -16.23
CA ILE B 20 30.65 -25.81 -14.93
C ILE B 20 31.07 -24.69 -13.99
N ASN B 21 30.41 -24.64 -12.84
CA ASN B 21 30.76 -23.75 -11.74
C ASN B 21 30.85 -24.57 -10.48
N SER B 22 32.05 -24.56 -9.87
CA SER B 22 32.34 -25.26 -8.64
C SER B 22 33.28 -24.40 -7.78
N ALA B 23 33.38 -24.79 -6.52
CA ALA B 23 34.38 -24.28 -5.60
C ALA B 23 35.29 -25.45 -5.17
N MET B 24 36.59 -25.25 -5.26
CA MET B 24 37.57 -26.26 -4.88
C MET B 24 38.67 -25.67 -3.97
N SER B 25 39.29 -26.52 -3.18
CA SER B 25 40.44 -26.13 -2.39
C SER B 25 41.65 -25.86 -3.31
N ALA B 26 42.69 -25.28 -2.72
CA ALA B 26 43.90 -24.96 -3.47
C ALA B 26 44.56 -26.21 -4.09
N ASP B 27 44.31 -27.36 -3.48
CA ASP B 27 44.74 -28.68 -3.97
C ASP B 27 43.72 -29.45 -4.82
N GLY B 28 42.62 -28.81 -5.20
CA GLY B 28 41.72 -29.31 -6.23
C GLY B 28 40.53 -30.12 -5.75
N LYS B 29 40.27 -30.11 -4.44
CA LYS B 29 39.23 -30.95 -3.84
C LYS B 29 37.92 -30.20 -3.68
N LEU B 30 36.84 -30.92 -3.90
CA LEU B 30 35.48 -30.45 -3.72
C LEU B 30 34.89 -30.72 -2.33
N SER B 31 35.43 -31.70 -1.64
CA SER B 31 34.94 -32.13 -0.32
C SER B 31 36.03 -33.00 0.26
N THR B 32 35.90 -33.41 1.52
CA THR B 32 36.93 -34.23 2.19
C THR B 32 36.97 -35.66 1.69
N LYS B 33 37.98 -36.40 2.12
CA LYS B 33 38.07 -37.84 1.91
C LYS B 33 36.85 -38.64 2.41
N GLU B 34 36.13 -38.11 3.39
CA GLU B 34 34.88 -38.71 3.89
C GLU B 34 33.71 -38.28 3.01
N ARG B 35 33.99 -37.53 1.93
CA ARG B 35 32.99 -36.96 1.07
C ARG B 35 32.09 -35.98 1.84
N LYS B 36 32.67 -35.23 2.79
CA LYS B 36 31.92 -34.26 3.59
C LYS B 36 32.15 -32.84 3.08
N GLN B 37 31.10 -32.06 3.12
CA GLN B 37 31.10 -30.69 2.65
C GLN B 37 31.84 -29.80 3.66
N VAL B 38 32.74 -28.95 3.19
CA VAL B 38 33.40 -27.97 4.04
C VAL B 38 33.35 -26.58 3.43
N LYS B 39 33.71 -25.60 4.25
CA LYS B 39 33.74 -24.22 3.82
C LYS B 39 34.93 -23.92 2.90
N ILE B 40 34.63 -23.73 1.62
CA ILE B 40 35.64 -23.38 0.65
C ILE B 40 35.53 -21.89 0.32
N SER B 41 34.33 -21.40 0.07
CA SER B 41 34.12 -20.01 -0.34
C SER B 41 33.34 -19.23 0.70
N GLY B 42 33.38 -17.91 0.56
CA GLY B 42 32.69 -17.00 1.47
C GLY B 42 31.43 -16.43 0.85
N LYS B 43 30.91 -15.38 1.45
CA LYS B 43 29.62 -14.82 1.05
C LYS B 43 29.61 -14.25 -0.37
N LEU B 44 30.70 -13.59 -0.77
CA LEU B 44 30.80 -12.99 -2.09
C LEU B 44 30.80 -14.03 -3.22
N ASN B 45 31.49 -15.14 -3.03
CA ASN B 45 31.38 -16.22 -4.01
C ASN B 45 29.96 -16.79 -4.05
N PHE B 46 29.36 -17.01 -2.89
CA PHE B 46 27.97 -17.46 -2.83
C PHE B 46 27.01 -16.50 -3.55
N GLU B 47 27.25 -15.18 -3.44
CA GLU B 47 26.44 -14.20 -4.19
C GLU B 47 26.63 -14.28 -5.72
N ARG B 48 27.86 -14.57 -6.16
CA ARG B 48 28.16 -14.75 -7.56
C ARG B 48 27.44 -15.97 -8.10
N MET B 49 27.51 -17.06 -7.35
CA MET B 49 26.81 -18.31 -7.65
C MET B 49 25.31 -18.13 -7.72
N ASP B 50 24.76 -17.30 -6.84
CA ASP B 50 23.33 -17.03 -6.85
C ASP B 50 22.97 -16.24 -8.13
N GLU B 51 23.81 -15.29 -8.56
CA GLU B 51 23.63 -14.56 -9.86
C GLU B 51 23.61 -15.51 -11.06
N LEU B 52 24.52 -16.50 -11.05
CA LEU B 52 24.56 -17.49 -12.13
C LEU B 52 23.30 -18.34 -12.18
N ARG B 53 22.88 -18.87 -11.04
CA ARG B 53 21.62 -19.60 -10.91
C ARG B 53 20.44 -18.77 -11.40
N ALA B 54 20.44 -17.48 -11.08
CA ALA B 54 19.31 -16.62 -11.49
C ALA B 54 19.23 -16.49 -13.02
N HIS B 55 20.38 -16.33 -13.69
CA HIS B 55 20.44 -16.16 -15.16
C HIS B 55 20.48 -17.45 -15.97
N ALA B 56 20.91 -18.55 -15.37
CA ALA B 56 20.80 -19.87 -16.00
C ALA B 56 19.35 -20.23 -16.27
N ASP B 57 19.12 -21.01 -17.31
CA ASP B 57 17.80 -21.59 -17.59
C ASP B 57 17.61 -22.89 -16.82
N ALA B 58 18.73 -23.58 -16.54
CA ALA B 58 18.70 -24.84 -15.83
C ALA B 58 19.99 -25.06 -15.03
N ILE B 59 19.87 -25.81 -13.93
CA ILE B 59 20.98 -26.21 -13.07
C ILE B 59 20.97 -27.71 -13.04
N MET B 60 22.15 -28.33 -13.17
CA MET B 60 22.32 -29.78 -13.15
C MET B 60 23.36 -30.22 -12.12
N VAL B 61 23.07 -31.32 -11.43
CA VAL B 61 24.01 -32.03 -10.54
C VAL B 61 23.82 -33.52 -10.71
N GLY B 62 24.77 -34.29 -10.24
CA GLY B 62 24.64 -35.74 -10.23
C GLY B 62 24.03 -36.27 -8.97
N ILE B 63 23.61 -37.53 -9.04
CA ILE B 63 23.03 -38.26 -7.93
C ILE B 63 23.99 -38.32 -6.72
N GLY B 64 25.29 -38.44 -6.97
CA GLY B 64 26.27 -38.45 -5.89
C GLY B 64 26.15 -37.24 -4.98
N THR B 65 26.03 -36.05 -5.59
CA THR B 65 25.88 -34.79 -4.88
C THR B 65 24.58 -34.75 -4.11
N VAL B 66 23.51 -35.18 -4.76
CA VAL B 66 22.20 -35.23 -4.12
C VAL B 66 22.24 -36.11 -2.86
N LEU B 67 22.79 -37.32 -2.97
CA LEU B 67 22.87 -38.22 -1.80
C LEU B 67 23.82 -37.70 -0.72
N ALA B 68 24.96 -37.13 -1.11
CA ALA B 68 25.92 -36.58 -0.14
C ALA B 68 25.41 -35.33 0.58
N ASP B 69 24.96 -34.33 -0.18
CA ASP B 69 24.67 -33.00 0.38
C ASP B 69 23.21 -32.57 0.43
N ASP B 70 22.32 -33.28 -0.25
CA ASP B 70 20.89 -32.95 -0.32
C ASP B 70 20.59 -31.46 -0.57
N PRO B 71 21.16 -30.89 -1.64
CA PRO B 71 21.02 -29.46 -1.91
C PRO B 71 19.67 -29.14 -2.52
N SER B 72 19.16 -27.95 -2.21
CA SER B 72 17.88 -27.49 -2.75
C SER B 72 18.02 -26.94 -4.17
N LEU B 73 19.19 -26.40 -4.48
CA LEU B 73 19.55 -25.79 -5.79
C LEU B 73 18.68 -24.60 -6.13
N THR B 74 18.22 -23.89 -5.11
CA THR B 74 17.33 -22.76 -5.30
C THR B 74 18.10 -21.45 -5.43
N VAL B 75 17.44 -20.47 -6.04
CA VAL B 75 17.93 -19.11 -6.00
C VAL B 75 17.57 -18.60 -4.61
N LYS B 76 18.53 -18.01 -3.92
CA LYS B 76 18.35 -17.56 -2.53
C LYS B 76 17.80 -16.15 -2.40
N SER B 77 18.35 -15.20 -3.15
CA SER B 77 17.96 -13.79 -3.07
C SER B 77 16.51 -13.51 -3.45
N PRO B 78 15.72 -12.90 -2.54
CA PRO B 78 14.36 -12.48 -2.91
C PRO B 78 14.34 -11.60 -4.16
N GLU B 79 15.27 -10.66 -4.29
CA GLU B 79 15.30 -9.77 -5.45
C GLU B 79 15.59 -10.52 -6.76
N ARG B 80 16.50 -11.51 -6.74
CA ARG B 80 16.76 -12.32 -7.94
C ARG B 80 15.55 -13.15 -8.31
N LYS B 81 14.93 -13.80 -7.31
CA LYS B 81 13.70 -14.55 -7.54
C LYS B 81 12.59 -13.67 -8.15
N ALA B 82 12.45 -12.43 -7.66
CA ALA B 82 11.44 -11.52 -8.19
C ALA B 82 11.78 -11.06 -9.61
N ALA B 83 13.05 -10.80 -9.85
CA ALA B 83 13.51 -10.38 -11.18
C ALA B 83 13.21 -11.42 -12.24
N ARG B 84 13.40 -12.70 -11.87
CA ARG B 84 13.07 -13.83 -12.74
C ARG B 84 11.55 -13.90 -12.94
N LYS B 85 10.81 -13.80 -11.84
CA LYS B 85 9.34 -13.83 -11.91
C LYS B 85 8.77 -12.66 -12.74
N ALA B 86 9.39 -11.50 -12.66
CA ALA B 86 8.97 -10.31 -13.42
C ALA B 86 9.11 -10.53 -14.93
N ALA B 87 10.20 -11.18 -15.36
CA ALA B 87 10.40 -11.52 -16.77
C ALA B 87 9.65 -12.76 -17.24
N GLY B 88 8.76 -13.29 -16.40
CA GLY B 88 7.93 -14.42 -16.77
C GLY B 88 8.50 -15.81 -16.53
N LYS B 89 9.67 -15.91 -15.88
CA LYS B 89 10.21 -17.21 -15.50
C LYS B 89 9.72 -17.71 -14.13
N SER B 90 9.93 -18.99 -13.91
CA SER B 90 9.81 -19.56 -12.59
C SER B 90 10.89 -18.89 -11.69
N GLU B 91 10.58 -18.70 -10.40
CA GLU B 91 11.56 -18.17 -9.44
C GLU B 91 12.93 -18.91 -9.43
N ASN B 92 12.90 -20.21 -9.66
CA ASN B 92 14.11 -21.03 -9.80
C ASN B 92 14.27 -21.53 -11.22
N PRO B 93 15.51 -21.63 -11.71
CA PRO B 93 15.70 -22.38 -12.97
C PRO B 93 15.30 -23.82 -12.84
N VAL B 94 15.20 -24.49 -13.98
CA VAL B 94 14.93 -25.90 -14.01
C VAL B 94 16.08 -26.61 -13.25
N ARG B 95 15.72 -27.62 -12.46
CA ARG B 95 16.67 -28.37 -11.66
C ARG B 95 16.73 -29.80 -12.13
N VAL B 96 17.90 -30.24 -12.56
CA VAL B 96 18.10 -31.53 -13.21
C VAL B 96 19.07 -32.37 -12.39
N VAL B 97 18.65 -33.59 -12.06
CA VAL B 97 19.51 -34.58 -11.42
C VAL B 97 19.85 -35.72 -12.41
N VAL B 98 21.15 -35.99 -12.58
CA VAL B 98 21.61 -37.09 -13.43
C VAL B 98 21.75 -38.33 -12.56
N ASP B 99 20.94 -39.34 -12.87
CA ASP B 99 20.63 -40.42 -11.92
C ASP B 99 20.21 -41.71 -12.61
N SER B 100 21.19 -42.55 -12.94
CA SER B 100 20.99 -43.73 -13.80
C SER B 100 19.93 -44.73 -13.33
N SER B 101 19.95 -45.02 -12.03
CA SER B 101 19.08 -46.05 -11.46
C SER B 101 17.86 -45.53 -10.74
N ALA B 102 17.52 -44.25 -10.95
CA ALA B 102 16.36 -43.59 -10.36
C ALA B 102 16.38 -43.59 -8.83
N ARG B 103 17.52 -43.24 -8.23
CA ARG B 103 17.67 -43.31 -6.77
C ARG B 103 17.52 -41.97 -6.05
N THR B 104 17.25 -40.90 -6.79
CA THR B 104 16.95 -39.62 -6.20
C THR B 104 15.92 -39.80 -5.07
N PRO B 105 16.26 -39.38 -3.82
CA PRO B 105 15.28 -39.61 -2.75
C PRO B 105 13.99 -38.83 -2.94
N LEU B 106 12.86 -39.49 -2.65
CA LEU B 106 11.54 -38.87 -2.76
C LEU B 106 11.37 -37.71 -1.78
N ASN B 107 12.05 -37.80 -0.64
CA ASN B 107 12.07 -36.70 0.34
C ASN B 107 13.30 -35.77 0.19
N ALA B 108 13.90 -35.72 -1.01
CA ALA B 108 15.06 -34.86 -1.23
C ALA B 108 14.62 -33.42 -1.17
N ASP B 109 15.54 -32.55 -0.79
CA ASP B 109 15.23 -31.13 -0.56
C ASP B 109 14.90 -30.43 -1.86
N ILE B 110 15.47 -30.91 -2.96
CA ILE B 110 15.11 -30.42 -4.29
C ILE B 110 13.58 -30.45 -4.56
N PHE B 111 12.88 -31.42 -4.00
CA PHE B 111 11.42 -31.49 -4.11
C PHE B 111 10.66 -30.68 -3.06
N LYS B 112 11.28 -30.46 -1.90
CA LYS B 112 10.62 -29.72 -0.82
C LYS B 112 10.68 -28.22 -1.00
N LYS B 113 11.79 -27.70 -1.51
CA LYS B 113 12.03 -26.25 -1.57
C LYS B 113 11.69 -25.59 -2.92
N GLY B 114 10.72 -24.66 -2.88
CA GLY B 114 10.51 -23.71 -3.97
C GLY B 114 9.72 -24.20 -5.18
N GLU B 115 9.46 -23.28 -6.10
CA GLU B 115 8.73 -23.58 -7.34
C GLU B 115 9.70 -23.93 -8.47
N GLY B 116 9.14 -24.47 -9.56
CA GLY B 116 9.93 -24.74 -10.77
C GLY B 116 9.92 -26.20 -11.16
N LEU B 117 10.29 -26.46 -12.41
CA LEU B 117 10.34 -27.82 -12.94
C LEU B 117 11.53 -28.55 -12.36
N ARG B 118 11.33 -29.81 -11.98
CA ARG B 118 12.42 -30.74 -11.64
C ARG B 118 12.45 -31.79 -12.73
N ILE B 119 13.66 -32.19 -13.13
CA ILE B 119 13.85 -33.23 -14.14
C ILE B 119 14.84 -34.25 -13.57
N ILE B 120 14.44 -35.52 -13.53
CA ILE B 120 15.34 -36.61 -13.24
C ILE B 120 15.73 -37.33 -14.56
N ALA B 121 17.01 -37.25 -14.94
CA ALA B 121 17.54 -37.97 -16.10
C ALA B 121 18.01 -39.33 -15.63
N VAL B 122 17.37 -40.37 -16.13
CA VAL B 122 17.61 -41.76 -15.73
C VAL B 122 18.06 -42.60 -16.95
N SER B 123 18.58 -43.80 -16.70
CA SER B 123 18.97 -44.73 -17.78
C SER B 123 17.77 -45.63 -18.10
N ASN B 124 17.77 -46.24 -19.29
CA ASN B 124 16.72 -47.23 -19.62
C ASN B 124 16.72 -48.47 -18.74
N SER B 125 17.83 -48.74 -18.05
CA SER B 125 17.87 -49.84 -17.09
C SER B 125 17.15 -49.55 -15.76
N ALA B 126 16.75 -48.30 -15.54
CA ALA B 126 16.20 -47.88 -14.25
C ALA B 126 14.87 -48.60 -13.94
N PRO B 127 14.64 -48.99 -12.66
CA PRO B 127 13.38 -49.73 -12.36
C PRO B 127 12.15 -48.86 -12.54
N GLU B 128 11.13 -49.39 -13.20
CA GLU B 128 9.94 -48.59 -13.56
C GLU B 128 9.15 -48.17 -12.33
N GLU B 129 9.17 -48.99 -11.29
CA GLU B 129 8.49 -48.67 -10.01
C GLU B 129 9.06 -47.39 -9.36
N LYS B 130 10.38 -47.24 -9.39
CA LYS B 130 11.03 -45.99 -8.90
C LYS B 130 10.75 -44.79 -9.79
N ILE B 131 10.72 -45.00 -11.11
CA ILE B 131 10.42 -43.94 -12.05
C ILE B 131 8.98 -43.39 -11.89
N ARG B 132 8.01 -44.25 -11.63
CA ARG B 132 6.62 -43.81 -11.45
C ARG B 132 6.48 -42.88 -10.23
N MET B 133 7.11 -43.29 -9.11
CA MET B 133 7.13 -42.48 -7.87
C MET B 133 7.70 -41.10 -8.14
N LEU B 134 8.83 -41.07 -8.85
CA LEU B 134 9.50 -39.82 -9.22
C LEU B 134 8.68 -38.96 -10.15
N GLU B 135 7.93 -39.57 -11.05
CA GLU B 135 7.12 -38.81 -12.01
C GLU B 135 5.99 -37.96 -11.36
N GLU B 136 5.54 -38.35 -10.18
CA GLU B 136 4.63 -37.51 -9.35
C GLU B 136 5.22 -36.11 -9.07
N LYS B 137 6.55 -36.04 -8.90
CA LYS B 137 7.25 -34.80 -8.51
C LYS B 137 8.11 -34.19 -9.63
N ALA B 138 8.34 -34.91 -10.73
CA ALA B 138 9.28 -34.46 -11.75
C ALA B 138 8.98 -35.06 -13.11
N LEU B 139 9.47 -34.41 -14.16
CA LEU B 139 9.61 -35.04 -15.46
C LEU B 139 10.79 -36.03 -15.41
N VAL B 140 10.61 -37.25 -15.92
CA VAL B 140 11.69 -38.23 -16.01
C VAL B 140 12.03 -38.39 -17.49
N ILE B 141 13.32 -38.23 -17.81
CA ILE B 141 13.83 -38.41 -19.20
C ILE B 141 14.75 -39.61 -19.21
N LYS B 142 14.46 -40.61 -20.05
CA LYS B 142 15.25 -41.84 -20.07
C LYS B 142 16.16 -41.80 -21.28
N THR B 143 17.44 -42.14 -21.07
CA THR B 143 18.42 -42.26 -22.16
C THR B 143 19.41 -43.38 -21.79
N GLY B 144 20.20 -43.81 -22.76
CA GLY B 144 21.28 -44.78 -22.51
C GLY B 144 20.87 -46.18 -22.08
N ALA B 145 21.86 -46.98 -21.74
CA ALA B 145 21.64 -48.36 -21.27
C ALA B 145 21.69 -48.36 -19.74
N PHE B 146 22.91 -48.39 -19.20
CA PHE B 146 23.12 -48.45 -17.75
C PHE B 146 23.53 -47.10 -17.15
N ARG B 147 23.84 -46.13 -18.01
CA ARG B 147 24.17 -44.79 -17.60
C ARG B 147 23.45 -43.83 -18.50
N VAL B 148 23.26 -42.61 -18.02
CA VAL B 148 22.63 -41.55 -18.79
C VAL B 148 23.51 -41.15 -19.96
N ASP B 149 22.90 -40.97 -21.14
CA ASP B 149 23.62 -40.48 -22.31
C ASP B 149 23.52 -38.97 -22.23
N LEU B 150 24.62 -38.34 -21.83
CA LEU B 150 24.62 -36.91 -21.52
C LEU B 150 24.43 -36.06 -22.79
N THR B 151 24.94 -36.52 -23.93
CA THR B 151 24.75 -35.81 -25.21
C THR B 151 23.27 -35.77 -25.64
N GLU B 152 22.59 -36.89 -25.49
CA GLU B 152 21.19 -36.99 -25.80
C GLU B 152 20.34 -36.22 -24.80
N LEU B 153 20.73 -36.29 -23.53
CA LEU B 153 20.08 -35.47 -22.53
C LEU B 153 20.16 -34.00 -22.90
N ALA B 154 21.37 -33.54 -23.23
CA ALA B 154 21.63 -32.15 -23.55
C ALA B 154 20.79 -31.67 -24.75
N ALA B 155 20.64 -32.53 -25.75
CA ALA B 155 19.74 -32.26 -26.89
C ALA B 155 18.27 -32.14 -26.47
N LYS B 156 17.78 -33.07 -25.66
CA LYS B 156 16.41 -33.00 -25.14
C LYS B 156 16.13 -31.74 -24.30
N LEU B 157 17.10 -31.34 -23.47
CA LEU B 157 16.97 -30.10 -22.69
C LEU B 157 16.91 -28.88 -23.60
N LYS B 158 17.80 -28.83 -24.58
CA LYS B 158 17.76 -27.76 -25.57
C LYS B 158 16.40 -27.66 -26.30
N GLU B 159 15.86 -28.82 -26.69
CA GLU B 159 14.56 -28.88 -27.38
C GLU B 159 13.44 -28.26 -26.55
N MET B 160 13.43 -28.57 -25.26
CA MET B 160 12.36 -28.10 -24.38
C MET B 160 12.57 -26.68 -23.81
N GLY B 161 13.44 -25.88 -24.42
CA GLY B 161 13.58 -24.45 -24.08
C GLY B 161 14.82 -24.00 -23.30
N ILE B 162 15.70 -24.92 -22.92
CA ILE B 162 16.86 -24.55 -22.09
C ILE B 162 18.04 -24.20 -22.98
N ASN B 163 18.49 -22.94 -22.96
CA ASN B 163 19.67 -22.48 -23.71
C ASN B 163 20.92 -22.28 -22.87
N SER B 164 20.76 -22.36 -21.54
CA SER B 164 21.83 -22.05 -20.59
C SER B 164 21.73 -23.08 -19.45
N LEU B 165 22.75 -23.92 -19.35
CA LEU B 165 22.79 -25.02 -18.40
C LEU B 165 24.04 -24.89 -17.56
N MET B 166 23.85 -24.71 -16.25
CA MET B 166 24.92 -24.64 -15.28
C MET B 166 25.12 -26.01 -14.63
N VAL B 167 26.29 -26.60 -14.83
CA VAL B 167 26.62 -27.85 -14.14
C VAL B 167 27.36 -27.45 -12.86
N GLU B 168 26.79 -27.75 -11.70
CA GLU B 168 27.43 -27.29 -10.44
C GLU B 168 28.33 -28.32 -9.85
N GLY B 169 28.05 -29.54 -10.22
CA GLY B 169 29.07 -30.52 -10.30
C GLY B 169 28.60 -31.85 -9.85
N GLY B 170 29.38 -32.32 -8.89
CA GLY B 170 29.78 -33.64 -8.76
C GLY B 170 31.11 -33.82 -9.48
N ALA B 171 32.07 -34.42 -8.80
CA ALA B 171 33.36 -34.78 -9.38
C ALA B 171 33.25 -35.69 -10.64
N THR B 172 32.34 -36.65 -10.58
CA THR B 172 32.16 -37.64 -11.65
C THR B 172 31.29 -37.10 -12.76
N LEU B 173 30.23 -36.37 -12.41
CA LEU B 173 29.46 -35.70 -13.48
C LEU B 173 30.28 -34.67 -14.25
N ASN B 174 31.13 -33.91 -13.56
CA ASN B 174 32.05 -32.99 -14.24
C ASN B 174 32.90 -33.72 -15.27
N TRP B 175 33.45 -34.87 -14.88
CA TRP B 175 34.17 -35.74 -15.82
C TRP B 175 33.29 -36.14 -17.00
N GLY B 176 32.07 -36.59 -16.72
CA GLY B 176 31.13 -37.07 -17.76
C GLY B 176 30.88 -36.02 -18.82
N MET B 177 30.63 -34.79 -18.38
CA MET B 177 30.36 -33.68 -19.26
C MET B 177 31.58 -33.25 -20.06
N LEU B 178 32.73 -33.10 -19.39
CA LEU B 178 33.94 -32.64 -20.05
C LEU B 178 34.45 -33.69 -21.05
N SER B 179 34.40 -34.96 -20.68
CA SER B 179 34.90 -36.01 -21.56
C SER B 179 33.96 -36.31 -22.71
N ALA B 180 32.67 -35.97 -22.58
CA ALA B 180 31.73 -36.02 -23.70
C ALA B 180 31.85 -34.83 -24.65
N GLY B 181 32.66 -33.83 -24.32
CA GLY B 181 32.87 -32.67 -25.20
C GLY B 181 31.70 -31.70 -25.20
N LEU B 182 30.88 -31.77 -24.13
CA LEU B 182 29.69 -30.92 -23.99
C LEU B 182 29.89 -29.56 -23.33
N VAL B 183 31.07 -29.26 -22.81
CA VAL B 183 31.27 -28.09 -21.95
C VAL B 183 31.91 -26.93 -22.68
N ASP B 184 31.32 -25.74 -22.56
CA ASP B 184 31.89 -24.53 -23.18
C ASP B 184 32.89 -23.81 -22.29
N GLU B 185 32.59 -23.70 -20.99
CA GLU B 185 33.44 -22.96 -20.06
C GLU B 185 33.44 -23.59 -18.67
N VAL B 186 34.54 -23.36 -17.94
CA VAL B 186 34.77 -23.94 -16.63
C VAL B 186 35.11 -22.80 -15.68
N TYR B 187 34.29 -22.64 -14.64
CA TYR B 187 34.54 -21.66 -13.57
C TYR B 187 34.90 -22.41 -12.31
N THR B 188 36.06 -22.06 -11.78
CA THR B 188 36.62 -22.69 -10.64
C THR B 188 36.96 -21.61 -9.59
N PHE B 189 36.17 -21.53 -8.52
CA PHE B 189 36.58 -20.74 -7.36
C PHE B 189 37.59 -21.52 -6.53
N VAL B 190 38.79 -20.99 -6.39
CA VAL B 190 39.85 -21.68 -5.67
C VAL B 190 39.97 -21.07 -4.29
N GLY B 191 39.65 -21.86 -3.27
CA GLY B 191 39.58 -21.36 -1.88
C GLY B 191 40.89 -21.47 -1.17
N ASN B 192 41.05 -20.67 -0.12
CA ASN B 192 42.28 -20.63 0.64
C ASN B 192 42.44 -21.74 1.69
N LEU B 193 42.52 -22.98 1.23
CA LEU B 193 42.69 -24.12 2.12
C LEU B 193 43.26 -25.29 1.37
N ILE B 194 43.83 -26.21 2.13
CA ILE B 194 44.20 -27.54 1.65
C ILE B 194 43.25 -28.54 2.30
N ILE B 195 42.65 -29.40 1.50
CA ILE B 195 41.80 -30.50 2.01
C ILE B 195 42.58 -31.81 2.05
N GLY B 196 43.27 -32.13 0.95
CA GLY B 196 44.06 -33.32 0.85
C GLY B 196 43.21 -34.56 0.69
N GLY B 197 43.88 -35.67 0.39
CA GLY B 197 43.26 -37.00 0.39
C GLY B 197 43.17 -37.61 -1.00
N LYS B 198 43.84 -38.74 -1.18
CA LYS B 198 43.78 -39.52 -2.40
C LYS B 198 42.34 -39.85 -2.84
N THR B 199 41.46 -40.09 -1.86
CA THR B 199 40.06 -40.43 -2.11
C THR B 199 39.10 -39.23 -1.96
N ALA B 200 39.61 -38.01 -1.71
CA ALA B 200 38.70 -36.86 -1.65
C ALA B 200 38.24 -36.55 -3.09
N PRO B 201 36.96 -36.29 -3.30
CA PRO B 201 36.51 -35.93 -4.64
C PRO B 201 37.18 -34.63 -5.12
N THR B 202 37.65 -34.64 -6.36
CA THR B 202 38.31 -33.52 -6.98
C THR B 202 37.39 -32.80 -7.96
N PHE B 203 37.85 -31.69 -8.53
CA PHE B 203 37.05 -30.97 -9.52
C PHE B 203 36.69 -31.85 -10.77
N THR B 204 37.53 -32.82 -11.09
CA THR B 204 37.19 -33.80 -12.17
C THR B 204 37.75 -35.17 -11.84
N ASP B 205 36.86 -36.08 -11.47
CA ASP B 205 37.27 -37.46 -11.17
C ASP B 205 36.99 -38.33 -12.43
N GLY B 206 36.18 -39.38 -12.27
CA GLY B 206 35.85 -40.33 -13.31
C GLY B 206 37.07 -41.12 -13.77
N GLU B 207 37.05 -41.52 -15.03
CA GLU B 207 38.08 -42.38 -15.62
C GLU B 207 39.38 -41.64 -15.77
N GLY B 208 39.31 -40.38 -16.22
CA GLY B 208 40.48 -39.58 -16.54
C GLY B 208 40.99 -39.74 -17.95
N PHE B 209 41.56 -38.65 -18.48
CA PHE B 209 42.17 -38.63 -19.79
C PHE B 209 43.55 -39.26 -19.74
N THR B 210 43.89 -40.00 -20.79
CA THR B 210 45.27 -40.46 -21.00
C THR B 210 46.09 -39.32 -21.59
N GLU B 211 47.41 -39.53 -21.63
CA GLU B 211 48.35 -38.54 -22.14
C GLU B 211 48.11 -38.00 -23.55
N ASN B 212 47.47 -38.81 -24.42
CA ASN B 212 47.17 -38.43 -25.83
C ASN B 212 45.80 -37.75 -25.98
N GLU B 213 45.00 -37.62 -24.90
CA GLU B 213 43.65 -36.99 -24.97
C GLU B 213 43.37 -35.91 -23.94
N LEU B 214 44.41 -35.20 -23.55
CA LEU B 214 44.28 -34.12 -22.58
C LEU B 214 43.38 -33.04 -23.18
N LEU B 215 42.44 -32.51 -22.39
CA LEU B 215 41.53 -31.46 -22.83
C LEU B 215 42.17 -30.10 -22.62
N GLY B 216 42.49 -29.39 -23.71
CA GLY B 216 43.03 -28.05 -23.65
C GLY B 216 42.01 -27.00 -23.23
N LEU B 217 42.51 -25.97 -22.56
CA LEU B 217 41.71 -24.82 -22.13
C LEU B 217 42.43 -23.55 -22.50
N GLU B 218 41.72 -22.43 -22.39
CA GLU B 218 42.28 -21.11 -22.47
C GLU B 218 41.83 -20.30 -21.25
N LEU B 219 42.76 -19.64 -20.56
CA LEU B 219 42.44 -18.84 -19.38
C LEU B 219 41.74 -17.57 -19.82
N SER B 220 40.47 -17.41 -19.46
CA SER B 220 39.71 -16.20 -19.82
C SER B 220 39.90 -15.06 -18.83
N SER B 221 39.89 -15.38 -17.54
CA SER B 221 40.16 -14.40 -16.49
C SER B 221 40.45 -15.03 -15.14
N ALA B 222 41.06 -14.21 -14.28
CA ALA B 222 41.35 -14.53 -12.89
C ALA B 222 41.00 -13.32 -12.04
N GLU B 223 40.14 -13.51 -11.04
CA GLU B 223 39.64 -12.40 -10.21
C GLU B 223 39.69 -12.82 -8.76
N LYS B 224 40.46 -12.10 -7.95
CA LYS B 224 40.45 -12.28 -6.51
C LYS B 224 39.07 -11.90 -5.95
N ILE B 225 38.51 -12.76 -5.12
CA ILE B 225 37.22 -12.53 -4.47
C ILE B 225 37.41 -13.00 -3.04
N GLU B 226 37.17 -12.10 -2.09
CA GLU B 226 37.43 -12.35 -0.68
C GLU B 226 38.80 -13.00 -0.45
N ASP B 227 38.86 -14.24 0.02
CA ASP B 227 40.10 -14.88 0.42
C ASP B 227 40.62 -15.90 -0.62
N GLY B 228 39.96 -16.00 -1.77
CA GLY B 228 40.35 -16.95 -2.82
C GLY B 228 40.42 -16.30 -4.20
N ILE B 229 40.42 -17.13 -5.24
CA ILE B 229 40.51 -16.61 -6.59
C ILE B 229 39.63 -17.38 -7.53
N LEU B 230 38.90 -16.64 -8.39
CA LEU B 230 38.02 -17.22 -9.38
C LEU B 230 38.74 -17.31 -10.71
N LEU B 231 39.03 -18.54 -11.15
CA LEU B 231 39.59 -18.81 -12.47
C LEU B 231 38.49 -19.22 -13.45
N LYS B 232 38.41 -18.55 -14.60
CA LYS B 232 37.47 -18.89 -15.67
C LYS B 232 38.26 -19.38 -16.89
N TRP B 233 37.93 -20.57 -17.38
CA TRP B 233 38.63 -21.19 -18.49
C TRP B 233 37.64 -21.49 -19.60
N LYS B 234 38.05 -21.23 -20.84
CA LYS B 234 37.30 -21.63 -22.02
C LYS B 234 37.84 -22.98 -22.43
N VAL B 235 36.95 -23.89 -22.80
CA VAL B 235 37.33 -25.25 -23.16
C VAL B 235 37.60 -25.29 -24.67
N LYS B 236 38.70 -25.94 -25.05
CA LYS B 236 39.08 -26.10 -26.47
C LYS B 236 38.68 -27.46 -27.03
N MET C 13 4.05 -24.47 -26.88
CA MET C 13 2.80 -24.34 -27.70
C MET C 13 2.60 -22.88 -28.12
N ASP C 14 3.56 -22.39 -28.91
CA ASP C 14 3.63 -20.99 -29.35
C ASP C 14 3.50 -20.06 -28.14
N ARG C 15 4.23 -20.38 -27.09
CA ARG C 15 4.12 -19.64 -25.83
C ARG C 15 5.47 -19.18 -25.30
N PRO C 16 6.05 -18.15 -25.95
CA PRO C 16 6.94 -17.27 -25.20
C PRO C 16 6.08 -16.48 -24.21
N PHE C 17 6.55 -16.31 -22.98
CA PHE C 17 5.88 -15.44 -22.03
C PHE C 17 6.12 -14.04 -22.58
N ILE C 18 5.03 -13.28 -22.76
CA ILE C 18 5.12 -11.92 -23.31
C ILE C 18 4.50 -10.96 -22.30
N PHE C 19 5.12 -9.81 -22.11
CA PHE C 19 4.59 -8.77 -21.24
C PHE C 19 4.98 -7.41 -21.77
N ILE C 20 4.11 -6.42 -21.61
CA ILE C 20 4.40 -5.08 -22.07
C ILE C 20 5.00 -4.27 -20.90
N ASN C 21 6.04 -3.50 -21.17
CA ASN C 21 6.62 -2.59 -20.19
C ASN C 21 6.95 -1.26 -20.86
N SER C 22 6.10 -0.27 -20.59
CA SER C 22 6.23 1.07 -21.13
C SER C 22 5.70 2.04 -20.08
N ALA C 23 6.42 3.14 -19.89
CA ALA C 23 6.05 4.18 -18.92
C ALA C 23 5.13 5.22 -19.57
N MET C 24 4.00 5.55 -18.91
CA MET C 24 2.91 6.31 -19.55
C MET C 24 2.04 7.12 -18.56
N SER C 25 1.67 8.34 -18.98
CA SER C 25 0.82 9.32 -18.24
C SER C 25 -0.47 8.88 -17.52
N ALA C 26 -0.95 9.75 -16.63
CA ALA C 26 -2.20 9.51 -15.86
C ALA C 26 -3.44 9.32 -16.74
N ASP C 27 -3.49 10.06 -17.86
CA ASP C 27 -4.46 9.79 -18.94
C ASP C 27 -4.00 8.58 -19.78
N GLY C 28 -2.70 8.50 -20.05
CA GLY C 28 -2.09 7.29 -20.63
C GLY C 28 -1.41 7.52 -21.97
N LYS C 29 -0.17 8.01 -21.92
CA LYS C 29 0.52 8.52 -23.10
C LYS C 29 2.06 8.48 -22.97
N LEU C 30 2.74 8.19 -24.09
CA LEU C 30 4.19 7.88 -24.16
C LEU C 30 5.12 9.04 -24.62
N SER C 31 4.54 10.02 -25.29
CA SER C 31 5.27 11.13 -25.90
C SER C 31 4.28 12.27 -26.21
N THR C 32 4.79 13.39 -26.74
CA THR C 32 3.94 14.57 -27.03
C THR C 32 3.11 14.38 -28.31
N LYS C 33 2.25 15.35 -28.62
CA LYS C 33 1.58 15.43 -29.93
C LYS C 33 2.54 15.71 -31.09
N GLU C 34 3.72 16.26 -30.79
CA GLU C 34 4.85 16.32 -31.74
C GLU C 34 5.84 15.14 -31.59
N ARG C 35 5.36 14.01 -31.09
CA ARG C 35 6.12 12.74 -31.00
C ARG C 35 7.55 12.88 -30.47
N LYS C 36 7.71 13.75 -29.47
CA LYS C 36 9.02 14.01 -28.86
C LYS C 36 9.23 13.16 -27.59
N GLN C 37 10.49 12.87 -27.32
CA GLN C 37 10.87 12.03 -26.18
C GLN C 37 10.81 12.89 -24.92
N VAL C 38 9.91 12.56 -24.00
CA VAL C 38 9.71 13.31 -22.76
C VAL C 38 9.86 12.40 -21.54
N LYS C 39 10.43 12.96 -20.46
CA LYS C 39 10.66 12.23 -19.22
C LYS C 39 9.33 11.81 -18.58
N ILE C 40 8.87 10.62 -18.93
CA ILE C 40 7.67 10.00 -18.34
C ILE C 40 8.02 9.15 -17.13
N SER C 41 9.26 8.64 -17.08
CA SER C 41 9.73 7.81 -15.99
C SER C 41 10.98 8.41 -15.38
N GLY C 42 11.18 8.15 -14.09
CA GLY C 42 12.34 8.67 -13.37
C GLY C 42 13.53 7.74 -13.53
N LYS C 43 14.54 7.98 -12.70
CA LYS C 43 15.81 7.25 -12.75
C LYS C 43 15.71 5.79 -12.28
N LEU C 44 14.99 5.58 -11.18
CA LEU C 44 14.81 4.24 -10.60
C LEU C 44 13.89 3.35 -11.41
N ASN C 45 13.01 3.91 -12.22
CA ASN C 45 12.21 3.09 -13.13
C ASN C 45 13.05 2.53 -14.30
N PHE C 46 14.05 3.29 -14.73
CA PHE C 46 14.97 2.84 -15.77
C PHE C 46 15.86 1.72 -15.24
N GLU C 47 16.36 1.83 -14.01
CA GLU C 47 17.09 0.73 -13.36
C GLU C 47 16.27 -0.58 -13.31
N ARG C 48 14.96 -0.49 -13.08
CA ARG C 48 14.05 -1.64 -13.13
C ARG C 48 13.80 -2.10 -14.56
N MET C 49 13.71 -1.16 -15.49
CA MET C 49 13.60 -1.50 -16.92
C MET C 49 14.89 -2.21 -17.39
N ASP C 50 16.04 -1.70 -16.94
CA ASP C 50 17.37 -2.29 -17.23
C ASP C 50 17.56 -3.71 -16.64
N GLU C 51 16.85 -4.01 -15.56
CA GLU C 51 16.80 -5.34 -14.95
C GLU C 51 15.89 -6.28 -15.75
N LEU C 52 14.77 -5.75 -16.25
CA LEU C 52 13.82 -6.54 -17.04
C LEU C 52 14.39 -6.95 -18.42
N ARG C 53 15.28 -6.12 -18.98
CA ARG C 53 15.97 -6.42 -20.25
C ARG C 53 16.96 -7.54 -20.06
N ALA C 54 17.69 -7.50 -18.94
CA ALA C 54 18.62 -8.54 -18.59
C ALA C 54 17.97 -9.94 -18.47
N HIS C 55 16.81 -10.05 -17.82
CA HIS C 55 16.18 -11.37 -17.58
C HIS C 55 15.31 -11.83 -18.72
N ALA C 56 14.98 -10.89 -19.59
CA ALA C 56 14.35 -11.22 -20.84
C ALA C 56 15.34 -12.01 -21.71
N ASP C 57 14.83 -13.02 -22.37
CA ASP C 57 15.55 -13.63 -23.48
C ASP C 57 15.61 -12.68 -24.70
N ALA C 58 14.50 -11.95 -24.93
CA ALA C 58 14.38 -11.01 -26.07
C ALA C 58 13.50 -9.77 -25.80
N ILE C 59 14.07 -8.58 -26.05
CA ILE C 59 13.33 -7.31 -26.13
C ILE C 59 12.66 -7.23 -27.51
N MET C 60 11.55 -6.48 -27.60
CA MET C 60 10.89 -6.22 -28.89
C MET C 60 10.27 -4.81 -28.97
N VAL C 61 10.54 -4.13 -30.09
CA VAL C 61 10.17 -2.72 -30.32
C VAL C 61 9.61 -2.59 -31.75
N GLY C 62 8.94 -1.48 -32.05
CA GLY C 62 8.43 -1.18 -33.40
C GLY C 62 9.28 -0.16 -34.16
N ILE C 63 9.05 -0.06 -35.47
CA ILE C 63 9.82 0.86 -36.32
C ILE C 63 9.60 2.35 -35.99
N GLY C 64 8.37 2.71 -35.60
CA GLY C 64 8.07 4.08 -35.17
C GLY C 64 9.02 4.63 -34.12
N THR C 65 9.46 3.76 -33.19
CA THR C 65 10.41 4.15 -32.12
C THR C 65 11.86 4.31 -32.63
N VAL C 66 12.35 3.33 -33.42
CA VAL C 66 13.70 3.41 -34.04
C VAL C 66 13.81 4.67 -34.90
N LEU C 67 12.79 4.97 -35.68
CA LEU C 67 12.74 6.21 -36.48
C LEU C 67 12.69 7.47 -35.61
N ALA C 68 11.72 7.53 -34.68
CA ALA C 68 11.53 8.69 -33.82
C ALA C 68 12.70 8.93 -32.85
N ASP C 69 12.94 7.94 -31.98
CA ASP C 69 13.92 8.05 -30.89
C ASP C 69 15.29 7.45 -31.24
N ASP C 70 15.28 6.35 -32.00
CA ASP C 70 16.50 5.62 -32.39
C ASP C 70 17.19 4.98 -31.16
N PRO C 71 16.49 4.03 -30.50
CA PRO C 71 17.02 3.43 -29.29
C PRO C 71 17.99 2.30 -29.60
N SER C 72 19.07 2.20 -28.82
CA SER C 72 20.00 1.07 -28.95
C SER C 72 19.39 -0.26 -28.45
N LEU C 73 18.53 -0.18 -27.43
CA LEU C 73 17.93 -1.36 -26.75
C LEU C 73 18.95 -2.25 -26.03
N THR C 74 20.06 -1.64 -25.62
CA THR C 74 21.11 -2.32 -24.89
C THR C 74 20.86 -2.29 -23.37
N VAL C 75 21.40 -3.29 -22.69
CA VAL C 75 21.47 -3.27 -21.24
C VAL C 75 22.63 -2.32 -20.88
N LYS C 76 22.38 -1.41 -19.93
CA LYS C 76 23.30 -0.31 -19.63
C LYS C 76 24.34 -0.66 -18.59
N SER C 77 23.90 -1.36 -17.55
CA SER C 77 24.77 -1.72 -16.44
C SER C 77 25.96 -2.56 -16.90
N PRO C 78 27.18 -2.24 -16.43
CA PRO C 78 28.30 -3.19 -16.58
C PRO C 78 28.10 -4.50 -15.80
N GLU C 79 27.35 -4.46 -14.68
CA GLU C 79 27.07 -5.66 -13.88
C GLU C 79 26.07 -6.62 -14.55
N ARG C 80 25.05 -6.08 -15.20
CA ARG C 80 23.97 -6.91 -15.77
C ARG C 80 24.37 -7.54 -17.10
N LYS C 81 25.26 -6.88 -17.83
CA LYS C 81 25.80 -7.46 -19.05
C LYS C 81 26.73 -8.62 -18.67
N ALA C 82 27.60 -8.42 -17.68
CA ALA C 82 28.50 -9.46 -17.21
C ALA C 82 27.76 -10.69 -16.64
N ALA C 83 26.64 -10.47 -15.94
CA ALA C 83 25.81 -11.58 -15.40
C ALA C 83 25.19 -12.43 -16.51
N ARG C 84 24.70 -11.75 -17.54
CA ARG C 84 24.17 -12.41 -18.74
C ARG C 84 25.28 -13.20 -19.46
N LYS C 85 26.40 -12.53 -19.69
CA LYS C 85 27.59 -13.12 -20.33
C LYS C 85 28.07 -14.38 -19.61
N ALA C 86 28.18 -14.29 -18.29
CA ALA C 86 28.62 -15.38 -17.43
C ALA C 86 27.73 -16.63 -17.44
N ALA C 87 26.43 -16.46 -17.69
CA ALA C 87 25.52 -17.59 -17.90
C ALA C 87 25.48 -18.07 -19.37
N GLY C 88 26.36 -17.57 -20.23
CA GLY C 88 26.41 -18.00 -21.62
C GLY C 88 25.35 -17.44 -22.56
N LYS C 89 24.90 -16.22 -22.26
CA LYS C 89 23.99 -15.49 -23.14
C LYS C 89 24.75 -14.31 -23.72
N SER C 90 24.18 -13.67 -24.74
CA SER C 90 24.75 -12.41 -25.24
C SER C 90 24.66 -11.31 -24.16
N GLU C 91 25.65 -10.41 -24.11
CA GLU C 91 25.65 -9.27 -23.17
C GLU C 91 24.30 -8.55 -23.18
N ASN C 92 23.70 -8.45 -24.37
CA ASN C 92 22.36 -7.90 -24.54
C ASN C 92 21.41 -9.04 -24.88
N PRO C 93 20.11 -8.91 -24.56
CA PRO C 93 19.17 -9.88 -25.07
C PRO C 93 18.98 -9.70 -26.55
N VAL C 94 18.13 -10.54 -27.10
CA VAL C 94 17.70 -10.53 -28.48
C VAL C 94 16.83 -9.30 -28.76
N ARG C 95 17.15 -8.58 -29.84
CA ARG C 95 16.48 -7.32 -30.19
C ARG C 95 15.61 -7.63 -31.42
N VAL C 96 14.29 -7.56 -31.27
CA VAL C 96 13.31 -7.88 -32.34
C VAL C 96 12.54 -6.62 -32.81
N VAL C 97 12.84 -6.12 -34.02
CA VAL C 97 12.11 -4.97 -34.59
C VAL C 97 10.97 -5.51 -35.47
N VAL C 98 9.79 -4.92 -35.33
CA VAL C 98 8.61 -5.33 -36.11
C VAL C 98 8.40 -4.25 -37.19
N ASP C 99 8.64 -4.64 -38.44
CA ASP C 99 8.90 -3.71 -39.54
C ASP C 99 8.44 -4.40 -40.84
N SER C 100 7.23 -4.10 -41.31
CA SER C 100 6.60 -4.81 -42.45
C SER C 100 7.44 -4.82 -43.75
N SER C 101 7.89 -3.62 -44.15
CA SER C 101 8.60 -3.44 -45.41
C SER C 101 10.11 -3.22 -45.24
N ALA C 102 10.65 -3.65 -44.09
CA ALA C 102 12.10 -3.60 -43.81
C ALA C 102 12.74 -2.19 -43.83
N ARG C 103 11.95 -1.17 -43.46
CA ARG C 103 12.43 0.22 -43.43
C ARG C 103 13.41 0.58 -42.29
N THR C 104 13.84 -0.38 -41.47
CA THR C 104 14.82 -0.09 -40.40
C THR C 104 16.14 0.43 -40.99
N PRO C 105 16.52 1.70 -40.69
CA PRO C 105 17.76 2.26 -41.24
C PRO C 105 19.03 1.53 -40.79
N LEU C 106 19.95 1.30 -41.74
CA LEU C 106 21.17 0.48 -41.52
C LEU C 106 22.15 1.10 -40.52
N ASN C 107 22.19 2.44 -40.45
CA ASN C 107 23.00 3.16 -39.46
C ASN C 107 22.27 3.45 -38.13
N ALA C 108 21.20 2.70 -37.84
CA ALA C 108 20.47 2.85 -36.57
C ALA C 108 21.32 2.36 -35.40
N ASP C 109 21.12 2.95 -34.23
CA ASP C 109 21.89 2.62 -33.02
C ASP C 109 21.72 1.16 -32.55
N ILE C 110 20.57 0.57 -32.89
CA ILE C 110 20.33 -0.88 -32.79
C ILE C 110 21.51 -1.73 -33.31
N PHE C 111 22.10 -1.33 -34.43
CA PHE C 111 23.19 -2.07 -35.05
C PHE C 111 24.56 -1.59 -34.61
N LYS C 112 24.69 -0.32 -34.26
CA LYS C 112 26.00 0.25 -33.86
C LYS C 112 26.50 -0.15 -32.47
N LYS C 113 25.58 -0.52 -31.54
CA LYS C 113 25.92 -0.65 -30.12
C LYS C 113 25.81 -2.08 -29.54
N GLY C 114 26.89 -2.53 -28.91
CA GLY C 114 26.92 -3.80 -28.17
C GLY C 114 26.90 -5.06 -29.01
N GLU C 115 27.17 -6.19 -28.36
CA GLU C 115 27.01 -7.53 -28.99
C GLU C 115 25.55 -8.00 -28.89
N GLY C 116 25.23 -9.12 -29.52
CA GLY C 116 23.91 -9.76 -29.42
C GLY C 116 23.25 -9.95 -30.76
N LEU C 117 22.27 -10.84 -30.81
CA LEU C 117 21.46 -11.04 -32.03
C LEU C 117 20.60 -9.81 -32.34
N ARG C 118 20.36 -9.57 -33.64
CA ARG C 118 19.31 -8.66 -34.11
C ARG C 118 18.37 -9.43 -35.04
N ILE C 119 17.07 -9.18 -34.90
CA ILE C 119 16.03 -9.75 -35.77
C ILE C 119 15.15 -8.59 -36.27
N ILE C 120 14.78 -8.64 -37.55
CA ILE C 120 13.80 -7.72 -38.12
C ILE C 120 12.68 -8.57 -38.72
N ALA C 121 11.57 -8.71 -38.00
CA ALA C 121 10.41 -9.44 -38.51
C ALA C 121 9.81 -8.62 -39.65
N VAL C 122 9.24 -9.28 -40.66
CA VAL C 122 8.68 -8.60 -41.85
C VAL C 122 7.41 -9.27 -42.41
N SER C 123 6.77 -8.56 -43.35
CA SER C 123 5.67 -9.08 -44.17
C SER C 123 6.25 -9.80 -45.39
N ASN C 124 5.49 -10.72 -45.97
CA ASN C 124 5.96 -11.49 -47.14
C ASN C 124 6.06 -10.61 -48.38
N SER C 125 5.02 -9.83 -48.66
CA SER C 125 5.07 -8.83 -49.71
C SER C 125 5.85 -7.61 -49.19
N ALA C 126 7.16 -7.67 -49.37
CA ALA C 126 8.06 -6.61 -48.93
C ALA C 126 9.41 -6.73 -49.66
N PRO C 127 10.09 -5.59 -49.91
CA PRO C 127 11.18 -5.56 -50.89
C PRO C 127 12.42 -6.33 -50.44
N GLU C 128 12.77 -7.39 -51.17
CA GLU C 128 13.95 -8.22 -50.85
C GLU C 128 15.30 -7.52 -51.16
N GLU C 129 15.27 -6.45 -51.95
CA GLU C 129 16.45 -5.59 -52.14
C GLU C 129 16.94 -5.09 -50.77
N LYS C 130 16.01 -4.51 -50.02
CA LYS C 130 16.28 -3.90 -48.71
C LYS C 130 16.43 -4.94 -47.60
N ILE C 131 15.70 -6.06 -47.72
CA ILE C 131 15.81 -7.18 -46.77
C ILE C 131 17.21 -7.78 -46.81
N ARG C 132 17.78 -7.90 -48.02
CA ARG C 132 19.15 -8.43 -48.21
C ARG C 132 20.25 -7.55 -47.61
N MET C 133 20.04 -6.22 -47.60
CA MET C 133 20.97 -5.28 -46.93
C MET C 133 20.87 -5.29 -45.41
N LEU C 134 19.78 -5.85 -44.87
CA LEU C 134 19.61 -6.08 -43.42
C LEU C 134 19.88 -7.54 -43.00
N GLU C 135 20.02 -8.46 -43.97
CA GLU C 135 20.54 -9.81 -43.72
C GLU C 135 22.00 -9.81 -43.24
N GLU C 136 22.77 -8.78 -43.64
CA GLU C 136 24.16 -8.64 -43.21
C GLU C 136 24.37 -8.25 -41.73
N LYS C 137 23.31 -7.84 -41.03
CA LYS C 137 23.36 -7.54 -39.58
C LYS C 137 22.24 -8.16 -38.71
N ALA C 138 21.31 -8.91 -39.32
CA ALA C 138 20.14 -9.42 -38.58
C ALA C 138 19.41 -10.55 -39.30
N LEU C 139 19.07 -11.60 -38.57
CA LEU C 139 18.31 -12.72 -39.11
C LEU C 139 16.88 -12.26 -39.38
N VAL C 140 16.50 -12.20 -40.65
CA VAL C 140 15.17 -11.73 -41.04
C VAL C 140 14.15 -12.86 -40.83
N ILE C 141 12.92 -12.49 -40.46
CA ILE C 141 11.84 -13.44 -40.26
C ILE C 141 10.58 -12.94 -40.97
N LYS C 142 10.08 -13.73 -41.93
CA LYS C 142 8.84 -13.44 -42.65
C LYS C 142 7.66 -14.20 -42.05
N THR C 143 6.50 -13.54 -42.02
CA THR C 143 5.38 -13.96 -41.16
C THR C 143 3.99 -13.78 -41.78
N GLY C 144 3.65 -12.54 -42.14
CA GLY C 144 2.33 -12.20 -42.71
C GLY C 144 2.39 -11.81 -44.17
N ALA C 145 1.25 -11.39 -44.72
CA ALA C 145 1.14 -11.05 -46.16
C ALA C 145 1.63 -9.63 -46.45
N PHE C 146 0.84 -8.62 -46.08
CA PHE C 146 1.14 -7.19 -46.28
C PHE C 146 1.68 -6.53 -44.99
N ARG C 147 1.77 -7.29 -43.90
CA ARG C 147 2.08 -6.79 -42.57
C ARG C 147 2.84 -7.87 -41.78
N VAL C 148 3.40 -7.54 -40.62
CA VAL C 148 3.99 -8.57 -39.74
C VAL C 148 2.82 -9.27 -39.00
N ASP C 149 2.74 -10.59 -39.11
CA ASP C 149 1.69 -11.39 -38.46
C ASP C 149 2.20 -11.91 -37.11
N LEU C 150 1.74 -11.27 -36.04
CA LEU C 150 2.41 -11.33 -34.73
C LEU C 150 2.28 -12.68 -33.96
N THR C 151 1.15 -13.40 -34.11
CA THR C 151 0.95 -14.71 -33.47
C THR C 151 2.00 -15.75 -33.93
N GLU C 152 2.20 -15.83 -35.25
CA GLU C 152 3.16 -16.76 -35.83
C GLU C 152 4.58 -16.24 -35.69
N LEU C 153 4.76 -14.91 -35.61
CA LEU C 153 6.05 -14.35 -35.24
C LEU C 153 6.49 -14.91 -33.89
N ALA C 154 5.59 -14.82 -32.91
CA ALA C 154 5.83 -15.36 -31.57
C ALA C 154 6.36 -16.80 -31.58
N ALA C 155 5.78 -17.66 -32.44
CA ALA C 155 6.20 -19.10 -32.49
C ALA C 155 7.61 -19.31 -33.03
N LYS C 156 8.01 -18.52 -34.03
CA LYS C 156 9.37 -18.58 -34.60
C LYS C 156 10.42 -18.15 -33.56
N LEU C 157 10.06 -17.15 -32.76
CA LEU C 157 10.85 -16.70 -31.62
C LEU C 157 10.89 -17.77 -30.54
N LYS C 158 9.75 -18.44 -30.32
CA LYS C 158 9.66 -19.54 -29.36
C LYS C 158 10.66 -20.67 -29.64
N GLU C 159 10.56 -21.26 -30.83
CA GLU C 159 11.42 -22.40 -31.18
C GLU C 159 12.86 -21.97 -31.53
N MET C 160 13.10 -20.66 -31.67
CA MET C 160 14.47 -20.10 -31.65
C MET C 160 15.16 -20.12 -30.25
N GLY C 161 14.43 -20.45 -29.19
CA GLY C 161 14.98 -20.39 -27.82
C GLY C 161 14.44 -19.26 -26.93
N ILE C 162 13.45 -18.51 -27.41
CA ILE C 162 12.93 -17.37 -26.65
C ILE C 162 11.72 -17.85 -25.85
N ASN C 163 11.89 -17.98 -24.53
CA ASN C 163 10.82 -18.32 -23.59
C ASN C 163 10.22 -17.09 -22.86
N SER C 164 10.90 -15.95 -22.89
CA SER C 164 10.38 -14.70 -22.33
C SER C 164 10.63 -13.54 -23.28
N LEU C 165 9.59 -12.75 -23.55
CA LEU C 165 9.65 -11.66 -24.51
C LEU C 165 9.12 -10.35 -23.92
N MET C 166 9.98 -9.34 -23.80
CA MET C 166 9.57 -8.01 -23.38
C MET C 166 9.02 -7.25 -24.59
N VAL C 167 8.04 -6.38 -24.36
CA VAL C 167 7.43 -5.54 -25.40
C VAL C 167 7.57 -4.12 -24.92
N GLU C 168 8.71 -3.52 -25.23
CA GLU C 168 8.98 -2.15 -24.84
C GLU C 168 8.35 -1.16 -25.80
N GLY C 169 7.91 -1.65 -26.97
CA GLY C 169 7.54 -0.84 -28.14
C GLY C 169 6.43 0.17 -27.91
N GLY C 170 6.34 1.12 -28.84
CA GLY C 170 5.44 2.25 -28.72
C GLY C 170 3.98 1.90 -28.87
N ALA C 171 3.16 2.95 -29.04
CA ALA C 171 1.69 2.87 -28.93
C ALA C 171 1.04 1.81 -29.81
N THR C 172 1.50 1.77 -31.07
CA THR C 172 0.89 0.99 -32.13
C THR C 172 1.22 -0.49 -32.01
N LEU C 173 2.51 -0.79 -31.89
CA LEU C 173 2.96 -2.17 -31.56
C LEU C 173 2.22 -2.78 -30.34
N ASN C 174 2.04 -1.99 -29.27
CA ASN C 174 1.34 -2.48 -28.07
C ASN C 174 -0.09 -2.88 -28.39
N TRP C 175 -0.82 -2.01 -29.10
CA TRP C 175 -2.17 -2.38 -29.57
C TRP C 175 -2.05 -3.65 -30.39
N GLY C 176 -1.13 -3.64 -31.35
CA GLY C 176 -0.76 -4.85 -32.10
C GLY C 176 -0.77 -6.16 -31.31
N MET C 177 -0.06 -6.19 -30.19
CA MET C 177 0.13 -7.45 -29.42
C MET C 177 -1.06 -7.76 -28.52
N LEU C 178 -1.63 -6.69 -27.95
CA LEU C 178 -2.78 -6.81 -27.06
C LEU C 178 -4.00 -7.33 -27.80
N SER C 179 -4.30 -6.66 -28.91
CA SER C 179 -5.38 -7.05 -29.83
C SER C 179 -5.24 -8.45 -30.39
N ALA C 180 -4.00 -8.91 -30.58
CA ALA C 180 -3.73 -10.28 -30.95
C ALA C 180 -4.03 -11.30 -29.83
N GLY C 181 -3.95 -10.86 -28.57
CA GLY C 181 -4.20 -11.71 -27.39
C GLY C 181 -3.03 -12.61 -27.01
N LEU C 182 -1.83 -12.14 -27.34
CA LEU C 182 -0.56 -12.82 -27.07
C LEU C 182 0.18 -12.24 -25.85
N VAL C 183 -0.45 -11.33 -25.12
CA VAL C 183 0.15 -10.72 -23.93
C VAL C 183 -0.31 -11.45 -22.66
N ASP C 184 0.65 -11.75 -21.79
CA ASP C 184 0.41 -12.37 -20.47
C ASP C 184 0.20 -11.32 -19.38
N GLU C 185 0.94 -10.21 -19.46
CA GLU C 185 0.99 -9.24 -18.37
C GLU C 185 1.36 -7.85 -18.85
N VAL C 186 0.83 -6.87 -18.12
CA VAL C 186 0.84 -5.50 -18.51
C VAL C 186 1.56 -4.74 -17.40
N TYR C 187 2.68 -4.10 -17.71
CA TYR C 187 3.40 -3.29 -16.75
C TYR C 187 3.42 -1.83 -17.23
N THR C 188 2.53 -1.01 -16.65
CA THR C 188 2.56 0.44 -16.87
C THR C 188 3.12 1.14 -15.65
N PHE C 189 4.30 1.76 -15.79
CA PHE C 189 4.71 2.77 -14.84
C PHE C 189 3.85 4.01 -15.13
N VAL C 190 2.72 4.12 -14.42
CA VAL C 190 1.79 5.25 -14.60
C VAL C 190 2.50 6.49 -14.07
N GLY C 191 2.99 7.32 -14.99
CA GLY C 191 3.78 8.51 -14.64
C GLY C 191 2.94 9.73 -14.26
N ASN C 192 3.62 10.74 -13.73
CA ASN C 192 3.00 11.93 -13.12
C ASN C 192 2.97 13.16 -14.04
N LEU C 193 2.23 13.06 -15.14
CA LEU C 193 1.85 14.24 -15.93
C LEU C 193 0.63 13.93 -16.79
N ILE C 194 0.10 14.98 -17.44
CA ILE C 194 -1.01 14.85 -18.38
C ILE C 194 -0.48 15.21 -19.78
N ILE C 195 -0.92 14.47 -20.80
CA ILE C 195 -0.49 14.67 -22.20
C ILE C 195 -1.66 15.08 -23.13
N GLY C 196 -2.76 14.35 -23.08
CA GLY C 196 -3.98 14.72 -23.82
C GLY C 196 -3.97 14.49 -25.33
N GLY C 197 -5.15 14.17 -25.87
CA GLY C 197 -5.39 14.05 -27.32
C GLY C 197 -5.38 12.64 -27.88
N LYS C 198 -5.16 12.58 -29.20
CA LYS C 198 -4.90 11.32 -29.92
C LYS C 198 -3.60 11.35 -30.72
N THR C 199 -3.21 12.52 -31.25
CA THR C 199 -1.94 12.67 -31.98
C THR C 199 -0.70 12.67 -31.08
N ALA C 200 -0.90 12.82 -29.77
CA ALA C 200 0.09 12.38 -28.80
C ALA C 200 -0.15 10.88 -28.52
N PRO C 201 0.91 10.05 -28.65
CA PRO C 201 0.72 8.60 -28.62
C PRO C 201 0.49 8.04 -27.21
N THR C 202 -0.50 7.15 -27.09
CA THR C 202 -0.89 6.53 -25.81
C THR C 202 -0.04 5.30 -25.43
N PHE C 203 -0.37 4.66 -24.31
CA PHE C 203 0.08 3.29 -24.02
C PHE C 203 -0.46 2.34 -25.09
N THR C 204 -1.68 2.60 -25.56
CA THR C 204 -2.35 1.76 -26.54
C THR C 204 -3.19 2.60 -27.50
N ASP C 205 -2.72 2.75 -28.74
CA ASP C 205 -3.50 3.42 -29.82
C ASP C 205 -3.97 2.37 -30.82
N GLY C 206 -3.43 2.34 -32.05
CA GLY C 206 -3.95 1.51 -33.13
C GLY C 206 -5.41 1.77 -33.48
N GLU C 207 -6.23 0.72 -33.36
CA GLU C 207 -7.65 0.76 -33.74
C GLU C 207 -8.55 1.02 -32.51
N GLY C 208 -8.90 -0.03 -31.77
CA GLY C 208 -9.86 0.04 -30.66
C GLY C 208 -10.72 -1.21 -30.58
N PHE C 209 -11.00 -1.67 -29.36
CA PHE C 209 -12.02 -2.70 -29.14
C PHE C 209 -13.39 -2.06 -29.05
N THR C 210 -14.42 -2.91 -29.10
CA THR C 210 -15.83 -2.54 -28.98
C THR C 210 -16.46 -3.12 -27.71
N GLU C 211 -17.75 -2.81 -27.50
CA GLU C 211 -18.61 -3.43 -26.46
C GLU C 211 -18.45 -4.95 -26.33
N ASN C 212 -18.32 -5.62 -27.46
CA ASN C 212 -18.16 -7.08 -27.47
C ASN C 212 -16.75 -7.53 -27.06
N GLU C 213 -15.74 -6.73 -27.40
CA GLU C 213 -14.33 -7.10 -27.25
C GLU C 213 -13.70 -6.58 -25.94
N LEU C 214 -14.34 -6.89 -24.80
CA LEU C 214 -13.90 -6.44 -23.47
C LEU C 214 -13.01 -7.47 -22.78
N LEU C 215 -11.69 -7.27 -22.88
CA LEU C 215 -10.73 -8.19 -22.25
C LEU C 215 -10.54 -7.85 -20.78
N GLY C 216 -11.07 -8.70 -19.90
CA GLY C 216 -10.98 -8.50 -18.45
C GLY C 216 -9.59 -8.75 -17.88
N LEU C 217 -9.11 -7.80 -17.06
CA LEU C 217 -7.79 -7.86 -16.39
C LEU C 217 -7.94 -8.33 -14.96
N GLU C 218 -6.81 -8.34 -14.25
CA GLU C 218 -6.78 -8.55 -12.81
C GLU C 218 -5.57 -7.79 -12.29
N LEU C 219 -5.79 -6.88 -11.33
CA LEU C 219 -4.69 -6.09 -10.78
C LEU C 219 -3.82 -7.02 -9.91
N SER C 220 -2.53 -7.09 -10.19
CA SER C 220 -1.60 -7.95 -9.43
C SER C 220 -1.00 -7.18 -8.29
N SER C 221 -0.46 -6.01 -8.58
CA SER C 221 0.19 -5.19 -7.58
C SER C 221 0.27 -3.75 -8.03
N ALA C 222 0.49 -2.86 -7.06
CA ALA C 222 0.70 -1.45 -7.30
C ALA C 222 1.81 -0.99 -6.36
N GLU C 223 2.86 -0.41 -6.90
CA GLU C 223 4.05 -0.10 -6.12
C GLU C 223 4.49 1.30 -6.54
N LYS C 224 4.60 2.21 -5.57
CA LYS C 224 5.08 3.58 -5.84
C LYS C 224 6.59 3.57 -6.04
N ILE C 225 7.07 4.14 -7.14
CA ILE C 225 8.52 4.27 -7.39
C ILE C 225 8.87 5.72 -7.73
N GLU C 226 9.79 6.30 -6.96
CA GLU C 226 10.18 7.71 -7.10
C GLU C 226 8.96 8.66 -7.11
N ASP C 227 8.44 9.00 -8.30
CA ASP C 227 7.39 10.02 -8.48
C ASP C 227 6.12 9.48 -9.11
N GLY C 228 6.12 8.21 -9.49
CA GLY C 228 4.95 7.61 -10.11
C GLY C 228 4.52 6.38 -9.33
N ILE C 229 3.71 5.57 -10.01
CA ILE C 229 3.28 4.28 -9.48
C ILE C 229 3.35 3.24 -10.60
N LEU C 230 3.85 2.05 -10.28
CA LEU C 230 3.91 0.90 -11.21
C LEU C 230 2.72 -0.01 -10.94
N LEU C 231 1.87 -0.17 -11.94
CA LEU C 231 0.72 -1.06 -11.88
C LEU C 231 1.00 -2.32 -12.72
N LYS C 232 0.65 -3.48 -12.17
CA LYS C 232 0.83 -4.77 -12.85
C LYS C 232 -0.49 -5.51 -12.93
N TRP C 233 -0.89 -5.88 -14.15
CA TRP C 233 -2.14 -6.63 -14.40
C TRP C 233 -1.92 -8.00 -15.03
N LYS C 234 -2.62 -9.02 -14.57
CA LYS C 234 -2.65 -10.32 -15.26
C LYS C 234 -3.79 -10.32 -16.28
N VAL C 235 -3.44 -10.38 -17.56
CA VAL C 235 -4.41 -10.37 -18.65
C VAL C 235 -5.20 -11.67 -18.64
N LYS C 236 -6.52 -11.59 -18.86
CA LYS C 236 -7.34 -12.79 -18.93
C LYS C 236 -8.63 -12.58 -19.73
N ASP D 14 -12.47 34.37 -7.87
CA ASP D 14 -11.70 33.78 -9.02
C ASP D 14 -12.30 32.44 -9.47
N ARG D 15 -12.25 31.45 -8.58
CA ARG D 15 -12.55 30.05 -8.94
C ARG D 15 -12.82 29.21 -7.69
N PRO D 16 -13.79 28.28 -7.76
CA PRO D 16 -13.85 27.22 -6.74
C PRO D 16 -12.65 26.27 -6.76
N PHE D 17 -12.62 25.37 -5.78
CA PHE D 17 -11.75 24.22 -5.83
C PHE D 17 -12.40 23.35 -6.89
N ILE D 18 -11.61 22.95 -7.89
CA ILE D 18 -12.10 22.11 -8.98
C ILE D 18 -11.24 20.85 -9.00
N PHE D 19 -11.88 19.71 -9.27
CA PHE D 19 -11.15 18.44 -9.42
C PHE D 19 -11.92 17.56 -10.40
N ILE D 20 -11.21 16.71 -11.14
CA ILE D 20 -11.86 15.80 -12.10
C ILE D 20 -12.06 14.41 -11.47
N ASN D 21 -13.17 13.74 -11.80
CA ASN D 21 -13.45 12.41 -11.30
C ASN D 21 -14.22 11.58 -12.31
N SER D 22 -13.51 10.59 -12.87
CA SER D 22 -14.00 9.80 -13.99
C SER D 22 -13.32 8.44 -14.00
N ALA D 23 -14.13 7.39 -14.01
CA ALA D 23 -13.69 6.01 -13.98
C ALA D 23 -13.28 5.49 -15.37
N MET D 24 -12.04 4.98 -15.48
CA MET D 24 -11.47 4.52 -16.76
C MET D 24 -10.92 3.06 -16.64
N SER D 25 -10.72 2.42 -17.79
CA SER D 25 -10.03 1.12 -17.86
C SER D 25 -8.50 1.29 -17.84
N ALA D 26 -7.79 0.17 -17.67
CA ALA D 26 -6.31 0.16 -17.56
C ALA D 26 -5.51 0.93 -18.63
N ASP D 27 -6.06 1.03 -19.85
CA ASP D 27 -5.46 1.85 -20.93
C ASP D 27 -5.70 3.33 -20.66
N GLY D 28 -6.94 3.63 -20.26
CA GLY D 28 -7.38 4.97 -19.93
C GLY D 28 -8.56 5.38 -20.79
N LYS D 29 -9.64 4.60 -20.70
CA LYS D 29 -10.82 4.72 -21.57
C LYS D 29 -12.15 4.73 -20.80
N LEU D 30 -13.05 5.60 -21.25
CA LEU D 30 -14.34 5.86 -20.60
C LEU D 30 -15.53 5.10 -21.23
N SER D 31 -15.43 4.84 -22.54
CA SER D 31 -16.40 4.04 -23.31
C SER D 31 -15.68 3.31 -24.45
N THR D 32 -16.43 2.55 -25.25
CA THR D 32 -15.86 1.79 -26.39
C THR D 32 -15.56 2.72 -27.58
N LYS D 33 -15.09 2.15 -28.70
CA LYS D 33 -14.86 2.95 -29.92
C LYS D 33 -16.16 3.47 -30.58
N GLU D 34 -17.30 2.84 -30.28
CA GLU D 34 -18.63 3.36 -30.66
C GLU D 34 -19.40 4.06 -29.51
N ARG D 35 -18.68 4.57 -28.52
CA ARG D 35 -19.23 5.44 -27.45
C ARG D 35 -20.33 4.79 -26.60
N LYS D 36 -20.20 3.49 -26.35
CA LYS D 36 -21.19 2.73 -25.55
C LYS D 36 -20.80 2.68 -24.06
N GLN D 37 -21.80 2.55 -23.21
CA GLN D 37 -21.59 2.42 -21.77
C GLN D 37 -21.17 0.98 -21.43
N VAL D 38 -20.11 0.85 -20.63
CA VAL D 38 -19.60 -0.44 -20.17
C VAL D 38 -19.18 -0.38 -18.70
N LYS D 39 -19.17 -1.53 -18.03
CA LYS D 39 -18.81 -1.62 -16.62
C LYS D 39 -17.32 -1.32 -16.42
N ILE D 40 -17.03 -0.21 -15.73
CA ILE D 40 -15.65 0.19 -15.34
C ILE D 40 -15.58 0.47 -13.82
N SER D 41 -16.53 -0.04 -13.06
CA SER D 41 -16.65 0.25 -11.63
C SER D 41 -17.79 -0.55 -11.05
N GLY D 42 -17.56 -1.20 -9.92
CA GLY D 42 -18.62 -1.94 -9.23
C GLY D 42 -19.35 -1.02 -8.26
N LYS D 43 -20.07 -1.65 -7.34
CA LYS D 43 -20.98 -0.94 -6.46
C LYS D 43 -20.26 -0.11 -5.38
N LEU D 44 -19.02 -0.48 -5.03
CA LEU D 44 -18.22 0.29 -4.08
C LEU D 44 -17.61 1.56 -4.67
N ASN D 45 -17.25 1.57 -5.94
CA ASN D 45 -16.72 2.81 -6.52
C ASN D 45 -17.80 3.84 -6.90
N PHE D 46 -18.98 3.36 -7.29
CA PHE D 46 -20.08 4.28 -7.58
C PHE D 46 -20.54 4.99 -6.29
N GLU D 47 -20.60 4.23 -5.18
CA GLU D 47 -20.83 4.80 -3.83
C GLU D 47 -19.87 5.96 -3.47
N ARG D 48 -18.60 5.88 -3.90
CA ARG D 48 -17.64 6.96 -3.66
C ARG D 48 -17.89 8.16 -4.55
N MET D 49 -18.27 7.96 -5.81
CA MET D 49 -18.67 9.08 -6.67
C MET D 49 -19.97 9.71 -6.12
N ASP D 50 -20.89 8.87 -5.64
CA ASP D 50 -22.13 9.33 -4.98
C ASP D 50 -21.85 10.23 -3.75
N GLU D 51 -20.79 9.90 -2.99
CA GLU D 51 -20.28 10.74 -1.89
C GLU D 51 -19.71 12.07 -2.36
N LEU D 52 -18.93 12.03 -3.44
CA LEU D 52 -18.28 13.22 -3.97
C LEU D 52 -19.30 14.18 -4.61
N ARG D 53 -20.45 13.66 -5.06
CA ARG D 53 -21.54 14.50 -5.59
C ARG D 53 -22.17 15.28 -4.44
N ALA D 54 -22.59 14.54 -3.42
CA ALA D 54 -23.09 15.15 -2.18
C ALA D 54 -22.25 16.32 -1.65
N HIS D 55 -20.94 16.16 -1.48
CA HIS D 55 -20.14 17.22 -0.82
C HIS D 55 -19.69 18.31 -1.75
N ALA D 56 -19.78 18.03 -3.05
CA ALA D 56 -19.65 19.05 -4.05
C ALA D 56 -20.85 19.99 -3.93
N ASP D 57 -20.56 21.27 -4.05
CA ASP D 57 -21.59 22.26 -4.27
C ASP D 57 -22.21 22.13 -5.68
N ALA D 58 -21.38 21.77 -6.67
CA ALA D 58 -21.79 21.61 -8.07
C ALA D 58 -21.09 20.45 -8.84
N ILE D 59 -21.79 19.90 -9.83
CA ILE D 59 -21.27 18.92 -10.79
C ILE D 59 -21.03 19.62 -12.14
N MET D 60 -20.19 19.01 -12.97
CA MET D 60 -19.93 19.51 -14.32
C MET D 60 -19.68 18.38 -15.32
N VAL D 61 -20.45 18.40 -16.41
CA VAL D 61 -20.26 17.50 -17.57
C VAL D 61 -20.37 18.32 -18.85
N GLY D 62 -20.09 17.66 -19.98
CA GLY D 62 -20.25 18.25 -21.32
C GLY D 62 -21.47 17.69 -22.03
N ILE D 63 -21.99 18.45 -23.00
CA ILE D 63 -23.13 18.03 -23.82
C ILE D 63 -22.95 16.63 -24.45
N GLY D 64 -21.74 16.31 -24.91
CA GLY D 64 -21.41 14.97 -25.42
C GLY D 64 -21.90 13.82 -24.56
N THR D 65 -21.79 13.98 -23.23
CA THR D 65 -22.27 12.95 -22.29
C THR D 65 -23.81 12.89 -22.17
N VAL D 66 -24.45 14.06 -22.05
CA VAL D 66 -25.94 14.11 -22.02
C VAL D 66 -26.50 13.43 -23.27
N LEU D 67 -25.94 13.75 -24.43
CA LEU D 67 -26.35 13.12 -25.71
C LEU D 67 -26.03 11.61 -25.75
N ALA D 68 -24.82 11.24 -25.34
CA ALA D 68 -24.43 9.82 -25.32
C ALA D 68 -25.24 8.99 -24.30
N ASP D 69 -25.10 9.31 -23.01
CA ASP D 69 -25.64 8.49 -21.91
C ASP D 69 -27.02 8.91 -21.37
N ASP D 70 -27.36 10.20 -21.53
CA ASP D 70 -28.55 10.81 -20.91
C ASP D 70 -28.53 10.66 -19.37
N PRO D 71 -27.50 11.25 -18.72
CA PRO D 71 -27.34 11.11 -17.27
C PRO D 71 -28.12 12.16 -16.50
N SER D 72 -28.79 11.74 -15.44
CA SER D 72 -29.50 12.67 -14.56
C SER D 72 -28.56 13.53 -13.71
N LEU D 73 -27.35 13.02 -13.41
CA LEU D 73 -26.38 13.67 -12.52
C LEU D 73 -26.91 13.91 -11.09
N THR D 74 -27.81 13.04 -10.65
CA THR D 74 -28.44 13.12 -9.33
C THR D 74 -27.73 12.23 -8.29
N VAL D 75 -27.84 12.62 -7.03
CA VAL D 75 -27.40 11.78 -5.92
C VAL D 75 -28.42 10.64 -5.78
N LYS D 76 -27.92 9.43 -5.55
CA LYS D 76 -28.74 8.21 -5.59
C LYS D 76 -29.29 7.85 -4.23
N SER D 77 -28.39 7.88 -3.24
CA SER D 77 -28.74 7.53 -1.87
C SER D 77 -29.91 8.37 -1.35
N PRO D 78 -30.95 7.71 -0.79
CA PRO D 78 -31.96 8.47 -0.04
C PRO D 78 -31.40 9.22 1.18
N GLU D 79 -30.31 8.73 1.78
CA GLU D 79 -29.71 9.37 2.95
C GLU D 79 -28.70 10.49 2.65
N ARG D 80 -28.00 10.43 1.52
CA ARG D 80 -27.11 11.53 1.10
C ARG D 80 -27.91 12.73 0.58
N LYS D 81 -29.10 12.48 0.06
CA LYS D 81 -29.98 13.56 -0.36
C LYS D 81 -30.57 14.27 0.85
N ALA D 82 -31.02 13.50 1.83
CA ALA D 82 -31.54 14.05 3.08
C ALA D 82 -30.46 14.87 3.81
N ALA D 83 -29.28 14.28 4.00
CA ALA D 83 -28.11 14.99 4.60
C ALA D 83 -27.89 16.38 4.00
N ARG D 84 -27.91 16.45 2.67
CA ARG D 84 -27.82 17.73 1.94
C ARG D 84 -29.01 18.66 2.28
N LYS D 85 -30.21 18.11 2.20
CA LYS D 85 -31.45 18.86 2.51
C LYS D 85 -31.44 19.42 3.94
N ALA D 86 -31.06 18.58 4.90
CA ALA D 86 -31.00 18.98 6.30
C ALA D 86 -30.06 20.16 6.58
N ALA D 87 -28.99 20.31 5.80
CA ALA D 87 -28.13 21.49 5.87
C ALA D 87 -28.58 22.67 4.99
N GLY D 88 -29.79 22.61 4.42
CA GLY D 88 -30.32 23.72 3.62
C GLY D 88 -29.79 23.88 2.20
N LYS D 89 -29.48 22.75 1.56
CA LYS D 89 -29.08 22.70 0.15
C LYS D 89 -30.17 21.91 -0.59
N SER D 90 -30.13 21.90 -1.91
CA SER D 90 -31.05 21.01 -2.64
C SER D 90 -30.60 19.54 -2.50
N GLU D 91 -31.56 18.62 -2.59
CA GLU D 91 -31.29 17.18 -2.58
C GLU D 91 -30.09 16.82 -3.46
N ASN D 92 -29.98 17.48 -4.62
CA ASN D 92 -28.86 17.31 -5.54
C ASN D 92 -28.01 18.57 -5.55
N PRO D 93 -26.71 18.45 -5.87
CA PRO D 93 -25.92 19.65 -6.10
C PRO D 93 -26.35 20.34 -7.36
N VAL D 94 -25.70 21.47 -7.60
CA VAL D 94 -25.82 22.27 -8.81
C VAL D 94 -25.30 21.49 -10.02
N ARG D 95 -26.07 21.45 -11.10
CA ARG D 95 -25.72 20.67 -12.30
C ARG D 95 -25.38 21.66 -13.43
N VAL D 96 -24.11 21.68 -13.88
CA VAL D 96 -23.61 22.64 -14.88
C VAL D 96 -23.15 21.94 -16.18
N VAL D 97 -23.90 22.12 -17.27
CA VAL D 97 -23.56 21.57 -18.59
C VAL D 97 -22.80 22.62 -19.41
N VAL D 98 -21.71 22.22 -20.06
CA VAL D 98 -20.92 23.10 -20.92
C VAL D 98 -21.35 22.78 -22.36
N ASP D 99 -22.01 23.76 -22.99
CA ASP D 99 -22.79 23.55 -24.23
C ASP D 99 -22.75 24.86 -25.06
N SER D 100 -21.88 24.93 -26.08
CA SER D 100 -21.63 26.20 -26.80
C SER D 100 -22.76 26.78 -27.65
N SER D 101 -23.76 25.97 -27.98
CA SER D 101 -24.92 26.42 -28.76
C SER D 101 -26.26 25.84 -28.27
N ALA D 102 -26.36 25.61 -26.97
CA ALA D 102 -27.61 25.23 -26.31
C ALA D 102 -28.28 23.94 -26.84
N ARG D 103 -27.48 22.99 -27.30
CA ARG D 103 -27.96 21.70 -27.82
C ARG D 103 -28.50 20.73 -26.75
N THR D 104 -28.42 21.10 -25.47
CA THR D 104 -29.05 20.34 -24.38
C THR D 104 -30.54 20.06 -24.65
N PRO D 105 -30.91 18.78 -24.87
CA PRO D 105 -32.32 18.47 -25.14
C PRO D 105 -33.20 18.68 -23.91
N LEU D 106 -34.40 19.23 -24.13
CA LEU D 106 -35.34 19.62 -23.06
C LEU D 106 -35.91 18.44 -22.25
N ASN D 107 -36.11 17.30 -22.92
CA ASN D 107 -36.56 16.06 -22.25
C ASN D 107 -35.40 15.17 -21.75
N ALA D 108 -34.21 15.75 -21.56
CA ALA D 108 -33.07 15.02 -21.01
C ALA D 108 -33.30 14.72 -19.52
N ASP D 109 -32.63 13.66 -19.03
CA ASP D 109 -32.80 13.20 -17.64
C ASP D 109 -32.35 14.24 -16.60
N ILE D 110 -31.39 15.09 -16.99
CA ILE D 110 -31.02 16.30 -16.24
C ILE D 110 -32.23 17.12 -15.76
N PHE D 111 -33.23 17.28 -16.63
CA PHE D 111 -34.39 18.10 -16.32
C PHE D 111 -35.55 17.33 -15.73
N LYS D 112 -35.75 16.07 -16.14
CA LYS D 112 -36.88 15.28 -15.66
C LYS D 112 -36.66 14.51 -14.34
N LYS D 113 -35.50 14.65 -13.68
CA LYS D 113 -35.18 13.88 -12.45
C LYS D 113 -34.66 14.74 -11.28
N GLY D 114 -35.30 14.58 -10.12
CA GLY D 114 -34.86 15.22 -8.88
C GLY D 114 -35.18 16.70 -8.80
N GLU D 115 -34.67 17.34 -7.74
CA GLU D 115 -34.75 18.81 -7.59
C GLU D 115 -33.33 19.39 -7.59
N GLY D 116 -33.25 20.72 -7.63
CA GLY D 116 -31.97 21.44 -7.62
C GLY D 116 -31.81 22.36 -8.79
N LEU D 117 -30.84 23.26 -8.69
CA LEU D 117 -30.52 24.17 -9.80
C LEU D 117 -29.96 23.43 -11.00
N ARG D 118 -30.28 23.93 -12.20
CA ARG D 118 -29.59 23.56 -13.44
C ARG D 118 -29.00 24.83 -14.09
N ILE D 119 -27.78 24.71 -14.58
CA ILE D 119 -27.09 25.77 -15.32
C ILE D 119 -26.63 25.18 -16.65
N ILE D 120 -26.66 26.00 -17.70
CA ILE D 120 -26.10 25.64 -19.01
C ILE D 120 -25.24 26.81 -19.48
N ALA D 121 -23.91 26.67 -19.38
CA ALA D 121 -23.00 27.69 -19.89
C ALA D 121 -23.04 27.65 -21.42
N VAL D 122 -22.89 28.81 -22.06
CA VAL D 122 -22.92 28.94 -23.53
C VAL D 122 -21.95 30.06 -23.98
N SER D 123 -21.55 30.06 -25.25
CA SER D 123 -20.79 31.18 -25.84
C SER D 123 -21.69 32.35 -26.28
N ASN D 124 -21.16 33.58 -26.13
CA ASN D 124 -21.83 34.81 -26.61
C ASN D 124 -21.78 34.88 -28.14
N SER D 125 -22.54 33.99 -28.77
CA SER D 125 -22.47 33.68 -30.21
C SER D 125 -23.19 32.36 -30.41
N ALA D 126 -24.48 32.35 -30.07
CA ALA D 126 -25.25 31.12 -29.94
C ALA D 126 -26.73 31.42 -29.87
N PRO D 127 -27.57 30.49 -30.39
CA PRO D 127 -28.97 30.81 -30.68
C PRO D 127 -29.77 31.24 -29.44
N GLU D 128 -30.28 32.47 -29.45
CA GLU D 128 -31.14 32.97 -28.37
C GLU D 128 -32.58 32.47 -28.47
N GLU D 129 -32.95 31.86 -29.59
CA GLU D 129 -34.23 31.15 -29.70
C GLU D 129 -34.24 29.94 -28.76
N LYS D 130 -33.15 29.16 -28.84
CA LYS D 130 -32.98 27.95 -28.03
C LYS D 130 -32.59 28.23 -26.57
N ILE D 131 -31.92 29.35 -26.31
CA ILE D 131 -31.60 29.79 -24.94
C ILE D 131 -32.89 30.04 -24.17
N ARG D 132 -33.85 30.76 -24.77
CA ARG D 132 -35.19 31.01 -24.19
C ARG D 132 -35.91 29.75 -23.71
N MET D 133 -35.84 28.67 -24.49
CA MET D 133 -36.50 27.39 -24.15
C MET D 133 -35.84 26.64 -23.00
N LEU D 134 -34.55 26.89 -22.76
CA LEU D 134 -33.80 26.31 -21.64
C LEU D 134 -33.75 27.22 -20.39
N GLU D 135 -34.10 28.49 -20.56
CA GLU D 135 -34.32 29.42 -19.44
C GLU D 135 -35.53 29.03 -18.58
N GLU D 136 -36.47 28.27 -19.13
CA GLU D 136 -37.62 27.73 -18.38
C GLU D 136 -37.27 26.53 -17.46
N LYS D 137 -36.11 25.91 -17.66
CA LYS D 137 -35.61 24.82 -16.79
C LYS D 137 -34.22 25.06 -16.16
N ALA D 138 -33.52 26.15 -16.52
CA ALA D 138 -32.12 26.34 -16.09
C ALA D 138 -31.60 27.77 -16.29
N LEU D 139 -30.86 28.29 -15.30
CA LEU D 139 -30.20 29.59 -15.44
C LEU D 139 -29.13 29.52 -16.53
N VAL D 140 -29.35 30.23 -17.64
CA VAL D 140 -28.40 30.24 -18.75
C VAL D 140 -27.30 31.27 -18.49
N ILE D 141 -26.14 30.79 -18.06
CA ILE D 141 -24.94 31.62 -17.99
C ILE D 141 -24.38 31.69 -19.41
N LYS D 142 -23.72 32.80 -19.74
CA LYS D 142 -23.07 32.99 -21.04
C LYS D 142 -21.64 33.53 -20.86
N THR D 143 -20.68 32.95 -21.59
CA THR D 143 -19.24 33.17 -21.32
C THR D 143 -18.30 33.17 -22.53
N GLY D 144 -18.44 32.17 -23.41
CA GLY D 144 -17.55 32.03 -24.57
C GLY D 144 -17.55 33.14 -25.60
N ALA D 145 -16.41 33.32 -26.27
CA ALA D 145 -16.30 34.24 -27.41
C ALA D 145 -16.96 33.57 -28.62
N PHE D 146 -16.36 32.46 -29.07
CA PHE D 146 -16.91 31.57 -30.10
C PHE D 146 -17.61 30.36 -29.46
N ARG D 147 -16.95 29.76 -28.47
CA ARG D 147 -17.38 28.52 -27.78
C ARG D 147 -17.07 28.64 -26.28
N VAL D 148 -17.88 27.99 -25.43
CA VAL D 148 -17.87 28.25 -23.95
C VAL D 148 -16.46 28.41 -23.38
N ASP D 149 -16.22 29.53 -22.69
CA ASP D 149 -14.92 29.83 -22.09
C ASP D 149 -15.01 29.44 -20.62
N LEU D 150 -13.99 28.74 -20.14
CA LEU D 150 -14.07 28.02 -18.87
C LEU D 150 -13.54 28.80 -17.65
N THR D 151 -12.47 29.60 -17.83
CA THR D 151 -11.95 30.49 -16.76
C THR D 151 -13.03 31.52 -16.33
N GLU D 152 -13.65 32.14 -17.32
CA GLU D 152 -14.78 33.05 -17.14
C GLU D 152 -15.96 32.34 -16.46
N LEU D 153 -16.27 31.13 -16.91
CA LEU D 153 -17.38 30.35 -16.36
C LEU D 153 -17.17 30.03 -14.90
N ALA D 154 -16.03 29.42 -14.59
CA ALA D 154 -15.67 29.10 -13.19
C ALA D 154 -15.87 30.29 -12.26
N ALA D 155 -15.53 31.50 -12.74
CA ALA D 155 -15.70 32.71 -11.94
C ALA D 155 -17.16 33.04 -11.59
N LYS D 156 -18.07 32.90 -12.57
CA LYS D 156 -19.52 33.13 -12.36
C LYS D 156 -20.14 32.09 -11.42
N LEU D 157 -19.59 30.88 -11.45
CA LEU D 157 -19.94 29.82 -10.53
C LEU D 157 -19.44 30.16 -9.12
N LYS D 158 -18.23 30.71 -9.02
CA LYS D 158 -17.66 31.17 -7.75
C LYS D 158 -18.49 32.27 -7.09
N GLU D 159 -18.83 33.31 -7.86
CA GLU D 159 -19.64 34.43 -7.37
C GLU D 159 -21.02 33.99 -6.89
N MET D 160 -21.63 33.00 -7.56
CA MET D 160 -22.87 32.37 -7.08
C MET D 160 -22.71 31.53 -5.79
N GLY D 161 -21.55 31.57 -5.14
CA GLY D 161 -21.34 30.86 -3.88
C GLY D 161 -20.55 29.56 -3.99
N ILE D 162 -20.61 28.90 -5.16
CA ILE D 162 -20.01 27.57 -5.38
C ILE D 162 -18.50 27.63 -5.09
N ASN D 163 -18.08 26.95 -4.03
CA ASN D 163 -16.66 26.83 -3.62
C ASN D 163 -16.03 25.47 -4.00
N SER D 164 -16.84 24.51 -4.44
CA SER D 164 -16.40 23.15 -4.72
C SER D 164 -17.11 22.63 -5.98
N LEU D 165 -16.35 22.31 -7.03
CA LEU D 165 -16.91 21.88 -8.32
C LEU D 165 -16.26 20.59 -8.82
N MET D 166 -17.08 19.56 -9.03
CA MET D 166 -16.63 18.25 -9.50
C MET D 166 -16.83 18.18 -11.02
N VAL D 167 -15.75 17.87 -11.73
CA VAL D 167 -15.79 17.71 -13.20
C VAL D 167 -15.92 16.23 -13.47
N GLU D 168 -17.15 15.75 -13.65
CA GLU D 168 -17.36 14.35 -13.98
C GLU D 168 -16.82 14.14 -15.41
N GLY D 169 -17.05 12.97 -16.00
CA GLY D 169 -16.37 12.60 -17.25
C GLY D 169 -16.62 13.43 -18.51
N GLY D 170 -16.48 12.75 -19.65
CA GLY D 170 -16.47 13.38 -20.96
C GLY D 170 -15.23 12.89 -21.68
N ALA D 171 -14.15 13.68 -21.58
CA ALA D 171 -12.85 13.47 -22.25
C ALA D 171 -12.40 14.80 -22.82
N THR D 172 -13.27 15.35 -23.67
CA THR D 172 -13.05 16.63 -24.33
C THR D 172 -13.19 17.74 -23.30
N LEU D 173 -14.30 17.74 -22.58
CA LEU D 173 -14.49 18.65 -21.44
C LEU D 173 -13.32 18.56 -20.40
N ASN D 174 -12.87 17.33 -20.09
CA ASN D 174 -11.73 17.14 -19.18
C ASN D 174 -10.48 17.79 -19.76
N TRP D 175 -10.21 17.52 -21.03
CA TRP D 175 -9.10 18.19 -21.73
C TRP D 175 -9.29 19.69 -21.56
N GLY D 176 -10.49 20.17 -21.93
CA GLY D 176 -10.86 21.57 -21.76
C GLY D 176 -10.45 22.23 -20.43
N MET D 177 -10.71 21.54 -19.31
CA MET D 177 -10.49 22.16 -17.98
C MET D 177 -9.03 22.10 -17.57
N LEU D 178 -8.40 20.98 -17.90
CA LEU D 178 -7.00 20.74 -17.61
C LEU D 178 -6.11 21.75 -18.30
N SER D 179 -6.27 21.78 -19.62
CA SER D 179 -5.62 22.73 -20.51
C SER D 179 -5.82 24.19 -20.15
N ALA D 180 -7.00 24.53 -19.62
CA ALA D 180 -7.27 25.88 -19.14
C ALA D 180 -6.49 26.24 -17.86
N GLY D 181 -6.04 25.21 -17.11
CA GLY D 181 -5.23 25.38 -15.90
C GLY D 181 -6.03 25.66 -14.64
N LEU D 182 -7.30 25.23 -14.67
CA LEU D 182 -8.30 25.47 -13.62
C LEU D 182 -8.54 24.25 -12.70
N VAL D 183 -7.76 23.17 -12.88
CA VAL D 183 -7.94 21.94 -12.09
C VAL D 183 -6.96 21.93 -10.91
N ASP D 184 -7.49 21.54 -9.73
CA ASP D 184 -6.68 21.36 -8.50
C ASP D 184 -6.21 19.91 -8.30
N GLU D 185 -7.05 18.94 -8.70
CA GLU D 185 -6.79 17.54 -8.42
C GLU D 185 -7.54 16.63 -9.39
N VAL D 186 -6.97 15.46 -9.70
CA VAL D 186 -7.64 14.51 -10.56
C VAL D 186 -7.72 13.15 -9.90
N TYR D 187 -8.89 12.52 -10.00
CA TYR D 187 -9.20 11.29 -9.35
C TYR D 187 -9.63 10.30 -10.44
N THR D 188 -8.80 9.28 -10.63
CA THR D 188 -8.99 8.26 -11.66
C THR D 188 -9.20 6.92 -11.00
N PHE D 189 -10.40 6.34 -11.10
CA PHE D 189 -10.57 4.92 -10.81
C PHE D 189 -10.18 4.13 -12.04
N VAL D 190 -9.18 3.25 -11.89
CA VAL D 190 -8.72 2.36 -12.97
C VAL D 190 -9.40 1.01 -12.79
N GLY D 191 -10.19 0.58 -13.78
CA GLY D 191 -11.00 -0.68 -13.69
C GLY D 191 -10.30 -1.91 -14.27
N ASN D 192 -10.77 -3.11 -13.89
CA ASN D 192 -10.10 -4.36 -14.27
C ASN D 192 -10.47 -4.80 -15.68
N LEU D 193 -10.04 -4.03 -16.69
CA LEU D 193 -10.37 -4.34 -18.09
C LEU D 193 -9.51 -3.58 -19.10
N ILE D 194 -9.53 -4.09 -20.34
CA ILE D 194 -8.89 -3.47 -21.50
C ILE D 194 -9.97 -3.07 -22.54
N ILE D 195 -9.77 -1.91 -23.19
CA ILE D 195 -10.67 -1.38 -24.26
C ILE D 195 -9.89 -0.80 -25.48
N GLY D 196 -8.90 0.07 -25.27
CA GLY D 196 -7.93 0.43 -26.32
C GLY D 196 -8.43 1.34 -27.44
N GLY D 197 -7.49 1.97 -28.15
CA GLY D 197 -7.79 2.77 -29.35
C GLY D 197 -7.52 4.27 -29.23
N LYS D 198 -7.68 4.96 -30.36
CA LYS D 198 -7.76 6.42 -30.40
C LYS D 198 -9.22 6.90 -30.43
N THR D 199 -10.07 6.22 -31.20
CA THR D 199 -11.49 6.61 -31.38
C THR D 199 -12.48 6.06 -30.32
N ALA D 200 -11.96 5.48 -29.23
CA ALA D 200 -12.73 5.31 -28.01
C ALA D 200 -12.40 6.48 -27.07
N PRO D 201 -13.41 6.97 -26.31
CA PRO D 201 -13.12 8.10 -25.41
C PRO D 201 -12.17 7.74 -24.28
N THR D 202 -11.13 8.56 -24.11
CA THR D 202 -10.11 8.38 -23.09
C THR D 202 -10.43 9.20 -21.81
N PHE D 203 -9.50 9.27 -20.84
CA PHE D 203 -9.64 10.20 -19.71
C PHE D 203 -9.54 11.63 -20.21
N THR D 204 -8.53 11.91 -21.06
CA THR D 204 -8.40 13.22 -21.70
C THR D 204 -8.06 13.05 -23.18
N ASP D 205 -8.99 13.49 -24.05
CA ASP D 205 -8.76 13.59 -25.50
C ASP D 205 -8.53 15.07 -25.84
N GLY D 206 -9.50 15.75 -26.45
CA GLY D 206 -9.29 17.12 -26.95
C GLY D 206 -8.23 17.16 -28.03
N GLU D 207 -7.24 18.04 -27.89
CA GLU D 207 -6.15 18.15 -28.88
C GLU D 207 -4.81 17.62 -28.33
N GLY D 208 -4.38 18.11 -27.16
CA GLY D 208 -3.15 17.65 -26.50
C GLY D 208 -2.11 18.72 -26.19
N PHE D 209 -1.05 18.30 -25.50
CA PHE D 209 0.05 19.18 -25.13
C PHE D 209 1.34 18.79 -25.86
N THR D 210 2.07 19.79 -26.34
CA THR D 210 3.49 19.65 -26.71
C THR D 210 4.37 19.62 -25.46
N GLU D 211 5.67 19.37 -25.64
CA GLU D 211 6.64 19.23 -24.53
C GLU D 211 6.67 20.43 -23.60
N ASN D 212 6.60 21.62 -24.18
CA ASN D 212 6.67 22.85 -23.40
C ASN D 212 5.38 23.19 -22.63
N GLU D 213 4.31 22.41 -22.83
CA GLU D 213 3.02 22.65 -22.16
C GLU D 213 2.44 21.40 -21.48
N LEU D 214 3.31 20.49 -21.02
CA LEU D 214 2.88 19.32 -20.22
C LEU D 214 2.81 19.69 -18.73
N LEU D 215 1.71 19.31 -18.10
CA LEU D 215 1.41 19.68 -16.71
C LEU D 215 1.91 18.60 -15.78
N GLY D 216 2.87 18.93 -14.92
CA GLY D 216 3.45 17.98 -13.96
C GLY D 216 2.59 17.75 -12.72
N LEU D 217 2.05 16.53 -12.60
CA LEU D 217 1.21 16.13 -11.47
C LEU D 217 2.06 15.85 -10.23
N GLU D 218 1.41 15.36 -9.19
CA GLU D 218 2.10 14.76 -8.04
C GLU D 218 1.18 13.77 -7.37
N LEU D 219 1.68 12.56 -7.11
CA LEU D 219 0.86 11.49 -6.59
C LEU D 219 0.56 11.74 -5.11
N SER D 220 -0.73 11.84 -4.77
CA SER D 220 -1.19 12.02 -3.38
C SER D 220 -1.41 10.67 -2.72
N SER D 221 -2.14 9.80 -3.40
CA SER D 221 -2.43 8.49 -2.85
C SER D 221 -2.85 7.52 -3.94
N ALA D 222 -2.76 6.23 -3.60
CA ALA D 222 -3.22 5.15 -4.43
C ALA D 222 -3.90 4.16 -3.51
N GLU D 223 -5.15 3.84 -3.82
CA GLU D 223 -5.97 3.03 -2.95
C GLU D 223 -6.69 2.04 -3.84
N LYS D 224 -6.52 0.75 -3.58
CA LYS D 224 -7.22 -0.29 -4.34
C LYS D 224 -8.66 -0.36 -3.88
N ILE D 225 -9.61 -0.28 -4.82
CA ILE D 225 -11.03 -0.42 -4.46
C ILE D 225 -11.66 -1.49 -5.33
N GLU D 226 -12.18 -2.54 -4.71
CA GLU D 226 -12.98 -3.55 -5.40
C GLU D 226 -12.09 -4.36 -6.36
N ASP D 227 -12.25 -4.23 -7.69
CA ASP D 227 -11.37 -4.87 -8.67
C ASP D 227 -10.39 -3.88 -9.31
N GLY D 228 -10.37 -2.64 -8.86
CA GLY D 228 -9.50 -1.61 -9.46
C GLY D 228 -8.58 -0.86 -8.48
N ILE D 229 -8.04 0.27 -8.95
CA ILE D 229 -7.24 1.18 -8.10
C ILE D 229 -7.57 2.67 -8.40
N LEU D 230 -7.66 3.46 -7.32
CA LEU D 230 -7.93 4.91 -7.36
C LEU D 230 -6.65 5.68 -7.13
N LEU D 231 -6.23 6.45 -8.13
CA LEU D 231 -5.06 7.30 -8.02
C LEU D 231 -5.49 8.76 -7.84
N LYS D 232 -4.81 9.49 -6.95
CA LYS D 232 -5.13 10.90 -6.69
C LYS D 232 -3.88 11.73 -6.87
N TRP D 233 -4.00 12.76 -7.71
CA TRP D 233 -2.87 13.59 -8.10
C TRP D 233 -3.10 15.07 -7.73
N LYS D 234 -2.12 15.72 -7.12
CA LYS D 234 -2.15 17.16 -6.88
C LYS D 234 -1.55 17.89 -8.08
N VAL D 235 -2.42 18.46 -8.93
CA VAL D 235 -1.97 19.16 -10.14
C VAL D 235 -1.06 20.34 -9.75
N LYS D 236 0.05 20.51 -10.46
CA LYS D 236 0.91 21.68 -10.30
C LYS D 236 0.72 22.61 -11.50
N ASP E 14 -28.42 39.99 1.66
CA ASP E 14 -28.58 38.51 1.51
C ASP E 14 -27.95 37.76 2.70
N ARG E 15 -28.16 36.46 2.77
CA ARG E 15 -27.62 35.67 3.88
C ARG E 15 -27.56 34.19 3.53
N PRO E 16 -26.84 33.39 4.35
CA PRO E 16 -26.87 31.93 4.14
C PRO E 16 -28.25 31.35 4.44
N PHE E 17 -28.51 30.12 4.02
CA PHE E 17 -29.57 29.34 4.66
C PHE E 17 -29.15 29.13 6.12
N ILE E 18 -30.04 29.46 7.05
CA ILE E 18 -29.70 29.40 8.49
C ILE E 18 -30.63 28.46 9.23
N PHE E 19 -30.05 27.48 9.91
CA PHE E 19 -30.80 26.58 10.76
C PHE E 19 -30.20 26.49 12.14
N ILE E 20 -31.07 26.30 13.12
CA ILE E 20 -30.65 26.08 14.47
C ILE E 20 -30.80 24.60 14.75
N ASN E 21 -29.77 24.03 15.38
CA ASN E 21 -29.80 22.65 15.84
C ASN E 21 -29.34 22.64 17.27
N SER E 22 -30.20 22.13 18.16
CA SER E 22 -29.90 22.00 19.55
C SER E 22 -30.55 20.73 20.09
N ALA E 23 -30.13 20.38 21.30
CA ALA E 23 -30.72 19.31 22.08
C ALA E 23 -31.24 19.91 23.40
N MET E 24 -32.50 19.62 23.74
CA MET E 24 -33.13 20.17 24.93
C MET E 24 -33.86 19.08 25.72
N SER E 25 -34.03 19.31 27.02
CA SER E 25 -34.83 18.42 27.84
C SER E 25 -36.32 18.53 27.45
N ALA E 26 -37.11 17.60 27.96
CA ALA E 26 -38.55 17.61 27.69
C ALA E 26 -39.22 18.90 28.16
N ASP E 27 -38.63 19.56 29.17
CA ASP E 27 -39.07 20.88 29.67
C ASP E 27 -38.36 22.09 29.07
N GLY E 28 -37.60 21.88 28.00
CA GLY E 28 -37.11 22.97 27.15
C GLY E 28 -35.74 23.54 27.54
N LYS E 29 -35.00 22.87 28.42
CA LYS E 29 -33.69 23.37 28.88
C LYS E 29 -32.50 22.81 28.11
N LEU E 30 -31.52 23.68 27.91
CA LEU E 30 -30.25 23.33 27.29
C LEU E 30 -29.14 22.87 28.23
N SER E 31 -29.26 23.25 29.49
CA SER E 31 -28.28 22.93 30.53
C SER E 31 -28.93 23.23 31.85
N THR E 32 -28.28 22.91 32.96
CA THR E 32 -28.86 23.11 34.27
C THR E 32 -28.94 24.58 34.70
N LYS E 33 -29.61 24.82 35.83
CA LYS E 33 -29.63 26.13 36.47
C LYS E 33 -28.21 26.69 36.78
N GLU E 34 -27.25 25.80 36.96
CA GLU E 34 -25.83 26.17 37.16
C GLU E 34 -25.14 26.37 35.82
N ARG E 35 -25.89 26.31 34.71
CA ARG E 35 -25.37 26.42 33.36
C ARG E 35 -24.37 25.28 33.03
N LYS E 36 -24.56 24.09 33.61
CA LYS E 36 -23.67 22.95 33.36
C LYS E 36 -24.29 22.01 32.35
N GLN E 37 -23.47 21.46 31.46
CA GLN E 37 -23.98 20.59 30.41
C GLN E 37 -24.23 19.20 30.97
N VAL E 38 -25.33 18.58 30.53
CA VAL E 38 -25.69 17.24 30.95
C VAL E 38 -26.03 16.41 29.73
N LYS E 39 -26.18 15.11 29.96
CA LYS E 39 -26.50 14.20 28.88
C LYS E 39 -27.96 14.34 28.46
N ILE E 40 -28.18 14.94 27.30
CA ILE E 40 -29.52 15.06 26.74
C ILE E 40 -29.76 14.02 25.65
N SER E 41 -28.80 13.85 24.76
CA SER E 41 -28.95 12.95 23.62
C SER E 41 -27.96 11.81 23.73
N GLY E 42 -28.20 10.78 22.93
CA GLY E 42 -27.32 9.63 22.84
C GLY E 42 -26.51 9.64 21.56
N LYS E 43 -25.92 8.49 21.27
CA LYS E 43 -24.99 8.36 20.14
C LYS E 43 -25.60 8.68 18.78
N LEU E 44 -26.83 8.23 18.56
CA LEU E 44 -27.51 8.41 17.28
C LEU E 44 -27.81 9.88 17.00
N ASN E 45 -28.20 10.66 18.01
CA ASN E 45 -28.32 12.10 17.79
C ASN E 45 -26.97 12.76 17.54
N PHE E 46 -25.95 12.37 18.30
CA PHE E 46 -24.61 12.88 18.03
C PHE E 46 -24.13 12.59 16.60
N GLU E 47 -24.43 11.40 16.07
CA GLU E 47 -24.12 11.08 14.65
C GLU E 47 -24.82 11.99 13.62
N ARG E 48 -26.09 12.29 13.89
CA ARG E 48 -26.88 13.18 13.04
C ARG E 48 -26.28 14.57 13.03
N MET E 49 -25.95 15.08 14.22
CA MET E 49 -25.28 16.36 14.41
C MET E 49 -23.94 16.42 13.68
N ASP E 50 -23.19 15.31 13.71
CA ASP E 50 -21.90 15.26 13.00
C ASP E 50 -22.13 15.35 11.47
N GLU E 51 -23.18 14.72 10.96
CA GLU E 51 -23.54 14.79 9.52
C GLU E 51 -23.96 16.21 9.10
N LEU E 52 -24.64 16.93 10.00
CA LEU E 52 -24.98 18.33 9.76
C LEU E 52 -23.75 19.23 9.73
N ARG E 53 -22.87 19.06 10.72
CA ARG E 53 -21.58 19.76 10.73
C ARG E 53 -20.77 19.47 9.47
N ALA E 54 -20.82 18.24 8.99
CA ALA E 54 -20.07 17.90 7.77
C ALA E 54 -20.60 18.64 6.53
N HIS E 55 -21.92 18.70 6.38
CA HIS E 55 -22.57 19.35 5.22
C HIS E 55 -22.74 20.86 5.30
N ALA E 56 -22.75 21.41 6.51
CA ALA E 56 -22.77 22.87 6.69
C ALA E 56 -21.49 23.51 6.16
N ASP E 57 -21.60 24.76 5.71
CA ASP E 57 -20.46 25.55 5.31
C ASP E 57 -19.85 26.21 6.53
N ALA E 58 -20.67 26.51 7.54
CA ALA E 58 -20.21 27.17 8.75
C ALA E 58 -21.06 26.75 9.96
N ILE E 59 -20.45 26.84 11.14
CA ILE E 59 -21.08 26.58 12.43
C ILE E 59 -20.87 27.83 13.26
N MET E 60 -21.92 28.26 13.94
CA MET E 60 -21.88 29.44 14.80
C MET E 60 -22.40 29.15 16.23
N VAL E 61 -21.73 29.73 17.21
CA VAL E 61 -22.17 29.72 18.62
C VAL E 61 -21.87 31.07 19.25
N GLY E 62 -22.53 31.35 20.34
CA GLY E 62 -22.22 32.55 21.11
C GLY E 62 -21.12 32.37 22.12
N ILE E 63 -20.59 33.49 22.57
CA ILE E 63 -19.57 33.56 23.59
C ILE E 63 -19.98 32.84 24.89
N GLY E 64 -21.24 32.91 25.25
CA GLY E 64 -21.77 32.23 26.43
C GLY E 64 -21.43 30.75 26.41
N THR E 65 -21.70 30.11 25.28
CA THR E 65 -21.44 28.69 25.07
C THR E 65 -19.95 28.40 25.12
N VAL E 66 -19.16 29.21 24.42
CA VAL E 66 -17.69 29.07 24.46
C VAL E 66 -17.16 29.14 25.89
N LEU E 67 -17.57 30.12 26.68
CA LEU E 67 -17.11 30.24 28.07
C LEU E 67 -17.62 29.11 28.96
N ALA E 68 -18.86 28.68 28.78
CA ALA E 68 -19.44 27.62 29.61
C ALA E 68 -18.85 26.23 29.29
N ASP E 69 -18.82 25.87 28.01
CA ASP E 69 -18.51 24.50 27.55
C ASP E 69 -17.19 24.29 26.81
N ASP E 70 -16.54 25.38 26.35
CA ASP E 70 -15.30 25.29 25.58
C ASP E 70 -15.30 24.18 24.49
N PRO E 71 -16.31 24.22 23.60
CA PRO E 71 -16.45 23.19 22.58
C PRO E 71 -15.46 23.39 21.44
N SER E 72 -15.08 22.30 20.77
CA SER E 72 -14.15 22.37 19.63
C SER E 72 -14.89 22.66 18.33
N LEU E 73 -16.15 22.23 18.27
CA LEU E 73 -17.06 22.37 17.13
C LEU E 73 -16.54 21.66 15.89
N THR E 74 -15.79 20.58 16.11
CA THR E 74 -15.18 19.87 15.01
C THR E 74 -16.10 18.78 14.49
N VAL E 75 -15.82 18.34 13.26
CA VAL E 75 -16.38 17.13 12.74
C VAL E 75 -15.58 16.00 13.39
N LYS E 76 -16.27 15.02 13.97
CA LYS E 76 -15.63 13.91 14.66
C LYS E 76 -15.24 12.76 13.74
N SER E 77 -16.15 12.32 12.89
CA SER E 77 -15.93 11.15 12.04
C SER E 77 -14.78 11.30 11.03
N PRO E 78 -13.78 10.37 11.08
CA PRO E 78 -12.75 10.41 10.05
C PRO E 78 -13.31 10.34 8.64
N GLU E 79 -14.33 9.50 8.42
CA GLU E 79 -14.93 9.36 7.09
C GLU E 79 -15.60 10.67 6.62
N ARG E 80 -16.27 11.39 7.53
CA ARG E 80 -16.86 12.68 7.15
C ARG E 80 -15.79 13.73 6.84
N LYS E 81 -14.76 13.83 7.69
CA LYS E 81 -13.64 14.74 7.44
C LYS E 81 -12.98 14.46 6.08
N ALA E 82 -12.77 13.18 5.75
CA ALA E 82 -12.15 12.80 4.49
C ALA E 82 -13.07 13.15 3.31
N ALA E 83 -14.36 12.89 3.45
CA ALA E 83 -15.34 13.23 2.42
C ALA E 83 -15.34 14.71 2.07
N ARG E 84 -15.25 15.55 3.10
CA ARG E 84 -15.17 16.99 2.94
C ARG E 84 -13.84 17.34 2.27
N LYS E 85 -12.75 16.74 2.76
CA LYS E 85 -11.41 16.97 2.23
C LYS E 85 -11.34 16.62 0.74
N ALA E 86 -11.94 15.51 0.36
CA ALA E 86 -11.93 15.04 -1.03
C ALA E 86 -12.59 16.04 -1.97
N ALA E 87 -13.72 16.63 -1.53
CA ALA E 87 -14.44 17.62 -2.34
C ALA E 87 -13.84 19.01 -2.28
N GLY E 88 -12.64 19.15 -1.73
CA GLY E 88 -11.90 20.39 -1.73
C GLY E 88 -12.15 21.35 -0.57
N LYS E 89 -12.82 20.90 0.48
CA LYS E 89 -13.09 21.76 1.65
C LYS E 89 -12.15 21.46 2.83
N SER E 90 -12.10 22.36 3.79
CA SER E 90 -11.44 22.06 5.06
C SER E 90 -12.17 20.87 5.69
N GLU E 91 -11.43 20.04 6.42
CA GLU E 91 -12.02 18.97 7.21
C GLU E 91 -13.18 19.43 8.13
N ASN E 92 -13.09 20.65 8.64
CA ASN E 92 -14.16 21.26 9.44
C ASN E 92 -14.79 22.44 8.71
N PRO E 93 -16.11 22.63 8.86
CA PRO E 93 -16.68 23.89 8.38
C PRO E 93 -16.08 25.08 9.10
N VAL E 94 -16.31 26.25 8.56
CA VAL E 94 -15.91 27.47 9.22
C VAL E 94 -16.59 27.52 10.61
N ARG E 95 -15.84 28.01 11.60
CA ARG E 95 -16.31 28.10 12.98
C ARG E 95 -16.37 29.55 13.39
N VAL E 96 -17.54 30.00 13.81
CA VAL E 96 -17.82 31.40 14.09
C VAL E 96 -18.30 31.56 15.53
N VAL E 97 -17.64 32.42 16.30
CA VAL E 97 -18.08 32.81 17.64
C VAL E 97 -18.63 34.25 17.63
N VAL E 98 -19.85 34.42 18.14
CA VAL E 98 -20.48 35.74 18.31
C VAL E 98 -20.13 36.27 19.69
N ASP E 99 -19.41 37.39 19.71
CA ASP E 99 -18.62 37.78 20.86
C ASP E 99 -18.36 39.28 20.89
N SER E 100 -19.30 40.05 21.46
CA SER E 100 -19.31 41.52 21.36
C SER E 100 -18.03 42.22 21.83
N SER E 101 -17.55 41.80 23.00
CA SER E 101 -16.40 42.45 23.64
C SER E 101 -15.06 41.77 23.41
N ALA E 102 -14.98 40.89 22.41
CA ALA E 102 -13.76 40.13 22.07
C ALA E 102 -13.19 39.31 23.23
N ARG E 103 -14.07 38.61 23.96
CA ARG E 103 -13.64 37.86 25.14
C ARG E 103 -13.36 36.39 24.90
N THR E 104 -13.50 35.91 23.66
CA THR E 104 -13.16 34.55 23.32
C THR E 104 -11.76 34.20 23.89
N PRO E 105 -11.65 33.13 24.70
CA PRO E 105 -10.32 32.85 25.27
C PRO E 105 -9.30 32.42 24.22
N LEU E 106 -8.07 32.91 24.37
CA LEU E 106 -7.00 32.65 23.40
C LEU E 106 -6.55 31.18 23.40
N ASN E 107 -6.72 30.52 24.53
CA ASN E 107 -6.50 29.06 24.63
C ASN E 107 -7.80 28.24 24.52
N ALA E 108 -8.82 28.77 23.84
CA ALA E 108 -10.08 28.06 23.62
C ALA E 108 -9.83 26.88 22.73
N ASP E 109 -10.65 25.85 22.90
CA ASP E 109 -10.47 24.59 22.18
C ASP E 109 -10.79 24.74 20.70
N ILE E 110 -11.65 25.70 20.34
CA ILE E 110 -11.86 26.02 18.91
C ILE E 110 -10.53 26.35 18.22
N PHE E 111 -9.60 26.99 18.91
CA PHE E 111 -8.27 27.26 18.32
C PHE E 111 -7.31 26.07 18.39
N LYS E 112 -7.43 25.24 19.42
CA LYS E 112 -6.52 24.11 19.61
C LYS E 112 -6.79 22.94 18.67
N LYS E 113 -8.07 22.67 18.38
CA LYS E 113 -8.48 21.47 17.65
C LYS E 113 -8.77 21.67 16.14
N GLY E 114 -8.07 20.89 15.31
CA GLY E 114 -8.43 20.72 13.89
C GLY E 114 -8.05 21.87 12.95
N GLU E 115 -8.28 21.65 11.67
CA GLU E 115 -8.02 22.67 10.64
C GLU E 115 -9.27 23.48 10.34
N GLY E 116 -9.11 24.56 9.57
CA GLY E 116 -10.27 25.35 9.10
C GLY E 116 -10.24 26.78 9.61
N LEU E 117 -11.04 27.61 8.96
CA LEU E 117 -11.15 29.01 9.30
C LEU E 117 -11.91 29.15 10.62
N ARG E 118 -11.41 30.02 11.48
CA ARG E 118 -12.17 30.52 12.65
C ARG E 118 -12.48 31.98 12.41
N ILE E 119 -13.68 32.40 12.82
CA ILE E 119 -14.11 33.80 12.70
C ILE E 119 -14.67 34.22 14.05
N ILE E 120 -14.18 35.33 14.57
CA ILE E 120 -14.75 35.96 15.76
C ILE E 120 -15.53 37.23 15.37
N ALA E 121 -16.86 37.18 15.50
CA ALA E 121 -17.71 38.36 15.22
C ALA E 121 -17.80 39.19 16.48
N VAL E 122 -17.29 40.43 16.39
CA VAL E 122 -17.17 41.34 17.52
C VAL E 122 -17.97 42.62 17.22
N SER E 123 -18.21 43.43 18.26
CA SER E 123 -18.85 44.75 18.10
C SER E 123 -17.78 45.82 17.91
N ASN E 124 -18.16 46.99 17.43
CA ASN E 124 -17.20 48.10 17.27
C ASN E 124 -16.71 48.67 18.60
N SER E 125 -17.41 48.39 19.69
CA SER E 125 -16.94 48.78 21.04
C SER E 125 -15.83 47.88 21.58
N ALA E 126 -15.53 46.76 20.93
CA ALA E 126 -14.57 45.78 21.45
C ALA E 126 -13.17 46.42 21.59
N PRO E 127 -12.41 46.07 22.65
CA PRO E 127 -11.04 46.65 22.75
C PRO E 127 -10.09 46.15 21.66
N GLU E 128 -9.36 47.08 21.03
CA GLU E 128 -8.51 46.75 19.87
C GLU E 128 -7.36 45.79 20.23
N GLU E 129 -6.84 45.90 21.45
CA GLU E 129 -5.78 45.00 21.95
C GLU E 129 -6.21 43.53 22.00
N LYS E 130 -7.43 43.27 22.47
CA LYS E 130 -7.99 41.89 22.43
C LYS E 130 -8.23 41.40 21.01
N ILE E 131 -8.68 42.29 20.12
CA ILE E 131 -8.90 41.96 18.72
C ILE E 131 -7.58 41.56 18.02
N ARG E 132 -6.50 42.28 18.31
CA ARG E 132 -5.19 41.99 17.72
C ARG E 132 -4.70 40.57 18.06
N MET E 133 -4.82 40.20 19.33
CA MET E 133 -4.44 38.84 19.81
C MET E 133 -5.26 37.78 19.10
N LEU E 134 -6.57 38.02 19.02
CA LEU E 134 -7.48 37.12 18.31
C LEU E 134 -7.18 37.01 16.84
N GLU E 135 -6.77 38.11 16.21
CA GLU E 135 -6.46 38.09 14.76
C GLU E 135 -5.27 37.18 14.35
N GLU E 136 -4.39 36.86 15.30
CA GLU E 136 -3.35 35.84 15.09
C GLU E 136 -3.94 34.46 14.76
N LYS E 137 -5.14 34.16 15.29
CA LYS E 137 -5.78 32.85 15.16
C LYS E 137 -7.06 32.82 14.32
N ALA E 138 -7.66 33.99 14.04
CA ALA E 138 -8.97 34.05 13.37
C ALA E 138 -9.13 35.33 12.58
N LEU E 139 -10.01 35.30 11.59
CA LEU E 139 -10.58 36.51 11.01
C LEU E 139 -11.53 37.17 12.03
N VAL E 140 -11.34 38.46 12.32
CA VAL E 140 -12.26 39.22 13.19
C VAL E 140 -13.13 40.09 12.28
N ILE E 141 -14.46 40.00 12.44
CA ILE E 141 -15.43 40.83 11.71
C ILE E 141 -16.13 41.76 12.72
N LYS E 142 -16.10 43.08 12.46
CA LYS E 142 -16.62 44.09 13.38
C LYS E 142 -17.95 44.59 12.83
N THR E 143 -19.01 44.54 13.65
CA THR E 143 -20.31 45.13 13.30
C THR E 143 -20.94 45.76 14.54
N GLY E 144 -22.00 46.53 14.35
CA GLY E 144 -22.76 47.09 15.47
C GLY E 144 -22.05 48.05 16.41
N ALA E 145 -22.74 48.41 17.48
CA ALA E 145 -22.22 49.33 18.50
C ALA E 145 -21.66 48.52 19.66
N PHE E 146 -22.56 48.10 20.56
CA PHE E 146 -22.22 47.35 21.76
C PHE E 146 -22.49 45.87 21.64
N ARG E 147 -23.19 45.47 20.58
CA ARG E 147 -23.52 44.09 20.29
C ARG E 147 -23.30 43.87 18.81
N VAL E 148 -23.13 42.61 18.44
CA VAL E 148 -22.94 42.22 17.06
C VAL E 148 -24.26 42.43 16.32
N ASP E 149 -24.18 42.98 15.10
CA ASP E 149 -25.34 43.11 14.23
C ASP E 149 -25.39 41.84 13.43
N LEU E 150 -26.31 40.95 13.82
CA LEU E 150 -26.36 39.61 13.27
C LEU E 150 -26.78 39.60 11.78
N THR E 151 -27.64 40.53 11.37
CA THR E 151 -28.05 40.66 9.97
C THR E 151 -26.86 41.03 9.07
N GLU E 152 -26.03 41.95 9.51
CA GLU E 152 -24.85 42.36 8.78
C GLU E 152 -23.80 41.28 8.80
N LEU E 153 -23.62 40.64 9.96
CA LEU E 153 -22.76 39.48 10.01
C LEU E 153 -23.15 38.46 8.97
N ALA E 154 -24.44 38.12 8.92
CA ALA E 154 -24.98 37.12 8.04
C ALA E 154 -24.75 37.43 6.54
N ALA E 155 -24.87 38.70 6.16
CA ALA E 155 -24.54 39.11 4.78
C ALA E 155 -23.04 39.01 4.49
N LYS E 156 -22.19 39.42 5.43
CA LYS E 156 -20.74 39.26 5.29
C LYS E 156 -20.30 37.79 5.16
N LEU E 157 -20.95 36.89 5.91
CA LEU E 157 -20.72 35.45 5.76
C LEU E 157 -21.19 34.95 4.40
N LYS E 158 -22.39 35.33 3.98
CA LYS E 158 -22.86 34.93 2.65
C LYS E 158 -21.89 35.36 1.53
N GLU E 159 -21.32 36.57 1.67
CA GLU E 159 -20.40 37.13 0.69
C GLU E 159 -19.15 36.28 0.51
N MET E 160 -18.57 35.87 1.64
CA MET E 160 -17.33 35.06 1.60
C MET E 160 -17.55 33.55 1.30
N GLY E 161 -18.69 33.18 0.74
CA GLY E 161 -18.93 31.82 0.24
C GLY E 161 -19.72 30.87 1.15
N ILE E 162 -20.20 31.34 2.30
CA ILE E 162 -20.98 30.49 3.20
C ILE E 162 -22.45 30.55 2.78
N ASN E 163 -22.99 29.45 2.27
CA ASN E 163 -24.42 29.34 1.92
C ASN E 163 -25.26 28.56 2.93
N SER E 164 -24.60 27.96 3.91
CA SER E 164 -25.24 27.06 4.88
C SER E 164 -24.59 27.28 6.24
N LEU E 165 -25.35 27.85 7.17
CA LEU E 165 -24.88 28.25 8.49
C LEU E 165 -25.72 27.51 9.54
N MET E 166 -25.07 26.68 10.34
CA MET E 166 -25.71 25.96 11.44
C MET E 166 -25.46 26.73 12.74
N VAL E 167 -26.54 27.18 13.38
CA VAL E 167 -26.44 27.84 14.68
C VAL E 167 -26.69 26.74 15.70
N GLU E 168 -25.69 26.43 16.52
CA GLU E 168 -25.82 25.27 17.43
C GLU E 168 -26.32 25.70 18.77
N GLY E 169 -26.08 26.95 19.06
CA GLY E 169 -26.94 27.65 19.92
C GLY E 169 -26.19 28.55 20.84
N GLY E 170 -26.55 28.33 22.09
CA GLY E 170 -26.63 29.31 23.05
C GLY E 170 -28.10 29.72 23.10
N ALA E 171 -28.65 29.76 24.30
CA ALA E 171 -30.02 30.23 24.54
C ALA E 171 -30.26 31.67 24.04
N THR E 172 -29.26 32.55 24.21
CA THR E 172 -29.41 33.97 23.92
C THR E 172 -29.10 34.24 22.46
N LEU E 173 -28.10 33.56 21.91
CA LEU E 173 -27.87 33.66 20.43
C LEU E 173 -29.07 33.12 19.63
N ASN E 174 -29.68 32.03 20.08
CA ASN E 174 -30.87 31.51 19.44
C ASN E 174 -31.95 32.58 19.39
N TRP E 175 -32.15 33.26 20.50
CA TRP E 175 -33.08 34.40 20.56
C TRP E 175 -32.69 35.49 19.56
N GLY E 176 -31.41 35.86 19.55
CA GLY E 176 -30.86 36.91 18.65
C GLY E 176 -31.18 36.64 17.20
N MET E 177 -30.92 35.39 16.77
CA MET E 177 -31.16 34.97 15.40
C MET E 177 -32.64 34.91 15.04
N LEU E 178 -33.45 34.26 15.87
CA LEU E 178 -34.87 34.14 15.59
C LEU E 178 -35.56 35.50 15.60
N SER E 179 -35.22 36.35 16.57
CA SER E 179 -35.90 37.64 16.69
C SER E 179 -35.48 38.66 15.64
N ALA E 180 -34.27 38.53 15.08
CA ALA E 180 -33.86 39.28 13.89
C ALA E 180 -34.44 38.75 12.56
N GLY E 181 -35.18 37.64 12.61
CA GLY E 181 -35.85 37.10 11.41
C GLY E 181 -34.91 36.40 10.43
N LEU E 182 -33.73 35.99 10.92
CA LEU E 182 -32.67 35.35 10.12
C LEU E 182 -32.77 33.83 9.92
N VAL E 183 -33.72 33.15 10.58
CA VAL E 183 -33.69 31.69 10.67
C VAL E 183 -34.71 31.03 9.74
N ASP E 184 -34.25 30.04 8.99
CA ASP E 184 -35.14 29.28 8.10
C ASP E 184 -35.78 28.10 8.79
N GLU E 185 -35.00 27.30 9.52
CA GLU E 185 -35.54 26.12 10.19
C GLU E 185 -34.93 25.91 11.58
N VAL E 186 -35.67 25.19 12.43
CA VAL E 186 -35.31 24.96 13.82
C VAL E 186 -35.40 23.45 14.04
N TYR E 187 -34.27 22.85 14.40
CA TYR E 187 -34.21 21.42 14.77
C TYR E 187 -33.96 21.31 16.26
N THR E 188 -34.85 20.59 16.90
CA THR E 188 -34.87 20.45 18.32
C THR E 188 -34.90 18.95 18.66
N PHE E 189 -33.78 18.40 19.10
CA PHE E 189 -33.81 17.05 19.72
C PHE E 189 -34.33 17.12 21.16
N VAL E 190 -35.45 16.48 21.42
CA VAL E 190 -36.06 16.54 22.73
C VAL E 190 -35.73 15.28 23.47
N GLY E 191 -34.97 15.43 24.55
CA GLY E 191 -34.41 14.29 25.28
C GLY E 191 -35.33 13.84 26.38
N ASN E 192 -35.18 12.57 26.77
CA ASN E 192 -35.99 11.98 27.81
C ASN E 192 -35.61 12.32 29.25
N LEU E 193 -35.65 13.60 29.59
CA LEU E 193 -35.37 14.04 30.96
C LEU E 193 -36.06 15.36 31.27
N ILE E 194 -36.19 15.62 32.55
CA ILE E 194 -36.60 16.92 33.07
C ILE E 194 -35.34 17.53 33.73
N ILE E 195 -34.99 18.75 33.36
CA ILE E 195 -33.87 19.48 34.02
C ILE E 195 -34.42 20.47 35.05
N GLY E 196 -35.41 21.25 34.64
CA GLY E 196 -36.06 22.18 35.53
C GLY E 196 -35.22 23.41 35.75
N GLY E 197 -35.84 24.41 36.35
CA GLY E 197 -35.14 25.61 36.84
C GLY E 197 -35.48 26.88 36.09
N LYS E 198 -36.03 27.84 36.83
CA LYS E 198 -36.32 29.17 36.33
C LYS E 198 -35.12 29.86 35.65
N THR E 199 -33.92 29.60 36.16
CA THR E 199 -32.67 30.18 35.63
C THR E 199 -31.86 29.23 34.73
N ALA E 200 -32.36 28.01 34.45
CA ALA E 200 -31.69 27.16 33.49
C ALA E 200 -31.87 27.75 32.08
N PRO E 201 -30.79 27.81 31.29
CA PRO E 201 -30.90 28.24 29.90
C PRO E 201 -31.85 27.34 29.11
N THR E 202 -32.77 27.96 28.38
CA THR E 202 -33.76 27.28 27.53
C THR E 202 -33.36 27.31 26.05
N PHE E 203 -34.15 26.66 25.21
CA PHE E 203 -33.87 26.70 23.77
C PHE E 203 -33.90 28.14 23.20
N THR E 204 -34.68 29.03 23.81
CA THR E 204 -34.67 30.45 23.42
C THR E 204 -34.93 31.34 24.62
N ASP E 205 -33.90 32.03 25.07
CA ASP E 205 -34.00 32.98 26.19
C ASP E 205 -34.07 34.40 25.59
N GLY E 206 -33.12 35.27 25.93
CA GLY E 206 -33.10 36.67 25.54
C GLY E 206 -34.30 37.44 26.11
N GLU E 207 -34.69 38.50 25.39
CA GLU E 207 -35.77 39.38 25.82
C GLU E 207 -37.13 38.69 25.73
N GLY E 208 -37.35 37.89 24.71
CA GLY E 208 -38.65 37.25 24.48
C GLY E 208 -39.66 38.10 23.73
N PHE E 209 -40.52 37.43 22.98
CA PHE E 209 -41.59 38.02 22.21
C PHE E 209 -42.78 38.38 23.11
N THR E 210 -43.40 39.54 22.87
CA THR E 210 -44.68 39.85 23.48
C THR E 210 -45.77 39.11 22.74
N GLU E 211 -46.96 39.13 23.34
CA GLU E 211 -48.14 38.47 22.79
C GLU E 211 -48.52 38.82 21.34
N ASN E 212 -48.13 40.01 20.87
CA ASN E 212 -48.42 40.45 19.51
C ASN E 212 -47.32 40.17 18.48
N GLU E 213 -46.20 39.61 18.91
CA GLU E 213 -45.07 39.30 17.99
C GLU E 213 -44.57 37.86 18.06
N LEU E 214 -45.46 36.94 18.42
CA LEU E 214 -45.14 35.52 18.46
C LEU E 214 -44.67 35.03 17.09
N LEU E 215 -43.59 34.23 17.06
CA LEU E 215 -43.03 33.74 15.80
C LEU E 215 -43.69 32.43 15.45
N GLY E 216 -44.45 32.41 14.36
CA GLY E 216 -45.09 31.21 13.86
C GLY E 216 -44.11 30.20 13.26
N LEU E 217 -44.43 28.93 13.43
CA LEU E 217 -43.69 27.83 12.86
C LEU E 217 -44.64 26.89 12.14
N GLU E 218 -44.07 26.01 11.33
CA GLU E 218 -44.77 24.86 10.78
C GLU E 218 -43.97 23.58 11.06
N LEU E 219 -44.62 22.55 11.60
CA LEU E 219 -43.96 21.28 11.90
C LEU E 219 -43.65 20.54 10.60
N SER E 220 -42.37 20.39 10.28
CA SER E 220 -41.96 19.65 9.07
C SER E 220 -41.89 18.14 9.28
N SER E 221 -41.39 17.70 10.45
CA SER E 221 -41.37 16.27 10.81
C SER E 221 -41.05 16.05 12.28
N ALA E 222 -41.39 14.84 12.73
CA ALA E 222 -41.07 14.34 14.06
C ALA E 222 -40.55 12.92 13.90
N GLU E 223 -39.33 12.67 14.37
CA GLU E 223 -38.69 11.37 14.24
C GLU E 223 -38.16 10.91 15.57
N LYS E 224 -38.65 9.76 16.04
CA LYS E 224 -38.08 9.11 17.20
C LYS E 224 -36.65 8.67 16.88
N ILE E 225 -35.71 8.97 17.79
CA ILE E 225 -34.31 8.59 17.65
C ILE E 225 -33.86 8.18 19.04
N GLU E 226 -33.41 6.93 19.17
CA GLU E 226 -33.05 6.35 20.46
C GLU E 226 -34.15 6.63 21.48
N ASP E 227 -33.87 7.40 22.53
CA ASP E 227 -34.78 7.57 23.66
C ASP E 227 -35.51 8.91 23.64
N GLY E 228 -35.33 9.67 22.56
CA GLY E 228 -35.94 10.99 22.44
C GLY E 228 -36.63 11.19 21.11
N ILE E 229 -36.91 12.45 20.78
CA ILE E 229 -37.58 12.73 19.53
C ILE E 229 -37.04 14.00 18.89
N LEU E 230 -36.76 13.91 17.60
CA LEU E 230 -36.31 15.04 16.81
C LEU E 230 -37.49 15.76 16.17
N LEU E 231 -37.76 17.00 16.61
CA LEU E 231 -38.75 17.86 16.00
C LEU E 231 -38.06 18.84 15.06
N LYS E 232 -38.54 18.94 13.82
CA LYS E 232 -38.06 19.91 12.84
C LYS E 232 -39.23 20.85 12.48
N TRP E 233 -38.96 22.16 12.57
CA TRP E 233 -39.96 23.20 12.35
C TRP E 233 -39.43 24.17 11.33
N LYS E 234 -40.30 24.59 10.42
CA LYS E 234 -39.99 25.64 9.47
C LYS E 234 -40.47 26.92 10.11
N VAL E 235 -39.68 27.98 9.99
CA VAL E 235 -40.00 29.28 10.61
C VAL E 235 -40.86 30.08 9.63
N LYS E 236 -41.96 30.64 10.12
CA LYS E 236 -42.83 31.55 9.34
C LYS E 236 -42.58 33.00 9.69
N ARG F 2 -33.33 1.29 33.75
CA ARG F 2 -34.58 1.15 32.95
C ARG F 2 -35.84 1.68 33.64
N GLY F 3 -35.85 1.70 34.99
CA GLY F 3 -36.97 2.26 35.73
C GLY F 3 -36.83 2.19 37.24
N SER F 4 -36.65 3.35 37.86
CA SER F 4 -36.57 3.50 39.32
C SER F 4 -37.95 3.87 39.94
N HIS F 5 -38.73 4.68 39.21
CA HIS F 5 -40.02 5.23 39.69
C HIS F 5 -41.09 4.15 39.78
N HIS F 6 -41.75 4.10 40.92
CA HIS F 6 -42.85 3.17 41.17
C HIS F 6 -44.14 3.80 40.60
N HIS F 7 -44.62 3.26 39.49
CA HIS F 7 -45.79 3.80 38.77
C HIS F 7 -47.10 3.56 39.55
N HIS F 8 -47.71 4.64 40.03
CA HIS F 8 -48.98 4.52 40.75
C HIS F 8 -50.16 4.26 39.80
N HIS F 9 -51.27 3.82 40.38
CA HIS F 9 -52.55 3.61 39.69
C HIS F 9 -53.67 4.04 40.66
N HIS F 10 -54.95 3.86 40.29
CA HIS F 10 -56.09 4.27 41.16
C HIS F 10 -56.24 3.50 42.49
N GLY F 11 -55.58 2.33 42.58
CA GLY F 11 -55.52 1.53 43.80
C GLY F 11 -54.30 1.73 44.71
N SER F 12 -53.34 2.60 44.34
CA SER F 12 -52.15 2.88 45.19
C SER F 12 -52.59 3.63 46.44
N MET F 13 -52.04 3.27 47.61
CA MET F 13 -52.55 3.75 48.91
C MET F 13 -52.02 5.13 49.35
N ASP F 14 -50.85 5.53 48.87
CA ASP F 14 -50.19 6.76 49.36
C ASP F 14 -50.74 8.07 48.77
N ARG F 15 -51.13 8.04 47.51
CA ARG F 15 -51.56 9.24 46.80
C ARG F 15 -52.32 8.88 45.53
N PRO F 16 -52.97 9.88 44.89
CA PRO F 16 -53.58 9.67 43.59
C PRO F 16 -52.55 9.30 42.54
N PHE F 17 -53.00 8.68 41.45
CA PHE F 17 -52.29 8.75 40.19
C PHE F 17 -52.23 10.24 39.81
N ILE F 18 -51.06 10.70 39.35
CA ILE F 18 -50.82 12.15 39.13
C ILE F 18 -50.19 12.33 37.78
N PHE F 19 -50.82 13.18 36.97
CA PHE F 19 -50.31 13.52 35.67
C PHE F 19 -50.35 15.03 35.45
N ILE F 20 -49.33 15.52 34.74
CA ILE F 20 -49.28 16.90 34.30
C ILE F 20 -49.74 16.94 32.86
N ASN F 21 -50.62 17.89 32.57
CA ASN F 21 -51.05 18.17 31.21
C ASN F 21 -50.85 19.65 30.96
N SER F 22 -49.98 19.99 30.00
CA SER F 22 -49.72 21.39 29.64
C SER F 22 -49.60 21.53 28.15
N ALA F 23 -49.66 22.78 27.74
CA ALA F 23 -49.37 23.16 26.38
C ALA F 23 -48.19 24.15 26.46
N MET F 24 -47.14 23.89 25.66
CA MET F 24 -45.97 24.76 25.59
C MET F 24 -45.57 25.04 24.17
N SER F 25 -44.83 26.15 24.02
CA SER F 25 -44.27 26.52 22.75
C SER F 25 -43.14 25.55 22.36
N ALA F 26 -42.66 25.65 21.13
CA ALA F 26 -41.53 24.82 20.65
C ALA F 26 -40.25 25.02 21.44
N ASP F 27 -40.11 26.20 22.04
CA ASP F 27 -38.98 26.53 22.91
C ASP F 27 -39.27 26.37 24.40
N GLY F 28 -40.40 25.75 24.73
CA GLY F 28 -40.67 25.28 26.09
C GLY F 28 -41.37 26.25 27.02
N LYS F 29 -42.00 27.30 26.47
CA LYS F 29 -42.62 28.33 27.30
C LYS F 29 -44.09 28.07 27.44
N LEU F 30 -44.62 28.38 28.62
CA LEU F 30 -46.06 28.26 28.89
C LEU F 30 -46.83 29.56 28.61
N SER F 31 -46.12 30.69 28.63
CA SER F 31 -46.70 32.04 28.45
C SER F 31 -45.57 33.00 28.12
N THR F 32 -45.90 34.26 27.80
CA THR F 32 -44.87 35.25 27.49
C THR F 32 -44.08 35.70 28.73
N LYS F 33 -42.98 36.41 28.49
CA LYS F 33 -42.25 37.09 29.58
C LYS F 33 -43.15 37.99 30.42
N GLU F 34 -44.26 38.45 29.84
CA GLU F 34 -45.28 39.24 30.56
C GLU F 34 -46.30 38.37 31.35
N ARG F 35 -46.12 37.05 31.37
CA ARG F 35 -47.11 36.10 31.90
C ARG F 35 -48.51 36.26 31.31
N LYS F 36 -48.54 36.55 30.01
CA LYS F 36 -49.79 36.67 29.27
C LYS F 36 -50.03 35.33 28.59
N GLN F 37 -51.24 34.79 28.76
CA GLN F 37 -51.68 33.59 28.08
C GLN F 37 -51.74 33.85 26.58
N VAL F 38 -51.15 32.95 25.80
CA VAL F 38 -51.27 33.01 24.35
C VAL F 38 -51.78 31.71 23.77
N LYS F 39 -52.22 31.80 22.52
CA LYS F 39 -52.67 30.64 21.75
C LYS F 39 -51.49 29.73 21.43
N ILE F 40 -51.43 28.61 22.15
CA ILE F 40 -50.46 27.56 21.84
C ILE F 40 -51.14 26.47 21.01
N SER F 41 -52.34 26.07 21.37
CA SER F 41 -52.97 24.94 20.72
C SER F 41 -54.30 25.33 20.14
N GLY F 42 -54.94 24.41 19.44
CA GLY F 42 -56.19 24.68 18.78
C GLY F 42 -57.29 23.81 19.34
N LYS F 43 -58.38 23.73 18.58
CA LYS F 43 -59.65 23.17 19.02
C LYS F 43 -59.52 21.71 19.36
N LEU F 44 -58.73 20.97 18.59
CA LEU F 44 -58.56 19.53 18.81
C LEU F 44 -57.82 19.20 20.09
N ASN F 45 -56.72 19.91 20.37
CA ASN F 45 -56.06 19.77 21.68
C ASN F 45 -56.99 20.21 22.82
N PHE F 46 -57.73 21.29 22.61
CA PHE F 46 -58.73 21.73 23.60
C PHE F 46 -59.80 20.66 23.85
N GLU F 47 -60.24 19.96 22.82
CA GLU F 47 -61.18 18.83 23.03
C GLU F 47 -60.57 17.66 23.83
N ARG F 48 -59.35 17.26 23.51
CA ARG F 48 -58.59 16.22 24.24
C ARG F 48 -58.42 16.61 25.72
N MET F 49 -58.05 17.87 25.95
CA MET F 49 -57.90 18.39 27.30
C MET F 49 -59.22 18.36 28.08
N ASP F 50 -60.31 18.70 27.42
CA ASP F 50 -61.64 18.70 28.05
C ASP F 50 -62.05 17.26 28.42
N GLU F 51 -61.78 16.31 27.52
CA GLU F 51 -61.98 14.86 27.77
C GLU F 51 -61.19 14.41 28.98
N LEU F 52 -59.91 14.78 29.05
CA LEU F 52 -59.08 14.45 30.21
C LEU F 52 -59.58 15.01 31.51
N ARG F 53 -59.88 16.31 31.53
CA ARG F 53 -60.53 16.95 32.66
C ARG F 53 -61.75 16.16 33.16
N ALA F 54 -62.59 15.71 32.24
CA ALA F 54 -63.81 14.99 32.59
C ALA F 54 -63.55 13.66 33.26
N HIS F 55 -62.43 13.02 32.92
CA HIS F 55 -62.10 11.76 33.53
C HIS F 55 -61.29 11.83 34.78
N ALA F 56 -60.73 13.00 35.09
CA ALA F 56 -59.99 13.23 36.34
C ALA F 56 -60.94 13.37 37.53
N ASP F 57 -60.47 12.99 38.74
CA ASP F 57 -61.21 13.24 39.97
C ASP F 57 -60.97 14.66 40.50
N ALA F 58 -59.82 15.23 40.17
CA ALA F 58 -59.48 16.57 40.68
C ALA F 58 -58.50 17.24 39.72
N ILE F 59 -58.63 18.55 39.59
CA ILE F 59 -57.72 19.35 38.80
C ILE F 59 -57.01 20.29 39.76
N MET F 60 -55.68 20.39 39.65
CA MET F 60 -54.89 21.27 40.50
C MET F 60 -54.07 22.30 39.71
N VAL F 61 -54.01 23.51 40.23
CA VAL F 61 -53.29 24.58 39.61
C VAL F 61 -52.59 25.42 40.70
N GLY F 62 -51.54 26.15 40.33
CA GLY F 62 -50.91 27.06 41.26
C GLY F 62 -51.60 28.41 41.33
N ILE F 63 -51.35 29.11 42.44
CA ILE F 63 -51.84 30.46 42.67
C ILE F 63 -51.41 31.43 41.57
N GLY F 64 -50.21 31.26 41.03
CA GLY F 64 -49.71 32.07 39.89
C GLY F 64 -50.63 32.02 38.67
N THR F 65 -51.12 30.82 38.35
CA THR F 65 -52.08 30.65 37.25
C THR F 65 -53.40 31.29 37.57
N VAL F 66 -53.87 31.16 38.80
CA VAL F 66 -55.14 31.81 39.19
C VAL F 66 -55.03 33.33 39.04
N LEU F 67 -53.90 33.89 39.47
CA LEU F 67 -53.73 35.36 39.46
C LEU F 67 -53.59 35.91 38.04
N ALA F 68 -52.85 35.21 37.20
CA ALA F 68 -52.60 35.60 35.82
C ALA F 68 -53.81 35.39 34.90
N ASP F 69 -54.48 34.23 35.02
CA ASP F 69 -55.46 33.76 34.02
C ASP F 69 -56.91 33.67 34.50
N ASP F 70 -57.13 33.66 35.82
CA ASP F 70 -58.41 33.49 36.45
C ASP F 70 -59.29 32.38 35.80
N PRO F 71 -58.72 31.18 35.57
CA PRO F 71 -59.47 30.12 34.90
C PRO F 71 -60.56 29.55 35.80
N SER F 72 -61.62 29.02 35.20
CA SER F 72 -62.67 28.36 35.99
C SER F 72 -62.34 26.86 36.33
N LEU F 73 -61.45 26.25 35.55
CA LEU F 73 -61.10 24.81 35.63
C LEU F 73 -62.32 23.89 35.54
N THR F 74 -63.30 24.29 34.74
CA THR F 74 -64.49 23.49 34.55
C THR F 74 -64.38 22.65 33.29
N VAL F 75 -65.12 21.55 33.28
CA VAL F 75 -65.39 20.81 32.05
C VAL F 75 -66.36 21.67 31.22
N LYS F 76 -66.09 21.84 29.93
CA LYS F 76 -66.94 22.67 29.06
C LYS F 76 -68.06 21.92 28.36
N SER F 77 -67.75 20.78 27.75
CA SER F 77 -68.77 20.02 27.01
C SER F 77 -69.98 19.62 27.89
N PRO F 78 -71.22 19.99 27.49
CA PRO F 78 -72.40 19.51 28.24
C PRO F 78 -72.61 18.00 28.22
N GLU F 79 -72.19 17.33 27.15
CA GLU F 79 -72.23 15.87 27.08
C GLU F 79 -71.30 15.18 28.10
N ARG F 80 -70.12 15.75 28.30
CA ARG F 80 -69.16 15.22 29.27
C ARG F 80 -69.67 15.43 30.69
N LYS F 81 -70.21 16.61 30.95
CA LYS F 81 -70.73 16.95 32.29
C LYS F 81 -71.98 16.11 32.65
N ALA F 82 -72.83 15.91 31.65
CA ALA F 82 -74.02 15.04 31.75
C ALA F 82 -73.65 13.61 32.06
N ALA F 83 -72.60 13.11 31.39
CA ALA F 83 -72.18 11.75 31.60
C ALA F 83 -71.59 11.54 33.00
N ARG F 84 -70.72 12.46 33.45
CA ARG F 84 -70.22 12.47 34.83
C ARG F 84 -71.38 12.44 35.85
N LYS F 85 -72.33 13.36 35.67
CA LYS F 85 -73.50 13.39 36.55
C LYS F 85 -74.32 12.09 36.46
N ALA F 86 -74.53 11.55 35.26
CA ALA F 86 -75.30 10.30 35.13
C ALA F 86 -74.60 9.11 35.84
N ALA F 87 -73.26 9.15 35.87
CA ALA F 87 -72.47 8.17 36.59
C ALA F 87 -72.35 8.43 38.10
N GLY F 88 -73.06 9.43 38.62
CA GLY F 88 -73.06 9.74 40.05
C GLY F 88 -71.91 10.62 40.53
N LYS F 89 -71.20 11.29 39.61
CA LYS F 89 -70.10 12.20 39.99
C LYS F 89 -70.62 13.66 39.99
N SER F 90 -69.92 14.58 40.66
CA SER F 90 -70.15 16.01 40.42
C SER F 90 -69.88 16.31 38.96
N GLU F 91 -70.58 17.30 38.40
CA GLU F 91 -70.35 17.71 37.01
C GLU F 91 -68.89 18.08 36.70
N ASN F 92 -68.21 18.68 37.69
CA ASN F 92 -66.79 19.02 37.56
C ASN F 92 -65.94 18.27 38.54
N PRO F 93 -64.72 17.90 38.16
CA PRO F 93 -63.82 17.34 39.18
C PRO F 93 -63.54 18.37 40.26
N VAL F 94 -63.01 17.91 41.38
CA VAL F 94 -62.62 18.78 42.48
C VAL F 94 -61.57 19.79 41.93
N ARG F 95 -61.65 21.03 42.36
CA ARG F 95 -60.69 22.08 41.93
C ARG F 95 -59.80 22.48 43.08
N VAL F 96 -58.49 22.38 42.88
CA VAL F 96 -57.51 22.56 43.94
C VAL F 96 -56.54 23.67 43.55
N VAL F 97 -56.34 24.63 44.45
CA VAL F 97 -55.32 25.69 44.20
C VAL F 97 -54.22 25.57 45.24
N VAL F 98 -52.96 25.51 44.78
CA VAL F 98 -51.78 25.52 45.66
C VAL F 98 -51.42 26.99 45.88
N ASP F 99 -51.59 27.46 47.10
CA ASP F 99 -51.60 28.89 47.42
C ASP F 99 -50.97 29.12 48.80
N SER F 100 -49.64 29.07 48.89
CA SER F 100 -48.96 29.16 50.20
C SER F 100 -49.41 30.27 51.12
N SER F 101 -49.63 31.47 50.59
CA SER F 101 -49.96 32.65 51.42
C SER F 101 -51.43 33.06 51.39
N ALA F 102 -52.33 32.16 50.97
CA ALA F 102 -53.76 32.41 50.90
C ALA F 102 -54.14 33.66 50.07
N ARG F 103 -53.53 33.78 48.91
CA ARG F 103 -53.78 34.89 48.00
C ARG F 103 -54.90 34.68 46.96
N THR F 104 -55.55 33.53 46.93
CA THR F 104 -56.62 33.30 45.95
C THR F 104 -57.67 34.39 46.13
N PRO F 105 -58.00 35.10 45.03
CA PRO F 105 -59.02 36.14 45.13
C PRO F 105 -60.39 35.60 45.52
N LEU F 106 -61.06 36.31 46.41
CA LEU F 106 -62.39 35.88 46.89
C LEU F 106 -63.46 35.88 45.81
N ASN F 107 -63.24 36.62 44.72
CA ASN F 107 -64.13 36.58 43.57
C ASN F 107 -63.54 35.86 42.38
N ALA F 108 -62.58 34.95 42.62
CA ALA F 108 -61.99 34.16 41.55
C ALA F 108 -63.05 33.36 40.83
N ASP F 109 -62.81 33.13 39.55
CA ASP F 109 -63.74 32.40 38.67
C ASP F 109 -64.01 30.95 39.15
N ILE F 110 -63.02 30.34 39.80
CA ILE F 110 -63.17 29.04 40.48
C ILE F 110 -64.39 28.98 41.40
N PHE F 111 -64.69 30.10 42.05
CA PHE F 111 -65.81 30.18 42.97
C PHE F 111 -67.12 30.58 42.29
N LYS F 112 -67.03 31.34 41.21
CA LYS F 112 -68.23 31.85 40.55
C LYS F 112 -68.90 30.80 39.66
N LYS F 113 -68.14 29.89 39.06
CA LYS F 113 -68.65 29.01 37.99
C LYS F 113 -68.70 27.49 38.31
N GLY F 114 -69.90 26.92 38.24
CA GLY F 114 -70.09 25.47 38.32
C GLY F 114 -70.16 24.88 39.72
N GLU F 115 -70.67 23.65 39.80
CA GLU F 115 -70.81 22.95 41.07
C GLU F 115 -69.52 22.23 41.42
N GLY F 116 -69.40 21.85 42.69
CA GLY F 116 -68.33 20.96 43.14
C GLY F 116 -67.52 21.47 44.32
N LEU F 117 -66.59 20.65 44.75
CA LEU F 117 -65.75 20.96 45.90
C LEU F 117 -64.57 21.82 45.42
N ARG F 118 -64.27 22.88 46.17
CA ARG F 118 -63.05 23.70 45.95
C ARG F 118 -62.15 23.52 47.14
N ILE F 119 -60.86 23.29 46.89
CA ILE F 119 -59.88 23.20 47.98
C ILE F 119 -58.79 24.23 47.75
N ILE F 120 -58.45 25.01 48.78
CA ILE F 120 -57.25 25.86 48.76
C ILE F 120 -56.23 25.25 49.72
N ALA F 121 -55.07 24.85 49.20
CA ALA F 121 -53.97 24.27 50.00
C ALA F 121 -53.04 25.43 50.31
N VAL F 122 -52.81 25.70 51.61
CA VAL F 122 -52.05 26.89 52.07
C VAL F 122 -50.99 26.45 53.07
N SER F 123 -49.95 27.27 53.26
CA SER F 123 -48.89 26.95 54.24
C SER F 123 -49.28 27.54 55.60
N ASN F 124 -48.61 27.05 56.63
CA ASN F 124 -48.80 27.59 57.98
C ASN F 124 -48.35 29.04 58.20
N SER F 125 -47.63 29.63 57.25
CA SER F 125 -47.34 31.06 57.31
C SER F 125 -48.43 31.98 56.71
N ALA F 126 -49.51 31.43 56.13
CA ALA F 126 -50.58 32.25 55.57
C ALA F 126 -51.31 33.04 56.66
N PRO F 127 -51.65 34.33 56.39
CA PRO F 127 -52.39 35.14 57.37
C PRO F 127 -53.75 34.51 57.76
N GLU F 128 -54.03 34.42 59.05
CA GLU F 128 -55.22 33.73 59.51
C GLU F 128 -56.51 34.39 59.02
N GLU F 129 -56.51 35.71 58.87
CA GLU F 129 -57.69 36.42 58.37
C GLU F 129 -58.00 36.09 56.90
N LYS F 130 -56.95 35.92 56.10
CA LYS F 130 -57.10 35.51 54.70
C LYS F 130 -57.61 34.06 54.59
N ILE F 131 -57.10 33.19 55.45
CA ILE F 131 -57.56 31.81 55.53
C ILE F 131 -59.03 31.80 55.88
N ARG F 132 -59.42 32.58 56.88
CA ARG F 132 -60.80 32.58 57.36
C ARG F 132 -61.79 33.05 56.29
N MET F 133 -61.41 34.06 55.50
CA MET F 133 -62.26 34.50 54.39
C MET F 133 -62.40 33.44 53.27
N LEU F 134 -61.32 32.77 52.91
CA LEU F 134 -61.39 31.66 51.94
C LEU F 134 -62.20 30.44 52.43
N GLU F 135 -62.13 30.16 53.73
CA GLU F 135 -62.93 29.08 54.33
C GLU F 135 -64.43 29.27 54.21
N GLU F 136 -64.88 30.50 53.98
CA GLU F 136 -66.28 30.74 53.62
C GLU F 136 -66.66 30.23 52.23
N LYS F 137 -65.67 29.98 51.36
CA LYS F 137 -65.94 29.53 49.97
C LYS F 137 -65.34 28.16 49.61
N ALA F 138 -64.50 27.57 50.46
CA ALA F 138 -63.78 26.34 50.12
C ALA F 138 -63.36 25.61 51.34
N LEU F 139 -63.00 24.35 51.15
CA LEU F 139 -62.18 23.64 52.11
C LEU F 139 -60.75 24.20 52.05
N VAL F 140 -60.19 24.58 53.19
CA VAL F 140 -58.77 25.01 53.24
C VAL F 140 -57.93 23.96 53.97
N ILE F 141 -56.90 23.44 53.31
CA ILE F 141 -55.95 22.49 53.88
C ILE F 141 -54.64 23.25 54.14
N LYS F 142 -54.15 23.20 55.39
CA LYS F 142 -52.87 23.81 55.80
C LYS F 142 -51.81 22.71 55.92
N THR F 143 -50.75 22.64 55.09
CA THR F 143 -49.82 21.43 55.13
C THR F 143 -48.30 21.57 55.46
N GLY F 144 -47.70 22.72 55.16
CA GLY F 144 -46.22 22.94 55.25
C GLY F 144 -45.97 24.27 55.96
N ALA F 145 -44.71 24.59 56.26
CA ALA F 145 -44.38 25.78 57.10
C ALA F 145 -44.48 27.11 56.37
N PHE F 146 -43.70 27.26 55.31
CA PHE F 146 -43.69 28.50 54.50
C PHE F 146 -43.99 28.28 53.02
N ARG F 147 -44.03 27.03 52.59
CA ARG F 147 -44.65 26.67 51.31
C ARG F 147 -45.48 25.38 51.47
N VAL F 148 -46.36 25.14 50.52
CA VAL F 148 -47.25 23.96 50.65
C VAL F 148 -46.46 22.67 50.56
N ASP F 149 -46.66 21.79 51.53
CA ASP F 149 -46.14 20.45 51.41
C ASP F 149 -46.98 19.61 50.43
N LEU F 150 -46.46 19.43 49.23
CA LEU F 150 -47.17 18.77 48.16
C LEU F 150 -47.38 17.27 48.36
N THR F 151 -46.45 16.63 49.07
CA THR F 151 -46.52 15.18 49.34
C THR F 151 -47.66 14.90 50.31
N GLU F 152 -47.70 15.71 51.37
CA GLU F 152 -48.77 15.71 52.34
C GLU F 152 -50.12 16.08 51.73
N LEU F 153 -50.13 17.09 50.85
CA LEU F 153 -51.37 17.43 50.17
C LEU F 153 -51.92 16.26 49.36
N ALA F 154 -51.07 15.59 48.62
CA ALA F 154 -51.45 14.49 47.80
C ALA F 154 -52.03 13.33 48.64
N ALA F 155 -51.41 13.06 49.80
CA ALA F 155 -51.95 12.08 50.77
C ALA F 155 -53.35 12.44 51.22
N LYS F 156 -53.53 13.69 51.61
CA LYS F 156 -54.85 14.17 52.03
C LYS F 156 -55.90 14.05 50.92
N LEU F 157 -55.49 14.29 49.67
CA LEU F 157 -56.38 14.18 48.53
C LEU F 157 -56.82 12.72 48.33
N LYS F 158 -55.86 11.79 48.33
CA LYS F 158 -56.15 10.36 48.27
C LYS F 158 -57.10 9.92 49.38
N GLU F 159 -56.82 10.34 50.61
CA GLU F 159 -57.61 9.99 51.78
C GLU F 159 -59.08 10.45 51.66
N MET F 160 -59.32 11.63 51.08
CA MET F 160 -60.68 12.11 50.74
C MET F 160 -61.37 11.33 49.62
N GLY F 161 -60.64 10.50 48.89
CA GLY F 161 -61.20 9.70 47.81
C GLY F 161 -60.78 10.09 46.41
N ILE F 162 -59.80 10.99 46.25
CA ILE F 162 -59.31 11.39 44.92
C ILE F 162 -58.25 10.39 44.45
N ASN F 163 -58.49 9.71 43.33
CA ASN F 163 -57.56 8.70 42.81
C ASN F 163 -56.87 9.12 41.51
N SER F 164 -57.32 10.23 40.93
CA SER F 164 -56.78 10.73 39.66
C SER F 164 -56.64 12.25 39.78
N LEU F 165 -55.41 12.76 39.66
CA LEU F 165 -55.14 14.18 39.88
C LEU F 165 -54.42 14.76 38.67
N MET F 166 -55.08 15.73 38.03
CA MET F 166 -54.62 16.36 36.83
C MET F 166 -53.96 17.67 37.24
N VAL F 167 -52.65 17.77 37.04
CA VAL F 167 -51.94 19.00 37.30
C VAL F 167 -51.88 19.79 35.98
N GLU F 168 -52.56 20.91 35.89
CA GLU F 168 -52.51 21.69 34.63
C GLU F 168 -51.41 22.68 34.69
N GLY F 169 -50.97 22.92 35.90
CA GLY F 169 -49.62 23.25 36.15
C GLY F 169 -49.50 24.67 36.55
N GLY F 170 -48.79 25.38 35.68
CA GLY F 170 -48.00 26.53 36.04
C GLY F 170 -46.58 26.01 36.21
N ALA F 171 -45.60 26.83 35.83
CA ALA F 171 -44.19 26.46 35.85
C ALA F 171 -43.65 26.03 37.24
N THR F 172 -44.06 26.73 38.28
CA THR F 172 -43.53 26.49 39.61
C THR F 172 -44.19 25.26 40.25
N LEU F 173 -45.52 25.16 40.14
CA LEU F 173 -46.17 23.96 40.60
C LEU F 173 -45.65 22.69 39.90
N ASN F 174 -45.42 22.75 38.58
CA ASN F 174 -44.85 21.60 37.86
C ASN F 174 -43.51 21.17 38.45
N TRP F 175 -42.66 22.15 38.79
CA TRP F 175 -41.41 21.87 39.46
C TRP F 175 -41.67 21.23 40.83
N GLY F 176 -42.60 21.78 41.60
CA GLY F 176 -42.91 21.26 42.95
C GLY F 176 -43.27 19.78 42.92
N MET F 177 -44.13 19.42 41.95
CA MET F 177 -44.64 18.07 41.83
C MET F 177 -43.58 17.11 41.33
N LEU F 178 -42.84 17.52 40.33
CA LEU F 178 -41.80 16.68 39.72
C LEU F 178 -40.59 16.50 40.65
N SER F 179 -40.21 17.55 41.35
CA SER F 179 -39.04 17.47 42.25
C SER F 179 -39.36 16.68 43.53
N ALA F 180 -40.64 16.61 43.95
CA ALA F 180 -41.05 15.71 45.04
C ALA F 180 -41.21 14.23 44.61
N GLY F 181 -41.09 13.96 43.31
CA GLY F 181 -41.18 12.61 42.78
C GLY F 181 -42.61 12.09 42.80
N LEU F 182 -43.58 12.99 42.63
CA LEU F 182 -45.02 12.68 42.79
C LEU F 182 -45.75 12.37 41.50
N VAL F 183 -45.12 12.66 40.36
CA VAL F 183 -45.78 12.59 39.06
C VAL F 183 -45.49 11.29 38.36
N ASP F 184 -46.55 10.64 37.89
CA ASP F 184 -46.46 9.40 37.14
C ASP F 184 -46.24 9.62 35.67
N GLU F 185 -46.92 10.61 35.09
CA GLU F 185 -46.92 10.82 33.64
C GLU F 185 -46.94 12.29 33.31
N VAL F 186 -46.33 12.67 32.18
CA VAL F 186 -46.20 14.08 31.75
C VAL F 186 -46.67 14.17 30.33
N TYR F 187 -47.69 14.99 30.09
CA TYR F 187 -48.21 15.21 28.72
C TYR F 187 -47.98 16.66 28.30
N THR F 188 -47.23 16.87 27.23
CA THR F 188 -46.95 18.24 26.72
C THR F 188 -47.41 18.34 25.29
N PHE F 189 -48.42 19.19 25.05
CA PHE F 189 -48.71 19.57 23.67
C PHE F 189 -47.71 20.65 23.26
N VAL F 190 -46.92 20.38 22.22
CA VAL F 190 -45.93 21.33 21.71
C VAL F 190 -46.49 22.07 20.51
N GLY F 191 -46.76 23.36 20.71
CA GLY F 191 -47.34 24.21 19.66
C GLY F 191 -46.36 24.79 18.67
N ASN F 192 -46.91 25.24 17.55
CA ASN F 192 -46.14 25.73 16.41
C ASN F 192 -45.76 27.21 16.53
N LEU F 193 -45.01 27.55 17.58
CA LEU F 193 -44.52 28.91 17.79
C LEU F 193 -43.24 28.94 18.64
N ILE F 194 -42.51 30.05 18.55
CA ILE F 194 -41.49 30.46 19.50
C ILE F 194 -42.01 31.66 20.33
N ILE F 195 -41.92 31.55 21.64
CA ILE F 195 -42.29 32.64 22.56
C ILE F 195 -41.02 33.35 23.00
N GLY F 196 -40.01 32.57 23.41
CA GLY F 196 -38.76 33.15 23.88
C GLY F 196 -38.84 33.82 25.23
N GLY F 197 -37.67 34.20 25.72
CA GLY F 197 -37.54 34.98 26.93
C GLY F 197 -36.93 34.24 28.09
N LYS F 198 -35.86 34.80 28.61
CA LYS F 198 -35.22 34.29 29.80
C LYS F 198 -36.16 34.27 31.02
N THR F 199 -37.10 35.22 31.11
CA THR F 199 -38.04 35.29 32.21
C THR F 199 -39.42 34.70 31.86
N ALA F 200 -39.61 34.14 30.67
CA ALA F 200 -40.90 33.57 30.32
C ALA F 200 -41.02 32.28 31.10
N PRO F 201 -42.19 32.02 31.70
CA PRO F 201 -42.37 30.74 32.43
C PRO F 201 -42.24 29.54 31.50
N THR F 202 -41.52 28.52 31.95
CA THR F 202 -41.30 27.33 31.13
C THR F 202 -42.16 26.22 31.71
N PHE F 203 -42.14 25.09 31.04
CA PHE F 203 -42.86 23.90 31.48
C PHE F 203 -42.45 23.45 32.89
N THR F 204 -41.18 23.67 33.23
CA THR F 204 -40.72 23.42 34.58
C THR F 204 -39.69 24.47 35.03
N ASP F 205 -40.11 25.35 35.91
CA ASP F 205 -39.19 26.34 36.51
C ASP F 205 -38.76 25.89 37.92
N GLY F 206 -39.06 26.65 38.96
CA GLY F 206 -38.53 26.39 40.29
C GLY F 206 -37.00 26.44 40.34
N GLU F 207 -36.43 25.75 41.33
CA GLU F 207 -34.99 25.74 41.60
C GLU F 207 -34.24 25.07 40.45
N GLY F 208 -34.77 23.94 39.97
CA GLY F 208 -34.12 23.14 38.92
C GLY F 208 -33.25 22.06 39.52
N PHE F 209 -33.07 20.98 38.77
CA PHE F 209 -32.24 19.86 39.19
C PHE F 209 -30.77 20.11 38.90
N THR F 210 -29.90 19.64 39.80
CA THR F 210 -28.46 19.54 39.48
C THR F 210 -28.21 18.34 38.60
N GLU F 211 -26.99 18.27 38.06
CA GLU F 211 -26.47 17.07 37.41
C GLU F 211 -26.91 15.74 38.02
N ASN F 212 -26.83 15.63 39.34
CA ASN F 212 -27.06 14.36 40.04
C ASN F 212 -28.53 14.14 40.49
N GLU F 213 -29.41 15.09 40.18
CA GLU F 213 -30.83 15.01 40.56
C GLU F 213 -31.73 14.87 39.31
N LEU F 214 -31.15 14.74 38.12
CA LEU F 214 -31.92 14.75 36.88
C LEU F 214 -33.00 13.67 36.89
N LEU F 215 -34.21 14.04 36.44
CA LEU F 215 -35.35 13.13 36.43
C LEU F 215 -35.49 12.47 35.06
N GLY F 216 -35.40 11.14 35.05
CA GLY F 216 -35.48 10.39 33.79
C GLY F 216 -36.91 10.18 33.36
N LEU F 217 -37.09 10.08 32.04
CA LEU F 217 -38.41 9.87 31.42
C LEU F 217 -38.31 8.75 30.41
N GLU F 218 -39.44 8.24 30.00
CA GLU F 218 -39.51 7.34 28.84
C GLU F 218 -40.61 7.86 27.91
N LEU F 219 -40.31 8.02 26.63
CA LEU F 219 -41.30 8.52 25.69
C LEU F 219 -42.35 7.43 25.39
N SER F 220 -43.60 7.64 25.83
CA SER F 220 -44.70 6.71 25.54
C SER F 220 -45.25 6.86 24.14
N SER F 221 -45.49 8.09 23.71
CA SER F 221 -46.07 8.35 22.39
C SER F 221 -45.81 9.78 21.93
N ALA F 222 -45.83 9.94 20.62
CA ALA F 222 -45.84 11.24 19.95
C ALA F 222 -46.99 11.20 18.93
N GLU F 223 -47.92 12.15 19.00
CA GLU F 223 -49.05 12.22 18.05
C GLU F 223 -49.19 13.64 17.51
N LYS F 224 -49.07 13.81 16.20
CA LYS F 224 -49.37 15.11 15.60
C LYS F 224 -50.87 15.40 15.75
N ILE F 225 -51.20 16.64 16.14
CA ILE F 225 -52.57 17.11 16.33
C ILE F 225 -52.60 18.54 15.81
N GLU F 226 -53.52 18.82 14.89
CA GLU F 226 -53.61 20.12 14.17
C GLU F 226 -52.21 20.64 13.80
N ASP F 227 -51.76 21.74 14.40
CA ASP F 227 -50.53 22.39 13.95
C ASP F 227 -49.30 22.02 14.81
N GLY F 228 -49.49 21.18 15.84
CA GLY F 228 -48.42 20.83 16.78
C GLY F 228 -48.35 19.35 17.04
N ILE F 229 -47.79 18.99 18.18
CA ILE F 229 -47.54 17.59 18.47
C ILE F 229 -47.65 17.33 19.97
N LEU F 230 -48.39 16.27 20.31
CA LEU F 230 -48.53 15.83 21.69
C LEU F 230 -47.46 14.80 22.03
N LEU F 231 -46.60 15.11 23.02
CA LEU F 231 -45.63 14.14 23.55
C LEU F 231 -46.12 13.68 24.90
N LYS F 232 -46.13 12.37 25.12
CA LYS F 232 -46.49 11.82 26.42
C LYS F 232 -45.29 11.08 26.94
N TRP F 233 -44.95 11.35 28.20
CA TRP F 233 -43.79 10.78 28.82
C TRP F 233 -44.20 10.08 30.09
N LYS F 234 -43.66 8.87 30.28
CA LYS F 234 -43.70 8.16 31.55
C LYS F 234 -42.51 8.61 32.38
N VAL F 235 -42.73 8.96 33.65
CA VAL F 235 -41.64 9.32 34.55
C VAL F 235 -40.97 8.03 35.02
N LYS F 236 -39.65 7.93 34.78
CA LYS F 236 -38.86 6.75 35.13
C LYS F 236 -38.05 6.89 36.41
N GLY F 237 -37.89 8.10 36.94
CA GLY F 237 -37.16 8.33 38.19
C GLY F 237 -35.73 8.83 37.98
N LYS F 238 -35.02 9.01 39.09
CA LYS F 238 -33.65 9.55 39.08
C LYS F 238 -32.70 8.71 38.22
N LYS F 239 -32.02 9.38 37.29
CA LYS F 239 -31.06 8.74 36.36
C LYS F 239 -29.81 8.18 37.05
N ASN F 240 -29.11 9.02 37.83
CA ASN F 240 -27.87 8.65 38.53
C ASN F 240 -26.73 8.26 37.58
PA NAP G . 55.81 -39.05 -4.38
O1A NAP G . 56.99 -38.47 -5.16
O2A NAP G . 54.91 -38.22 -3.57
O5B NAP G . 56.40 -40.31 -3.49
C5B NAP G . 55.63 -40.61 -2.36
C4B NAP G . 56.25 -41.67 -1.51
O4B NAP G . 57.12 -41.13 -0.51
C3B NAP G . 55.16 -42.45 -0.76
O3B NAP G . 54.39 -43.31 -1.63
C2B NAP G . 56.02 -43.17 0.26
O2B NAP G . 56.42 -44.41 -0.31
C1B NAP G . 57.20 -42.19 0.46
N9A NAP G . 57.11 -41.71 1.85
C8A NAP G . 57.82 -42.27 2.82
N7A NAP G . 57.56 -41.70 4.01
C5A NAP G . 56.65 -40.73 3.80
C6A NAP G . 55.93 -39.73 4.63
N6A NAP G . 56.16 -39.63 5.95
N1A NAP G . 55.03 -38.91 4.01
C2A NAP G . 54.80 -38.97 2.70
N3A NAP G . 55.42 -39.87 1.87
C4A NAP G . 56.34 -40.75 2.36
O3 NAP G . 54.94 -39.80 -5.56
PN NAP G . 53.36 -39.87 -5.81
O1N NAP G . 52.54 -39.42 -4.61
O2N NAP G . 53.12 -41.30 -6.31
O5D NAP G . 53.19 -38.82 -7.06
C5D NAP G . 52.92 -39.33 -8.38
C4D NAP G . 53.12 -38.36 -9.57
O4D NAP G . 53.44 -37.01 -9.23
C3D NAP G . 54.23 -38.80 -10.54
O3D NAP G . 53.63 -39.57 -11.58
C2D NAP G . 54.89 -37.51 -11.02
O2D NAP G . 54.94 -37.37 -12.46
C1D NAP G . 54.03 -36.43 -10.40
N1N NAP G . 54.74 -35.18 -10.05
C2N NAP G . 54.37 -34.05 -10.68
C3N NAP G . 54.96 -32.81 -10.40
C7N NAP G . 54.51 -31.56 -11.15
O7N NAP G . 55.08 -30.47 -10.90
N7N NAP G . 53.50 -31.62 -12.05
C4N NAP G . 55.95 -32.76 -9.42
C5N NAP G . 56.31 -33.94 -8.75
C6N NAP G . 55.68 -35.14 -9.09
P2B NAP G . 57.26 -45.55 0.47
O1X NAP G . 57.07 -46.76 -0.40
O2X NAP G . 58.70 -45.09 0.50
O3X NAP G . 56.60 -45.55 1.84
PA NAP H . 28.25 -36.59 -8.83
O1A NAP H . 27.20 -35.66 -8.26
O2A NAP H . 29.30 -36.17 -9.78
O5B NAP H . 27.35 -37.71 -9.59
C5B NAP H . 28.02 -38.70 -10.32
C4B NAP H . 27.07 -39.86 -10.56
O4B NAP H . 26.14 -39.46 -11.58
C3B NAP H . 27.73 -41.08 -11.14
O3B NAP H . 28.46 -41.91 -10.21
C2B NAP H . 26.50 -41.76 -11.78
O2B NAP H . 25.89 -42.61 -10.84
C1B NAP H . 25.62 -40.60 -12.24
N9A NAP H . 25.72 -40.58 -13.73
C8A NAP H . 24.76 -41.07 -14.54
N7A NAP H . 25.10 -40.99 -15.84
C5A NAP H . 26.35 -40.47 -15.85
C6A NAP H . 27.34 -40.12 -16.88
N6A NAP H . 27.05 -40.35 -18.17
N1A NAP H . 28.53 -39.57 -16.51
C2A NAP H . 28.83 -39.37 -15.21
N3A NAP H . 28.00 -39.65 -14.20
C4A NAP H . 26.75 -40.19 -14.46
O3 NAP H . 28.87 -37.53 -7.66
PN NAP H . 30.37 -37.58 -7.08
O1N NAP H . 31.40 -37.65 -8.15
O2N NAP H . 30.29 -38.57 -5.95
O5D NAP H . 30.47 -36.11 -6.44
C5D NAP H . 29.87 -35.78 -5.20
C4D NAP H . 30.84 -35.04 -4.28
O4D NAP H . 31.19 -33.77 -4.83
C3D NAP H . 30.19 -34.75 -2.93
O3D NAP H . 31.11 -34.98 -1.87
C2D NAP H . 29.82 -33.29 -2.98
O2D NAP H . 29.89 -32.70 -1.70
C1D NAP H . 30.87 -32.71 -3.90
N1N NAP H . 30.45 -31.45 -4.57
C2N NAP H . 31.16 -30.33 -4.37
C3N NAP H . 30.85 -29.10 -4.98
C7N NAP H . 31.71 -27.87 -4.75
O7N NAP H . 31.58 -26.91 -5.51
N7N NAP H . 32.61 -27.81 -3.74
C4N NAP H . 29.72 -29.05 -5.81
C5N NAP H . 28.98 -30.23 -6.00
C6N NAP H . 29.37 -31.40 -5.37
P2B NAP H . 24.77 -43.71 -11.27
O1X NAP H . 24.55 -44.53 -10.05
O2X NAP H . 23.65 -42.83 -11.72
O3X NAP H . 25.43 -44.45 -12.39
PA NAP I . 5.77 1.66 -32.68
O1A NAP I . 7.12 1.45 -32.04
O2A NAP I . 4.55 1.05 -32.00
O5B NAP I . 5.78 1.09 -34.20
C5B NAP I . 5.07 -0.11 -34.53
C4B NAP I . 5.20 -0.47 -36.00
O4B NAP I . 5.28 -1.89 -36.19
C3B NAP I . 3.99 -0.03 -36.80
O3B NAP I . 4.09 1.35 -37.17
C2B NAP I . 3.96 -1.00 -37.98
O2B NAP I . 4.59 -0.49 -39.16
C1B NAP I . 4.69 -2.24 -37.46
N9A NAP I . 3.74 -3.40 -37.42
C8A NAP I . 3.89 -4.45 -38.25
N7A NAP I . 2.91 -5.37 -38.06
C5A NAP I . 2.11 -4.92 -37.10
C6A NAP I . 0.87 -5.44 -36.46
N6A NAP I . 0.38 -6.65 -36.85
N1A NAP I . 0.31 -4.68 -35.49
C2A NAP I . 0.84 -3.48 -35.13
N3A NAP I . 1.96 -2.95 -35.70
C4A NAP I . 2.63 -3.61 -36.68
O3 NAP I . 5.60 3.26 -32.90
PN NAP I . 4.52 4.30 -32.26
O1N NAP I . 3.30 3.58 -31.73
O2N NAP I . 4.31 5.40 -33.28
O5D NAP I . 5.33 4.97 -31.01
C5D NAP I . 5.15 6.34 -30.70
C4D NAP I . 5.95 6.78 -29.47
O4D NAP I . 6.13 5.74 -28.51
C3D NAP I . 7.36 7.30 -29.78
O3D NAP I . 7.37 8.71 -29.97
C2D NAP I . 8.19 6.86 -28.59
O2D NAP I . 8.85 7.96 -27.94
C1D NAP I . 7.18 6.21 -27.65
N1N NAP I . 7.73 5.14 -26.82
C2N NAP I . 7.83 5.32 -25.48
C3N NAP I . 8.34 4.33 -24.63
C7N NAP I . 8.44 4.55 -23.13
O7N NAP I . 9.19 3.85 -22.46
N7N NAP I . 7.71 5.48 -22.50
C4N NAP I . 8.76 3.13 -25.21
C5N NAP I . 8.66 2.96 -26.60
C6N NAP I . 8.14 3.98 -27.39
P2B NAP I . 4.45 -1.14 -40.64
O1X NAP I . 4.21 0.04 -41.56
O2X NAP I . 5.79 -1.79 -40.83
O3X NAP I . 3.28 -2.12 -40.59
PA NAP J . -17.88 15.77 -23.22
O1A NAP J . -18.73 15.50 -22.00
O2A NAP J . -16.40 16.06 -22.99
O5B NAP J . -18.49 17.02 -24.05
C5B NAP J . -17.58 17.98 -24.59
C4B NAP J . -18.28 19.19 -25.17
O4B NAP J . -18.28 20.34 -24.30
C3B NAP J . -17.57 19.68 -26.41
O3B NAP J . -17.79 18.84 -27.55
C2B NAP J . -18.09 21.09 -26.55
O2B NAP J . -19.30 21.19 -27.33
C1B NAP J . -18.32 21.53 -25.11
N9A NAP J . -17.32 22.60 -24.79
C8A NAP J . -17.67 23.89 -24.79
N7A NAP J . -16.61 24.70 -24.51
C5A NAP J . -15.54 23.93 -24.36
C6A NAP J . -14.12 24.18 -24.04
N6A NAP J . -13.68 25.45 -23.86
N1A NAP J . -13.30 23.10 -23.95
C2A NAP J . -13.76 21.84 -24.14
N3A NAP J . -15.05 21.55 -24.42
C4A NAP J . -16.00 22.53 -24.54
O3 NAP J . -18.14 14.54 -24.24
PN NAP J . -17.08 13.48 -24.87
O1N NAP J . -15.67 13.99 -24.67
O2N NAP J . -17.55 13.10 -26.27
O5D NAP J . -17.25 12.14 -23.98
C5D NAP J . -18.47 11.41 -23.85
C4D NAP J . -18.11 9.95 -23.59
O4D NAP J . -17.52 9.83 -22.29
C3D NAP J . -19.33 9.04 -23.64
O3D NAP J . -19.17 7.99 -24.60
C2D NAP J . -19.48 8.49 -22.23
O2D NAP J . -19.82 7.10 -22.21
C1D NAP J . -18.12 8.74 -21.59
N1N NAP J . -18.25 9.03 -20.14
C2N NAP J . -17.80 8.13 -19.26
C3N NAP J . -17.88 8.32 -17.89
C7N NAP J . -17.35 7.29 -16.94
O7N NAP J . -16.74 7.65 -15.95
N7N NAP J . -17.52 5.98 -17.19
C4N NAP J . -18.45 9.51 -17.43
C5N NAP J . -18.92 10.45 -18.35
C6N NAP J . -18.81 10.18 -19.72
P2B NAP J . -19.68 22.46 -28.28
O1X NAP J . -21.11 22.78 -27.89
O2X NAP J . -18.69 23.54 -27.94
O3X NAP J . -19.54 21.96 -29.70
PA NAP K . -24.91 32.06 23.98
O1A NAP K . -23.87 31.06 23.49
O2A NAP K . -26.29 32.06 23.48
O5B NAP K . -24.24 33.50 23.70
C5B NAP K . -25.02 34.64 23.98
C4B NAP K . -24.11 35.85 24.04
O4B NAP K . -23.71 36.17 22.69
C3B NAP K . -24.78 37.13 24.50
O3B NAP K . -24.99 37.23 25.93
C2B NAP K . -23.81 38.16 23.93
O2B NAP K . -22.79 38.45 24.87
C1B NAP K . -23.32 37.54 22.62
N9A NAP K . -23.98 38.31 21.54
C8A NAP K . -23.38 39.27 20.83
N7A NAP K . -24.19 39.87 19.95
C5A NAP K . -25.40 39.28 20.15
C6A NAP K . -26.73 39.43 19.57
N6A NAP K . -26.90 40.35 18.60
N1A NAP K . -27.74 38.63 20.01
C2A NAP K . -27.55 37.72 20.98
N3A NAP K . -26.36 37.50 21.57
C4A NAP K . -25.25 38.24 21.18
O3 NAP K . -24.87 32.07 25.59
PN NAP K . -26.01 31.66 26.64
O1N NAP K . -27.34 32.24 26.32
O2N NAP K . -25.41 31.91 28.02
O5D NAP K . -26.05 30.06 26.47
C5D NAP K . -25.03 29.18 26.97
C4D NAP K . -25.65 27.94 27.59
O4D NAP K . -26.33 27.17 26.60
C3D NAP K . -24.59 27.01 28.19
O3D NAP K . -25.03 26.52 29.46
C2D NAP K . -24.47 25.88 27.20
O2D NAP K . -24.13 24.64 27.76
C1D NAP K . -25.87 25.81 26.60
N1N NAP K . -25.89 25.19 25.26
C2N NAP K . -26.58 24.05 25.07
C3N NAP K . -26.68 23.41 23.82
C7N NAP K . -27.50 22.14 23.66
O7N NAP K . -27.84 21.80 22.52
N7N NAP K . -27.90 21.41 24.73
C4N NAP K . -25.99 23.97 22.74
C5N NAP K . -25.26 25.14 22.96
C6N NAP K . -25.23 25.73 24.22
P2B NAP K . -21.77 39.71 24.72
O1X NAP K . -20.98 39.76 25.97
O2X NAP K . -21.04 39.34 23.48
O3X NAP K . -22.67 40.89 24.53
PA NAP L . -48.05 28.41 39.22
O1A NAP L . -49.50 28.31 38.76
O2A NAP L . -47.05 27.33 39.04
O5B NAP L . -48.14 28.85 40.80
C5B NAP L . -46.93 28.66 41.51
C4B NAP L . -47.07 29.02 42.95
O4B NAP L . -47.65 27.95 43.73
C3B NAP L . -45.70 29.28 43.57
O3B NAP L . -45.05 30.48 43.08
C2B NAP L . -46.11 29.31 45.03
O2B NAP L . -46.54 30.63 45.38
C1B NAP L . -47.24 28.26 45.09
N9A NAP L . -46.67 27.11 45.82
C8A NAP L . -46.86 26.96 47.12
N7A NAP L . -46.22 25.88 47.59
C5A NAP L . -45.59 25.32 46.56
C6A NAP L . -44.73 24.14 46.37
N6A NAP L . -44.46 23.35 47.43
N1A NAP L . -44.24 23.88 45.13
C2A NAP L . -44.53 24.67 44.08
N3A NAP L . -45.33 25.78 44.17
C4A NAP L . -45.87 26.14 45.36
O3 NAP L . -47.55 29.83 38.57
PN NAP L . -46.25 30.22 37.70
O1N NAP L . -45.07 29.33 38.03
O2N NAP L . -46.07 31.72 37.84
O5D NAP L . -46.75 29.98 36.16
C5D NAP L . -47.99 30.53 35.70
C4D NAP L . -47.88 31.07 34.27
O4D NAP L . -47.95 30.03 33.28
C3D NAP L . -48.99 32.06 33.91
O3D NAP L . -48.41 33.13 33.17
C2D NAP L . -50.00 31.27 33.07
O2D NAP L . -50.62 32.05 32.00
C1D NAP L . -49.14 30.14 32.48
N1N NAP L . -49.80 28.82 32.40
C2N NAP L . -49.80 28.20 31.21
C3N NAP L . -50.38 26.92 31.03
C7N NAP L . -50.35 26.23 29.68
O7N NAP L . -50.83 25.08 29.59
N7N NAP L . -49.77 26.83 28.60
C4N NAP L . -50.96 26.31 32.16
C5N NAP L . -50.94 26.97 33.39
C6N NAP L . -50.34 28.23 33.48
P2B NAP L . -46.87 31.13 46.88
O1X NAP L . -46.83 32.63 46.75
O2X NAP L . -48.24 30.59 47.21
O3X NAP L . -45.79 30.46 47.71
#